data_8PXW
#
_entry.id   8PXW
#
_entity_poly.entity_id   1
_entity_poly.type   'polypeptide(L)'
_entity_poly.pdbx_seq_one_letter_code
;GAMGAKSMWTEHKSPDGRTYYYNTETKQSTWEKPDDLKTPAEQLLSKCPWKEYKSDSGKPYYYNSQTKESRWAKPKELED
LEGYQNTIVAGSLITKSNL
;
_entity_poly.pdbx_strand_id   A
#
# COMPACT_ATOMS: atom_id res chain seq x y z
N GLY A 1 7.43 -7.66 4.39
CA GLY A 1 7.28 -7.99 5.83
C GLY A 1 5.85 -8.33 6.19
N ALA A 2 5.67 -9.26 7.12
CA ALA A 2 4.34 -9.67 7.54
C ALA A 2 4.32 -10.08 9.01
N MET A 3 5.23 -9.50 9.79
CA MET A 3 5.32 -9.79 11.23
C MET A 3 5.60 -11.27 11.48
N GLY A 4 6.43 -11.86 10.63
CA GLY A 4 6.76 -13.27 10.75
C GLY A 4 7.62 -13.75 9.61
N ALA A 5 7.16 -13.47 8.39
CA ALA A 5 7.94 -13.78 7.21
C ALA A 5 9.05 -12.75 7.03
N LYS A 6 10.20 -13.19 6.56
CA LYS A 6 11.36 -12.31 6.45
C LYS A 6 11.40 -11.63 5.08
N SER A 7 10.28 -11.73 4.36
CA SER A 7 10.07 -11.12 3.02
C SER A 7 10.95 -11.77 1.94
N MET A 8 12.24 -11.92 2.23
CA MET A 8 13.19 -12.63 1.38
C MET A 8 13.51 -11.82 0.13
N TRP A 9 13.12 -10.56 0.15
CA TRP A 9 13.42 -9.64 -0.93
C TRP A 9 14.49 -8.66 -0.47
N THR A 10 15.43 -8.39 -1.35
CA THR A 10 16.53 -7.48 -1.03
C THR A 10 16.56 -6.32 -2.04
N GLU A 11 16.85 -5.13 -1.55
CA GLU A 11 16.89 -3.94 -2.41
C GLU A 11 18.31 -3.63 -2.82
N HIS A 12 18.56 -3.48 -4.12
CA HIS A 12 19.89 -3.18 -4.60
C HIS A 12 19.89 -1.95 -5.51
N LYS A 13 20.93 -1.13 -5.41
CA LYS A 13 20.99 0.11 -6.18
C LYS A 13 22.18 0.06 -7.15
N SER A 14 21.90 0.22 -8.45
CA SER A 14 22.96 0.24 -9.45
C SER A 14 23.63 1.63 -9.45
N PRO A 15 24.79 1.80 -10.13
CA PRO A 15 25.56 3.06 -10.05
C PRO A 15 24.75 4.33 -10.32
N ASP A 16 23.75 4.24 -11.19
CA ASP A 16 22.98 5.43 -11.57
C ASP A 16 21.80 5.68 -10.61
N GLY A 17 21.70 4.88 -9.56
CA GLY A 17 20.67 5.08 -8.55
C GLY A 17 19.44 4.24 -8.79
N ARG A 18 19.35 3.65 -9.97
CA ARG A 18 18.20 2.80 -10.32
C ARG A 18 18.23 1.52 -9.50
N THR A 19 17.05 1.11 -9.04
CA THR A 19 16.93 0.04 -8.07
C THR A 19 16.26 -1.21 -8.65
N TYR A 20 16.73 -2.38 -8.24
CA TYR A 20 16.06 -3.64 -8.58
C TYR A 20 15.96 -4.51 -7.33
N TYR A 21 14.96 -5.38 -7.30
CA TYR A 21 14.69 -6.19 -6.12
C TYR A 21 15.01 -7.65 -6.38
N TYR A 22 15.67 -8.31 -5.42
CA TYR A 22 16.12 -9.69 -5.58
C TYR A 22 15.56 -10.58 -4.47
N ASN A 23 14.93 -11.69 -4.85
CA ASN A 23 14.38 -12.63 -3.88
C ASN A 23 15.43 -13.69 -3.58
N THR A 24 15.89 -13.72 -2.33
CA THR A 24 17.01 -14.57 -1.94
C THR A 24 16.63 -16.05 -1.94
N GLU A 25 15.34 -16.31 -1.89
CA GLU A 25 14.83 -17.67 -1.81
C GLU A 25 14.72 -18.30 -3.20
N THR A 26 14.03 -17.59 -4.10
CA THR A 26 13.76 -18.11 -5.42
C THR A 26 14.78 -17.60 -6.45
N LYS A 27 15.58 -16.64 -6.02
CA LYS A 27 16.62 -16.02 -6.86
C LYS A 27 16.01 -15.25 -8.03
N GLN A 28 14.74 -14.91 -7.91
CA GLN A 28 14.05 -14.10 -8.91
C GLN A 28 14.45 -12.64 -8.76
N SER A 29 14.55 -11.95 -9.87
CA SER A 29 14.86 -10.53 -9.88
C SER A 29 13.73 -9.76 -10.58
N THR A 30 13.34 -8.62 -10.01
CA THR A 30 12.27 -7.82 -10.60
C THR A 30 12.56 -6.32 -10.47
N TRP A 31 11.99 -5.54 -11.40
CA TRP A 31 12.18 -4.09 -11.41
C TRP A 31 11.03 -3.36 -10.73
N GLU A 32 10.07 -4.13 -10.23
CA GLU A 32 8.89 -3.56 -9.58
C GLU A 32 8.91 -3.86 -8.09
N LYS A 33 8.31 -2.97 -7.31
CA LYS A 33 8.21 -3.15 -5.88
C LYS A 33 7.28 -4.33 -5.56
N PRO A 34 7.77 -5.38 -4.86
CA PRO A 34 6.91 -6.50 -4.44
C PRO A 34 5.82 -6.05 -3.49
N ASP A 35 4.66 -6.65 -3.64
CA ASP A 35 3.50 -6.39 -2.78
C ASP A 35 3.83 -6.69 -1.32
N ASP A 36 4.77 -7.61 -1.10
CA ASP A 36 5.19 -7.98 0.24
C ASP A 36 5.93 -6.85 0.93
N LEU A 37 6.54 -5.98 0.15
CA LEU A 37 7.31 -4.88 0.71
C LEU A 37 6.52 -3.58 0.71
N LYS A 38 5.29 -3.66 0.23
CA LYS A 38 4.38 -2.56 0.34
C LYS A 38 3.66 -2.68 1.68
N THR A 39 3.62 -1.61 2.43
CA THR A 39 2.85 -1.58 3.66
C THR A 39 1.35 -1.62 3.30
N PRO A 40 0.43 -2.03 4.21
CA PRO A 40 -1.01 -2.08 3.85
C PRO A 40 -1.49 -0.79 3.20
N ALA A 41 -1.02 0.33 3.73
CA ALA A 41 -1.33 1.64 3.16
C ALA A 41 -0.78 1.78 1.76
N GLU A 42 0.45 1.33 1.57
CA GLU A 42 1.08 1.38 0.25
C GLU A 42 0.33 0.52 -0.75
N GLN A 43 -0.14 -0.63 -0.28
CA GLN A 43 -0.95 -1.52 -1.11
C GLN A 43 -2.25 -0.83 -1.47
N LEU A 44 -2.79 -0.11 -0.50
CA LEU A 44 -3.98 0.68 -0.68
C LEU A 44 -3.73 1.79 -1.69
N LEU A 45 -2.58 2.44 -1.57
CA LEU A 45 -2.20 3.52 -2.48
C LEU A 45 -2.03 2.97 -3.88
N SER A 46 -1.53 1.76 -3.95
CA SER A 46 -1.29 1.10 -5.22
C SER A 46 -2.62 0.72 -5.89
N LYS A 47 -3.68 0.66 -5.09
CA LYS A 47 -4.99 0.32 -5.62
C LYS A 47 -5.85 1.56 -5.89
N CYS A 48 -5.41 2.70 -5.38
CA CYS A 48 -6.07 3.97 -5.65
C CYS A 48 -5.37 4.60 -6.86
N PRO A 49 -6.04 5.48 -7.65
CA PRO A 49 -5.50 5.92 -8.93
C PRO A 49 -4.34 6.90 -8.79
N TRP A 50 -4.01 7.29 -7.58
CA TRP A 50 -2.87 8.17 -7.34
C TRP A 50 -1.76 7.40 -6.62
N LYS A 51 -0.54 7.54 -7.12
CA LYS A 51 0.62 6.85 -6.56
C LYS A 51 1.80 7.81 -6.46
N GLU A 52 2.63 7.62 -5.44
CA GLU A 52 3.79 8.48 -5.23
C GLU A 52 5.09 7.75 -5.56
N TYR A 53 5.93 8.41 -6.35
CA TYR A 53 7.25 7.87 -6.67
C TYR A 53 8.30 8.97 -6.54
N LYS A 54 9.56 8.59 -6.35
CA LYS A 54 10.62 9.55 -6.08
C LYS A 54 11.50 9.76 -7.31
N SER A 55 11.73 11.03 -7.64
CA SER A 55 12.66 11.39 -8.71
C SER A 55 14.09 11.26 -8.17
N ASP A 56 15.08 11.20 -9.05
CA ASP A 56 16.49 11.04 -8.64
C ASP A 56 16.96 12.21 -7.76
N SER A 57 16.18 13.27 -7.75
CA SER A 57 16.46 14.43 -6.89
C SER A 57 15.90 14.22 -5.48
N GLY A 58 15.15 13.15 -5.29
CA GLY A 58 14.52 12.90 -4.01
C GLY A 58 13.18 13.59 -3.90
N LYS A 59 12.79 14.29 -4.96
CA LYS A 59 11.52 15.01 -4.95
C LYS A 59 10.39 14.12 -5.50
N PRO A 60 9.31 13.88 -4.72
CA PRO A 60 8.18 13.05 -5.17
C PRO A 60 7.33 13.70 -6.27
N TYR A 61 6.68 12.87 -7.08
CA TYR A 61 5.68 13.33 -8.03
C TYR A 61 4.52 12.34 -8.03
N TYR A 62 3.34 12.80 -8.39
CA TYR A 62 2.14 11.99 -8.21
C TYR A 62 1.49 11.68 -9.56
N TYR A 63 1.27 10.39 -9.82
CA TYR A 63 0.75 9.92 -11.12
C TYR A 63 -0.64 9.29 -10.96
N ASN A 64 -1.59 9.69 -11.81
CA ASN A 64 -2.92 9.08 -11.83
C ASN A 64 -2.96 7.97 -12.87
N SER A 65 -3.16 6.75 -12.40
CA SER A 65 -3.13 5.56 -13.25
C SER A 65 -4.28 5.53 -14.25
N GLN A 66 -5.36 6.23 -13.94
CA GLN A 66 -6.55 6.22 -14.78
C GLN A 66 -6.42 7.23 -15.92
N THR A 67 -6.09 8.46 -15.56
CA THR A 67 -6.10 9.57 -16.50
C THR A 67 -4.71 9.87 -17.03
N LYS A 68 -3.70 9.19 -16.49
CA LYS A 68 -2.30 9.38 -16.90
C LYS A 68 -1.78 10.77 -16.56
N GLU A 69 -2.50 11.51 -15.72
CA GLU A 69 -2.10 12.86 -15.34
C GLU A 69 -0.97 12.81 -14.33
N SER A 70 -0.10 13.80 -14.38
CA SER A 70 1.04 13.89 -13.47
C SER A 70 1.13 15.30 -12.89
N ARG A 71 1.25 15.41 -11.58
CA ARG A 71 1.33 16.71 -10.93
C ARG A 71 2.33 16.71 -9.78
N TRP A 72 2.87 17.89 -9.48
CA TRP A 72 3.86 18.04 -8.42
C TRP A 72 3.18 18.45 -7.10
N ALA A 73 1.87 18.62 -7.16
CA ALA A 73 1.08 19.01 -6.01
C ALA A 73 0.24 17.84 -5.50
N LYS A 74 0.03 17.79 -4.19
CA LYS A 74 -0.69 16.66 -3.60
C LYS A 74 -2.19 16.77 -3.85
N PRO A 75 -2.80 15.79 -4.55
CA PRO A 75 -4.26 15.74 -4.72
C PRO A 75 -4.96 15.39 -3.41
N LYS A 76 -6.07 16.08 -3.14
CA LYS A 76 -6.83 15.91 -1.91
C LYS A 76 -7.29 14.46 -1.72
N GLU A 77 -7.55 13.78 -2.83
CA GLU A 77 -7.95 12.38 -2.80
C GLU A 77 -6.90 11.52 -2.08
N LEU A 78 -5.63 11.87 -2.26
CA LEU A 78 -4.55 11.13 -1.62
C LEU A 78 -4.36 11.62 -0.20
N GLU A 79 -4.71 12.87 0.03
CA GLU A 79 -4.67 13.46 1.36
C GLU A 79 -5.57 12.71 2.32
N ASP A 80 -6.75 12.32 1.83
CA ASP A 80 -7.68 11.53 2.61
C ASP A 80 -7.10 10.15 2.89
N LEU A 81 -6.25 9.68 1.99
CA LEU A 81 -5.53 8.43 2.17
C LEU A 81 -4.40 8.60 3.18
N GLU A 82 -3.73 9.74 3.10
CA GLU A 82 -2.64 10.07 4.01
C GLU A 82 -3.13 10.14 5.44
N GLY A 83 -4.34 10.67 5.61
CA GLY A 83 -4.97 10.69 6.92
C GLY A 83 -5.28 9.30 7.42
N TYR A 84 -5.67 8.43 6.50
CA TYR A 84 -6.03 7.06 6.84
C TYR A 84 -4.79 6.22 7.19
N GLN A 85 -3.66 6.56 6.58
CA GLN A 85 -2.41 5.86 6.85
C GLN A 85 -2.00 6.02 8.31
N ASN A 86 -2.41 7.12 8.91
CA ASN A 86 -2.13 7.38 10.31
C ASN A 86 -3.01 6.49 11.20
N THR A 87 -4.16 6.11 10.66
CA THR A 87 -5.17 5.38 11.39
C THR A 87 -4.82 3.90 11.56
N ILE A 88 -4.06 3.35 10.60
CA ILE A 88 -3.73 1.92 10.59
C ILE A 88 -3.05 1.48 11.89
N VAL A 89 -2.04 2.22 12.32
CA VAL A 89 -1.26 1.83 13.50
C VAL A 89 -1.97 2.26 14.79
N ALA A 90 -3.20 2.72 14.64
CA ALA A 90 -4.00 3.10 15.79
C ALA A 90 -5.40 2.52 15.67
N GLY A 91 -5.46 1.21 15.49
CA GLY A 91 -6.75 0.56 15.32
C GLY A 91 -6.63 -0.94 15.11
N SER A 92 -5.56 -1.35 14.43
CA SER A 92 -5.34 -2.77 14.11
C SER A 92 -6.46 -3.31 13.22
N LEU A 93 -6.30 -3.13 11.91
CA LEU A 93 -7.31 -3.55 10.96
C LEU A 93 -7.19 -5.04 10.67
N ILE A 94 -6.06 -5.62 11.04
CA ILE A 94 -5.83 -7.04 10.86
C ILE A 94 -6.66 -7.87 11.82
N THR A 95 -7.21 -7.21 12.84
CA THR A 95 -8.07 -7.88 13.80
C THR A 95 -9.48 -7.33 13.72
N LYS A 96 -9.85 -6.89 12.53
CA LYS A 96 -11.21 -6.38 12.29
C LYS A 96 -12.19 -7.55 12.23
N SER A 97 -11.63 -8.74 12.14
CA SER A 97 -12.40 -9.97 12.15
C SER A 97 -12.59 -10.47 13.59
N ASN A 98 -12.07 -9.71 14.53
CA ASN A 98 -12.13 -10.07 15.94
C ASN A 98 -12.83 -8.96 16.72
N LEU A 99 -13.60 -9.32 17.73
CA LEU A 99 -14.30 -8.36 18.54
C LEU A 99 -13.54 -8.09 19.83
N GLY A 1 17.64 -6.10 7.18
CA GLY A 1 17.59 -6.54 8.60
C GLY A 1 16.83 -7.84 8.75
N ALA A 2 17.46 -8.81 9.40
CA ALA A 2 16.81 -10.09 9.66
C ALA A 2 16.72 -10.33 11.17
N MET A 3 16.66 -9.25 11.93
CA MET A 3 16.64 -9.33 13.38
C MET A 3 15.24 -9.02 13.89
N GLY A 4 14.25 -9.39 13.07
CA GLY A 4 12.86 -9.13 13.42
C GLY A 4 12.02 -8.92 12.18
N ALA A 5 12.60 -8.24 11.20
CA ALA A 5 11.93 -8.02 9.93
C ALA A 5 12.18 -9.18 8.99
N LYS A 6 11.16 -9.52 8.22
CA LYS A 6 11.27 -10.59 7.25
C LYS A 6 11.43 -10.01 5.85
N SER A 7 12.54 -10.31 5.20
CA SER A 7 12.83 -9.79 3.89
C SER A 7 13.57 -10.80 3.02
N MET A 8 12.81 -11.66 2.34
CA MET A 8 13.39 -12.56 1.37
C MET A 8 13.65 -11.78 0.08
N TRP A 9 13.07 -10.60 0.03
CA TRP A 9 13.33 -9.65 -1.04
C TRP A 9 14.35 -8.63 -0.55
N THR A 10 15.38 -8.42 -1.34
CA THR A 10 16.44 -7.52 -0.97
C THR A 10 16.51 -6.34 -1.94
N GLU A 11 16.79 -5.15 -1.42
CA GLU A 11 16.81 -3.93 -2.23
C GLU A 11 18.24 -3.55 -2.57
N HIS A 12 18.52 -3.33 -3.84
CA HIS A 12 19.87 -2.94 -4.27
C HIS A 12 19.81 -1.76 -5.23
N LYS A 13 20.75 -0.82 -5.11
CA LYS A 13 20.80 0.33 -6.02
C LYS A 13 21.98 0.20 -6.97
N SER A 14 21.71 0.33 -8.26
CA SER A 14 22.74 0.25 -9.30
C SER A 14 23.49 1.57 -9.37
N PRO A 15 24.69 1.61 -10.00
CA PRO A 15 25.50 2.85 -10.06
C PRO A 15 24.71 4.07 -10.55
N ASP A 16 23.80 3.85 -11.48
CA ASP A 16 23.01 4.95 -12.06
C ASP A 16 21.81 5.31 -11.19
N GLY A 17 21.70 4.71 -10.00
CA GLY A 17 20.68 5.09 -9.06
C GLY A 17 19.42 4.24 -9.15
N ARG A 18 19.30 3.44 -10.19
CA ARG A 18 18.13 2.59 -10.37
C ARG A 18 18.15 1.42 -9.39
N THR A 19 17.00 1.14 -8.79
CA THR A 19 16.89 0.11 -7.79
C THR A 19 16.25 -1.16 -8.36
N TYR A 20 16.76 -2.32 -7.95
CA TYR A 20 16.17 -3.59 -8.33
C TYR A 20 16.02 -4.48 -7.11
N TYR A 21 15.02 -5.34 -7.11
CA TYR A 21 14.71 -6.17 -5.96
C TYR A 21 15.04 -7.63 -6.25
N TYR A 22 15.68 -8.30 -5.30
CA TYR A 22 16.15 -9.68 -5.49
C TYR A 22 15.55 -10.60 -4.42
N ASN A 23 14.92 -11.69 -4.84
CA ASN A 23 14.35 -12.66 -3.92
C ASN A 23 15.39 -13.74 -3.64
N THR A 24 15.85 -13.80 -2.41
CA THR A 24 16.96 -14.68 -2.04
C THR A 24 16.54 -16.14 -2.08
N GLU A 25 15.24 -16.38 -2.02
CA GLU A 25 14.70 -17.73 -1.98
C GLU A 25 14.61 -18.34 -3.38
N THR A 26 14.02 -17.60 -4.30
CA THR A 26 13.78 -18.10 -5.65
C THR A 26 14.83 -17.58 -6.64
N LYS A 27 15.65 -16.63 -6.18
CA LYS A 27 16.71 -16.02 -6.99
C LYS A 27 16.14 -15.23 -8.16
N GLN A 28 14.87 -14.86 -8.06
CA GLN A 28 14.20 -14.04 -9.07
C GLN A 28 14.46 -12.56 -8.80
N SER A 29 14.76 -11.84 -9.87
CA SER A 29 14.99 -10.40 -9.78
C SER A 29 13.86 -9.66 -10.48
N THR A 30 13.48 -8.50 -9.94
CA THR A 30 12.43 -7.69 -10.55
C THR A 30 12.72 -6.20 -10.39
N TRP A 31 12.20 -5.39 -11.30
CA TRP A 31 12.37 -3.93 -11.26
C TRP A 31 11.17 -3.27 -10.56
N GLU A 32 10.20 -4.08 -10.16
CA GLU A 32 9.00 -3.58 -9.49
C GLU A 32 9.07 -3.86 -7.99
N LYS A 33 8.43 -3.01 -7.20
CA LYS A 33 8.35 -3.21 -5.76
C LYS A 33 7.38 -4.37 -5.48
N PRO A 34 7.82 -5.47 -4.83
CA PRO A 34 6.95 -6.61 -4.54
C PRO A 34 5.77 -6.26 -3.65
N ASP A 35 4.61 -6.79 -4.00
CA ASP A 35 3.39 -6.61 -3.22
C ASP A 35 3.53 -7.14 -1.81
N ASP A 36 4.42 -8.10 -1.63
CA ASP A 36 4.69 -8.68 -0.31
C ASP A 36 5.33 -7.65 0.61
N LEU A 37 5.99 -6.65 0.01
CA LEU A 37 6.66 -5.61 0.78
C LEU A 37 5.84 -4.33 0.84
N LYS A 38 4.85 -4.19 -0.03
CA LYS A 38 4.03 -3.00 -0.07
C LYS A 38 2.82 -3.17 0.84
N THR A 39 2.58 -2.19 1.70
CA THR A 39 1.37 -2.16 2.49
C THR A 39 0.21 -1.66 1.60
N PRO A 40 -1.08 -1.93 1.93
CA PRO A 40 -2.21 -1.45 1.10
C PRO A 40 -2.08 0.04 0.77
N ALA A 41 -1.69 0.82 1.76
CA ALA A 41 -1.49 2.25 1.56
C ALA A 41 -0.37 2.51 0.56
N GLU A 42 0.73 1.79 0.69
CA GLU A 42 1.86 1.96 -0.21
C GLU A 42 1.49 1.62 -1.64
N GLN A 43 0.64 0.61 -1.79
CA GLN A 43 0.14 0.21 -3.09
C GLN A 43 -0.68 1.34 -3.69
N LEU A 44 -1.43 2.00 -2.82
CA LEU A 44 -2.26 3.12 -3.20
C LEU A 44 -1.41 4.34 -3.48
N LEU A 45 -0.39 4.57 -2.65
CA LEU A 45 0.48 5.73 -2.79
C LEU A 45 1.29 5.62 -4.06
N SER A 46 1.62 4.39 -4.43
CA SER A 46 2.42 4.14 -5.61
C SER A 46 1.66 4.52 -6.87
N LYS A 47 0.33 4.59 -6.77
CA LYS A 47 -0.50 4.94 -7.90
C LYS A 47 -0.74 6.45 -7.97
N CYS A 48 -0.22 7.17 -6.98
CA CYS A 48 -0.22 8.62 -7.03
C CYS A 48 1.14 9.09 -7.56
N PRO A 49 1.20 9.96 -8.59
CA PRO A 49 2.49 10.41 -9.10
C PRO A 49 3.13 11.48 -8.22
N TRP A 50 2.43 11.89 -7.18
CA TRP A 50 2.96 12.88 -6.24
C TRP A 50 3.22 12.25 -4.88
N LYS A 51 4.42 12.50 -4.34
CA LYS A 51 4.80 12.04 -3.01
C LYS A 51 5.38 13.20 -2.21
N GLU A 52 5.22 13.15 -0.88
CA GLU A 52 5.73 14.19 -0.02
C GLU A 52 6.98 13.72 0.75
N TYR A 53 7.99 14.56 0.79
CA TYR A 53 9.19 14.28 1.57
C TYR A 53 9.60 15.54 2.34
N LYS A 54 10.36 15.37 3.42
CA LYS A 54 10.71 16.47 4.30
C LYS A 54 12.12 16.98 4.01
N SER A 55 12.26 18.31 3.98
CA SER A 55 13.57 18.93 3.87
C SER A 55 14.18 18.98 5.27
N ASP A 56 15.48 19.22 5.40
CA ASP A 56 16.15 19.15 6.72
C ASP A 56 15.49 20.09 7.74
N SER A 57 14.92 21.18 7.26
CA SER A 57 14.28 22.16 8.13
C SER A 57 12.83 21.78 8.47
N GLY A 58 12.42 20.58 8.08
CA GLY A 58 11.09 20.10 8.44
C GLY A 58 10.00 20.57 7.49
N LYS A 59 10.38 21.29 6.44
CA LYS A 59 9.42 21.80 5.47
C LYS A 59 9.24 20.79 4.33
N PRO A 60 7.99 20.31 4.09
CA PRO A 60 7.72 19.35 3.00
C PRO A 60 7.87 19.95 1.59
N TYR A 61 8.18 19.09 0.63
CA TYR A 61 8.14 19.45 -0.79
C TYR A 61 7.55 18.29 -1.58
N TYR A 62 6.97 18.57 -2.74
CA TYR A 62 6.20 17.57 -3.45
C TYR A 62 6.84 17.23 -4.78
N TYR A 63 7.08 15.95 -5.03
CA TYR A 63 7.77 15.49 -6.24
C TYR A 63 6.87 14.60 -7.09
N ASN A 64 6.81 14.87 -8.40
CA ASN A 64 6.04 14.03 -9.33
C ASN A 64 6.98 12.99 -9.95
N SER A 65 6.72 11.73 -9.65
CA SER A 65 7.61 10.65 -10.04
C SER A 65 7.57 10.37 -11.55
N GLN A 66 6.53 10.82 -12.21
CA GLN A 66 6.38 10.58 -13.64
C GLN A 66 7.10 11.66 -14.43
N THR A 67 6.83 12.91 -14.09
CA THR A 67 7.31 14.05 -14.86
C THR A 67 8.58 14.66 -14.28
N LYS A 68 8.97 14.21 -13.08
CA LYS A 68 10.16 14.71 -12.38
C LYS A 68 10.02 16.19 -12.02
N GLU A 69 8.80 16.68 -11.91
CA GLU A 69 8.56 18.07 -11.52
C GLU A 69 8.55 18.21 -10.00
N SER A 70 8.99 19.36 -9.53
CA SER A 70 9.00 19.68 -8.12
C SER A 70 8.30 21.01 -7.85
N ARG A 71 7.50 21.07 -6.79
CA ARG A 71 6.82 22.31 -6.41
C ARG A 71 6.63 22.37 -4.91
N TRP A 72 6.60 23.60 -4.37
CA TRP A 72 6.41 23.80 -2.94
C TRP A 72 4.94 24.00 -2.61
N ALA A 73 4.11 23.99 -3.66
CA ALA A 73 2.68 24.17 -3.50
C ALA A 73 1.96 22.84 -3.71
N LYS A 74 0.85 22.67 -3.00
CA LYS A 74 0.15 21.38 -3.01
C LYS A 74 -0.68 21.21 -4.29
N PRO A 75 -0.38 20.16 -5.09
CA PRO A 75 -1.22 19.81 -6.25
C PRO A 75 -2.56 19.20 -5.82
N LYS A 76 -3.63 19.59 -6.52
CA LYS A 76 -4.99 19.14 -6.25
C LYS A 76 -5.11 17.63 -6.30
N GLU A 77 -4.35 16.99 -7.18
CA GLU A 77 -4.34 15.53 -7.28
C GLU A 77 -3.99 14.89 -5.95
N LEU A 78 -3.11 15.53 -5.21
CA LEU A 78 -2.66 15.00 -3.92
C LEU A 78 -3.65 15.34 -2.83
N GLU A 79 -4.45 16.37 -3.06
CA GLU A 79 -5.50 16.73 -2.12
C GLU A 79 -6.48 15.58 -1.94
N ASP A 80 -6.67 14.83 -3.01
CA ASP A 80 -7.45 13.59 -2.96
C ASP A 80 -6.75 12.54 -2.10
N LEU A 81 -5.43 12.51 -2.16
CA LEU A 81 -4.63 11.60 -1.36
C LEU A 81 -4.61 12.04 0.09
N GLU A 82 -4.57 13.35 0.28
CA GLU A 82 -4.61 13.95 1.60
C GLU A 82 -5.94 13.62 2.27
N GLY A 83 -6.98 13.56 1.46
CA GLY A 83 -8.28 13.13 1.92
C GLY A 83 -8.22 11.74 2.49
N TYR A 84 -7.51 10.85 1.78
CA TYR A 84 -7.35 9.47 2.20
C TYR A 84 -6.44 9.37 3.43
N GLN A 85 -5.42 10.23 3.49
CA GLN A 85 -4.49 10.22 4.62
C GLN A 85 -5.21 10.57 5.91
N ASN A 86 -6.29 11.32 5.80
CA ASN A 86 -7.12 11.66 6.95
C ASN A 86 -8.00 10.47 7.33
N THR A 87 -8.32 9.65 6.33
CA THR A 87 -9.21 8.51 6.52
C THR A 87 -8.55 7.38 7.31
N ILE A 88 -7.23 7.41 7.39
CA ILE A 88 -6.49 6.46 8.20
C ILE A 88 -6.98 6.53 9.65
N VAL A 89 -7.24 7.74 10.12
CA VAL A 89 -7.86 7.96 11.41
C VAL A 89 -9.29 8.46 11.20
N ALA A 90 -9.91 8.96 12.26
CA ALA A 90 -11.27 9.50 12.18
C ALA A 90 -12.25 8.44 11.69
N GLY A 91 -12.71 7.60 12.61
CA GLY A 91 -13.61 6.52 12.24
C GLY A 91 -14.95 7.03 11.73
N SER A 92 -15.47 8.08 12.36
CA SER A 92 -16.78 8.60 12.01
C SER A 92 -16.69 9.67 10.93
N LEU A 93 -16.54 9.24 9.69
CA LEU A 93 -16.49 10.17 8.56
C LEU A 93 -17.84 10.22 7.86
N ILE A 94 -18.61 9.16 7.99
CA ILE A 94 -19.95 9.08 7.43
C ILE A 94 -20.94 8.71 8.51
N THR A 95 -21.17 9.64 9.42
CA THR A 95 -22.11 9.44 10.51
C THR A 95 -23.06 10.62 10.62
N LYS A 96 -23.89 10.79 9.59
CA LYS A 96 -24.84 11.88 9.54
C LYS A 96 -25.95 11.56 8.55
N SER A 97 -26.98 10.86 9.02
CA SER A 97 -28.15 10.58 8.20
C SER A 97 -29.35 10.31 9.11
N ASN A 98 -29.23 10.74 10.36
CA ASN A 98 -30.28 10.54 11.35
C ASN A 98 -31.19 11.76 11.37
N LEU A 99 -30.68 12.86 10.83
CA LEU A 99 -31.43 14.11 10.76
C LEU A 99 -31.24 14.72 9.38
N GLY A 1 20.46 -11.05 16.65
CA GLY A 1 19.49 -12.02 16.05
C GLY A 1 18.84 -11.47 14.80
N ALA A 2 18.48 -12.35 13.89
CA ALA A 2 17.83 -11.97 12.64
C ALA A 2 16.31 -12.17 12.73
N MET A 3 15.70 -11.64 13.78
CA MET A 3 14.26 -11.84 13.98
C MET A 3 13.55 -10.49 13.92
N GLY A 4 14.05 -9.59 13.09
CA GLY A 4 13.42 -8.27 12.97
C GLY A 4 12.19 -8.32 12.10
N ALA A 5 12.35 -8.80 10.88
CA ALA A 5 11.25 -8.93 9.94
C ALA A 5 11.60 -9.93 8.85
N LYS A 6 10.64 -10.76 8.48
CA LYS A 6 10.86 -11.71 7.40
C LYS A 6 10.68 -11.03 6.05
N SER A 7 11.73 -11.01 5.26
CA SER A 7 11.71 -10.38 3.96
C SER A 7 12.72 -11.06 3.06
N MET A 8 12.25 -11.93 2.18
CA MET A 8 13.11 -12.68 1.30
C MET A 8 13.45 -11.85 0.06
N TRP A 9 12.98 -10.63 0.06
CA TRP A 9 13.30 -9.68 -0.99
C TRP A 9 14.33 -8.70 -0.48
N THR A 10 15.34 -8.44 -1.30
CA THR A 10 16.42 -7.53 -0.93
C THR A 10 16.49 -6.37 -1.92
N GLU A 11 16.79 -5.19 -1.41
CA GLU A 11 16.82 -3.98 -2.23
C GLU A 11 18.25 -3.66 -2.62
N HIS A 12 18.50 -3.42 -3.91
CA HIS A 12 19.84 -3.07 -4.36
C HIS A 12 19.79 -1.85 -5.29
N LYS A 13 20.77 -0.96 -5.16
CA LYS A 13 20.85 0.21 -6.05
C LYS A 13 22.09 0.09 -6.94
N SER A 14 21.88 0.14 -8.26
CA SER A 14 22.99 0.07 -9.20
C SER A 14 23.66 1.44 -9.35
N PRO A 15 24.84 1.53 -10.00
CA PRO A 15 25.58 2.80 -10.13
C PRO A 15 24.72 3.96 -10.65
N ASP A 16 23.77 3.66 -11.51
CA ASP A 16 22.93 4.70 -12.13
C ASP A 16 21.80 5.15 -11.20
N GLY A 17 21.80 4.62 -9.98
CA GLY A 17 20.85 5.08 -8.98
C GLY A 17 19.52 4.35 -9.05
N ARG A 18 19.36 3.45 -10.01
CA ARG A 18 18.12 2.72 -10.16
C ARG A 18 18.12 1.50 -9.25
N THR A 19 16.96 1.20 -8.69
CA THR A 19 16.84 0.13 -7.72
C THR A 19 16.12 -1.08 -8.32
N TYR A 20 16.61 -2.27 -7.99
CA TYR A 20 15.92 -3.49 -8.36
C TYR A 20 15.82 -4.41 -7.14
N TYR A 21 14.83 -5.29 -7.14
CA TYR A 21 14.56 -6.13 -5.98
C TYR A 21 14.90 -7.59 -6.27
N TYR A 22 15.60 -8.23 -5.34
CA TYR A 22 16.09 -9.59 -5.53
C TYR A 22 15.52 -10.53 -4.46
N ASN A 23 14.95 -11.66 -4.89
CA ASN A 23 14.39 -12.64 -3.95
C ASN A 23 15.48 -13.65 -3.62
N THR A 24 15.89 -13.69 -2.36
CA THR A 24 17.02 -14.50 -1.95
C THR A 24 16.72 -15.98 -2.01
N GLU A 25 15.44 -16.33 -1.98
CA GLU A 25 15.03 -17.72 -1.97
C GLU A 25 14.97 -18.28 -3.40
N THR A 26 14.24 -17.60 -4.26
CA THR A 26 14.00 -18.09 -5.61
C THR A 26 14.98 -17.48 -6.61
N LYS A 27 15.78 -16.52 -6.14
CA LYS A 27 16.79 -15.87 -6.95
C LYS A 27 16.19 -15.12 -8.14
N GLN A 28 14.92 -14.77 -8.01
CA GLN A 28 14.23 -13.95 -9.01
C GLN A 28 14.55 -12.47 -8.79
N SER A 29 14.71 -11.74 -9.89
CA SER A 29 14.97 -10.31 -9.83
C SER A 29 13.86 -9.55 -10.58
N THR A 30 13.38 -8.45 -9.99
CA THR A 30 12.30 -7.69 -10.61
C THR A 30 12.54 -6.18 -10.50
N TRP A 31 11.96 -5.42 -11.43
CA TRP A 31 12.11 -3.96 -11.46
C TRP A 31 10.91 -3.25 -10.84
N GLU A 32 10.07 -4.01 -10.14
CA GLU A 32 8.91 -3.43 -9.48
C GLU A 32 8.88 -3.84 -8.01
N LYS A 33 8.30 -3.00 -7.18
CA LYS A 33 8.17 -3.30 -5.77
C LYS A 33 7.27 -4.53 -5.60
N PRO A 34 7.78 -5.63 -5.00
CA PRO A 34 6.97 -6.84 -4.81
C PRO A 34 5.73 -6.59 -3.96
N ASP A 35 4.64 -7.20 -4.42
CA ASP A 35 3.37 -7.18 -3.69
C ASP A 35 3.53 -7.69 -2.27
N ASP A 36 4.39 -8.68 -2.09
CA ASP A 36 4.61 -9.27 -0.77
C ASP A 36 5.32 -8.30 0.17
N LEU A 37 5.96 -7.28 -0.40
CA LEU A 37 6.67 -6.30 0.41
C LEU A 37 5.77 -5.11 0.72
N LYS A 38 4.69 -4.98 -0.03
CA LYS A 38 3.67 -3.98 0.27
C LYS A 38 2.95 -4.41 1.53
N THR A 39 2.50 -3.44 2.32
CA THR A 39 1.89 -3.74 3.61
C THR A 39 0.59 -4.54 3.42
N PRO A 40 0.16 -5.39 4.38
CA PRO A 40 -1.07 -6.19 4.21
C PRO A 40 -2.26 -5.34 3.76
N ALA A 41 -2.38 -4.15 4.32
CA ALA A 41 -3.43 -3.22 3.94
C ALA A 41 -3.32 -2.84 2.47
N GLU A 42 -2.10 -2.56 2.03
CA GLU A 42 -1.86 -2.21 0.63
C GLU A 42 -2.24 -3.36 -0.28
N GLN A 43 -1.86 -4.56 0.12
CA GLN A 43 -2.20 -5.76 -0.63
C GLN A 43 -3.70 -5.92 -0.68
N LEU A 44 -4.34 -5.64 0.44
CA LEU A 44 -5.79 -5.68 0.55
C LEU A 44 -6.42 -4.68 -0.41
N LEU A 45 -5.82 -3.50 -0.48
CA LEU A 45 -6.31 -2.44 -1.36
C LEU A 45 -6.08 -2.82 -2.81
N SER A 46 -4.95 -3.45 -3.05
CA SER A 46 -4.57 -3.86 -4.39
C SER A 46 -5.46 -5.01 -4.86
N LYS A 47 -5.99 -5.77 -3.92
CA LYS A 47 -6.80 -6.93 -4.25
C LYS A 47 -8.29 -6.61 -4.31
N CYS A 48 -8.64 -5.36 -4.07
CA CYS A 48 -10.03 -4.96 -4.23
C CYS A 48 -10.25 -4.45 -5.66
N PRO A 49 -11.13 -5.09 -6.44
CA PRO A 49 -11.46 -4.60 -7.78
C PRO A 49 -12.69 -3.69 -7.81
N TRP A 50 -13.25 -3.42 -6.65
CA TRP A 50 -14.44 -2.57 -6.57
C TRP A 50 -14.11 -1.23 -5.91
N LYS A 51 -14.55 -0.15 -6.55
CA LYS A 51 -14.40 1.19 -6.01
C LYS A 51 -15.76 1.89 -6.01
N GLU A 52 -15.94 2.81 -5.07
CA GLU A 52 -17.20 3.51 -4.93
C GLU A 52 -17.09 4.95 -5.42
N TYR A 53 -18.08 5.38 -6.18
CA TYR A 53 -18.16 6.77 -6.63
C TYR A 53 -19.59 7.26 -6.44
N LYS A 54 -19.76 8.57 -6.25
CA LYS A 54 -21.06 9.14 -5.97
C LYS A 54 -21.65 9.79 -7.21
N SER A 55 -22.92 9.48 -7.48
CA SER A 55 -23.64 10.12 -8.57
C SER A 55 -24.09 11.51 -8.10
N ASP A 56 -24.47 12.41 -9.01
CA ASP A 56 -24.81 13.80 -8.62
C ASP A 56 -25.91 13.84 -7.57
N SER A 57 -26.78 12.83 -7.57
CA SER A 57 -27.87 12.77 -6.60
C SER A 57 -27.45 12.14 -5.25
N GLY A 58 -26.15 11.93 -5.07
CA GLY A 58 -25.66 11.40 -3.80
C GLY A 58 -25.80 9.89 -3.70
N LYS A 59 -26.26 9.28 -4.77
CA LYS A 59 -26.49 7.84 -4.79
C LYS A 59 -25.21 7.14 -5.28
N PRO A 60 -24.61 6.23 -4.47
CA PRO A 60 -23.38 5.54 -4.86
C PRO A 60 -23.60 4.44 -5.91
N TYR A 61 -22.56 4.20 -6.72
CA TYR A 61 -22.56 3.05 -7.62
C TYR A 61 -21.16 2.46 -7.61
N TYR A 62 -21.05 1.17 -7.92
CA TYR A 62 -19.82 0.44 -7.67
C TYR A 62 -19.25 -0.13 -8.98
N TYR A 63 -17.98 0.18 -9.26
CA TYR A 63 -17.35 -0.21 -10.53
C TYR A 63 -16.23 -1.23 -10.29
N ASN A 64 -16.22 -2.32 -11.07
CA ASN A 64 -15.19 -3.35 -10.99
C ASN A 64 -14.11 -3.05 -12.03
N SER A 65 -12.91 -2.74 -11.56
CA SER A 65 -11.82 -2.33 -12.44
C SER A 65 -11.26 -3.48 -13.27
N GLN A 66 -11.59 -4.70 -12.90
CA GLN A 66 -11.12 -5.87 -13.63
C GLN A 66 -12.04 -6.18 -14.80
N THR A 67 -13.32 -6.28 -14.51
CA THR A 67 -14.31 -6.75 -15.48
C THR A 67 -15.08 -5.61 -16.13
N LYS A 68 -14.87 -4.39 -15.62
CA LYS A 68 -15.54 -3.18 -16.13
C LYS A 68 -17.05 -3.22 -15.87
N GLU A 69 -17.47 -4.04 -14.92
CA GLU A 69 -18.89 -4.16 -14.58
C GLU A 69 -19.30 -3.10 -13.56
N SER A 70 -20.56 -2.66 -13.65
CA SER A 70 -21.12 -1.71 -12.69
C SER A 70 -22.41 -2.28 -12.11
N ARG A 71 -22.69 -1.96 -10.85
CA ARG A 71 -23.91 -2.40 -10.18
C ARG A 71 -24.33 -1.41 -9.11
N TRP A 72 -25.65 -1.35 -8.85
CA TRP A 72 -26.18 -0.49 -7.79
C TRP A 72 -26.22 -1.24 -6.46
N ALA A 73 -25.96 -2.54 -6.52
CA ALA A 73 -25.99 -3.40 -5.34
C ALA A 73 -24.59 -3.57 -4.79
N LYS A 74 -24.49 -3.67 -3.46
CA LYS A 74 -23.20 -3.74 -2.81
C LYS A 74 -22.60 -5.15 -2.90
N PRO A 75 -21.43 -5.30 -3.55
CA PRO A 75 -20.69 -6.57 -3.54
C PRO A 75 -20.05 -6.86 -2.18
N LYS A 76 -20.15 -8.12 -1.75
CA LYS A 76 -19.61 -8.58 -0.46
C LYS A 76 -18.10 -8.35 -0.37
N GLU A 77 -17.43 -8.49 -1.50
CA GLU A 77 -15.98 -8.28 -1.56
C GLU A 77 -15.60 -6.88 -1.07
N LEU A 78 -16.47 -5.91 -1.32
CA LEU A 78 -16.22 -4.54 -0.90
C LEU A 78 -16.57 -4.38 0.57
N GLU A 79 -17.57 -5.13 1.01
CA GLU A 79 -18.02 -5.08 2.40
C GLU A 79 -16.90 -5.48 3.35
N ASP A 80 -16.09 -6.43 2.93
CA ASP A 80 -14.93 -6.84 3.71
C ASP A 80 -13.88 -5.72 3.74
N LEU A 81 -13.80 -4.97 2.66
CA LEU A 81 -12.91 -3.83 2.56
C LEU A 81 -13.42 -2.69 3.43
N GLU A 82 -14.73 -2.53 3.45
CA GLU A 82 -15.36 -1.52 4.29
C GLU A 82 -15.21 -1.87 5.76
N GLY A 83 -15.02 -3.15 6.03
CA GLY A 83 -14.66 -3.61 7.36
C GLY A 83 -13.36 -2.97 7.80
N TYR A 84 -12.45 -2.81 6.86
CA TYR A 84 -11.18 -2.16 7.09
C TYR A 84 -11.33 -0.63 7.10
N GLN A 85 -12.22 -0.12 6.24
CA GLN A 85 -12.51 1.31 6.23
C GLN A 85 -13.05 1.77 7.57
N ASN A 86 -13.81 0.88 8.22
CA ASN A 86 -14.40 1.18 9.52
C ASN A 86 -13.32 1.28 10.59
N THR A 87 -12.13 0.80 10.28
CA THR A 87 -11.01 0.89 11.18
C THR A 87 -10.35 2.27 11.08
N ILE A 88 -10.61 2.97 9.99
CA ILE A 88 -9.97 4.25 9.73
C ILE A 88 -10.90 5.43 10.05
N VAL A 89 -12.03 5.50 9.35
CA VAL A 89 -12.90 6.67 9.48
C VAL A 89 -13.90 6.52 10.61
N ALA A 90 -13.88 5.38 11.28
CA ALA A 90 -14.81 5.12 12.36
C ALA A 90 -14.08 4.94 13.68
N GLY A 91 -14.52 5.65 14.70
CA GLY A 91 -13.92 5.53 16.00
C GLY A 91 -14.51 6.52 16.98
N SER A 92 -14.53 6.19 18.27
CA SER A 92 -15.07 7.09 19.28
C SER A 92 -13.93 7.69 20.10
N LEU A 93 -12.72 7.23 19.84
CA LEU A 93 -11.53 7.74 20.51
C LEU A 93 -10.70 8.55 19.53
N ILE A 94 -9.88 9.45 20.08
CA ILE A 94 -9.00 10.29 19.26
C ILE A 94 -7.80 9.51 18.74
N THR A 95 -8.10 8.46 18.00
CA THR A 95 -7.11 7.57 17.43
C THR A 95 -7.81 6.56 16.52
N LYS A 96 -7.12 6.08 15.50
CA LYS A 96 -7.73 5.15 14.56
C LYS A 96 -6.67 4.28 13.89
N SER A 97 -7.12 3.38 13.02
CA SER A 97 -6.27 2.43 12.30
C SER A 97 -5.37 1.64 13.25
N ASN A 98 -4.11 2.04 13.35
CA ASN A 98 -3.17 1.36 14.24
C ASN A 98 -2.15 2.36 14.78
N LEU A 99 -1.37 2.95 13.87
CA LEU A 99 -0.35 3.93 14.21
C LEU A 99 0.72 3.32 15.12
N GLY A 1 6.28 -9.37 8.60
CA GLY A 1 5.66 -10.72 8.59
C GLY A 1 6.55 -11.75 9.25
N ALA A 2 7.54 -12.24 8.50
CA ALA A 2 8.51 -13.21 9.01
C ALA A 2 7.83 -14.49 9.48
N MET A 3 6.70 -14.83 8.87
CA MET A 3 5.98 -16.05 9.23
C MET A 3 6.18 -17.09 8.13
N GLY A 4 7.43 -17.20 7.69
CA GLY A 4 7.76 -18.08 6.59
C GLY A 4 8.66 -17.37 5.60
N ALA A 5 8.26 -16.18 5.21
CA ALA A 5 9.08 -15.33 4.37
C ALA A 5 9.73 -14.23 5.19
N LYS A 6 10.94 -14.50 5.64
CA LYS A 6 11.65 -13.56 6.51
C LYS A 6 12.50 -12.60 5.69
N SER A 7 11.84 -11.61 5.10
CA SER A 7 12.50 -10.63 4.24
C SER A 7 13.33 -11.32 3.16
N MET A 8 12.64 -11.99 2.24
CA MET A 8 13.30 -12.73 1.19
C MET A 8 13.70 -11.80 0.06
N TRP A 9 13.11 -10.62 0.05
CA TRP A 9 13.42 -9.63 -0.96
C TRP A 9 14.49 -8.68 -0.47
N THR A 10 15.46 -8.43 -1.30
CA THR A 10 16.56 -7.53 -0.98
C THR A 10 16.58 -6.36 -1.96
N GLU A 11 16.94 -5.19 -1.48
CA GLU A 11 16.92 -3.98 -2.30
C GLU A 11 18.34 -3.56 -2.66
N HIS A 12 18.58 -3.31 -3.95
CA HIS A 12 19.90 -2.86 -4.38
C HIS A 12 19.80 -1.65 -5.30
N LYS A 13 20.69 -0.68 -5.14
CA LYS A 13 20.77 0.47 -6.05
C LYS A 13 22.00 0.32 -6.94
N SER A 14 21.80 0.35 -8.25
CA SER A 14 22.92 0.28 -9.18
C SER A 14 23.64 1.63 -9.27
N PRO A 15 24.85 1.71 -9.84
CA PRO A 15 25.63 2.96 -9.88
C PRO A 15 24.84 4.14 -10.47
N ASP A 16 23.88 3.85 -11.34
CA ASP A 16 23.11 4.90 -12.01
C ASP A 16 21.94 5.37 -11.17
N GLY A 17 21.76 4.78 -10.00
CA GLY A 17 20.72 5.23 -9.09
C GLY A 17 19.44 4.42 -9.19
N ARG A 18 19.33 3.56 -10.20
CA ARG A 18 18.13 2.75 -10.37
C ARG A 18 18.16 1.55 -9.43
N THR A 19 17.01 1.19 -8.90
CA THR A 19 16.91 0.14 -7.89
C THR A 19 16.17 -1.09 -8.42
N TYR A 20 16.68 -2.27 -8.06
CA TYR A 20 16.01 -3.52 -8.42
C TYR A 20 15.94 -4.42 -7.19
N TYR A 21 15.01 -5.38 -7.20
CA TYR A 21 14.75 -6.21 -6.03
C TYR A 21 15.08 -7.68 -6.32
N TYR A 22 15.72 -8.35 -5.35
CA TYR A 22 16.16 -9.72 -5.50
C TYR A 22 15.56 -10.61 -4.41
N ASN A 23 14.89 -11.69 -4.82
CA ASN A 23 14.32 -12.64 -3.86
C ASN A 23 15.34 -13.74 -3.59
N THR A 24 15.82 -13.80 -2.36
CA THR A 24 16.91 -14.68 -1.99
C THR A 24 16.52 -16.15 -2.04
N GLU A 25 15.22 -16.41 -1.99
CA GLU A 25 14.72 -17.77 -1.96
C GLU A 25 14.65 -18.34 -3.38
N THR A 26 13.96 -17.62 -4.25
CA THR A 26 13.72 -18.09 -5.59
C THR A 26 14.78 -17.59 -6.58
N LYS A 27 15.60 -16.66 -6.09
CA LYS A 27 16.69 -16.08 -6.88
C LYS A 27 16.14 -15.33 -8.09
N GLN A 28 14.92 -14.83 -7.95
CA GLN A 28 14.25 -14.04 -8.97
C GLN A 28 14.54 -12.56 -8.79
N SER A 29 14.74 -11.88 -9.90
CA SER A 29 14.98 -10.44 -9.90
C SER A 29 13.79 -9.72 -10.54
N THR A 30 13.37 -8.60 -9.94
CA THR A 30 12.25 -7.84 -10.48
C THR A 30 12.50 -6.33 -10.36
N TRP A 31 11.87 -5.56 -11.25
CA TRP A 31 12.01 -4.10 -11.25
C TRP A 31 10.80 -3.42 -10.63
N GLU A 32 9.92 -4.21 -10.02
CA GLU A 32 8.74 -3.66 -9.36
C GLU A 32 8.79 -3.95 -7.86
N LYS A 33 8.31 -2.98 -7.07
CA LYS A 33 8.32 -3.10 -5.62
C LYS A 33 7.36 -4.21 -5.17
N PRO A 34 7.85 -5.25 -4.46
CA PRO A 34 6.97 -6.29 -3.94
C PRO A 34 5.98 -5.75 -2.92
N ASP A 35 4.75 -6.25 -2.98
CA ASP A 35 3.68 -5.84 -2.09
C ASP A 35 4.02 -6.09 -0.61
N ASP A 36 4.93 -7.02 -0.36
CA ASP A 36 5.37 -7.30 1.02
C ASP A 36 6.24 -6.17 1.55
N LEU A 37 6.88 -5.43 0.65
CA LEU A 37 7.80 -4.38 1.06
C LEU A 37 7.16 -3.00 0.96
N LYS A 38 6.01 -2.93 0.30
CA LYS A 38 5.27 -1.70 0.23
C LYS A 38 4.78 -1.34 1.61
N THR A 39 5.00 -0.10 2.00
CA THR A 39 4.68 0.35 3.34
C THR A 39 3.16 0.37 3.54
N PRO A 40 2.64 0.29 4.79
CA PRO A 40 1.18 0.34 5.00
C PRO A 40 0.54 1.52 4.27
N ALA A 41 1.23 2.65 4.26
CA ALA A 41 0.78 3.85 3.56
C ALA A 41 0.67 3.62 2.05
N GLU A 42 1.63 2.91 1.50
CA GLU A 42 1.64 2.59 0.08
C GLU A 42 0.50 1.64 -0.26
N GLN A 43 0.28 0.68 0.62
CA GLN A 43 -0.82 -0.25 0.47
C GLN A 43 -2.13 0.49 0.68
N LEU A 44 -2.09 1.47 1.58
CA LEU A 44 -3.23 2.33 1.86
C LEU A 44 -3.64 3.09 0.61
N LEU A 45 -2.68 3.41 -0.24
CA LEU A 45 -2.97 4.08 -1.51
C LEU A 45 -3.89 3.21 -2.36
N SER A 46 -3.64 1.92 -2.33
CA SER A 46 -4.44 0.97 -3.07
C SER A 46 -5.75 0.65 -2.34
N LYS A 47 -5.74 0.84 -1.02
CA LYS A 47 -6.88 0.46 -0.19
C LYS A 47 -7.77 1.65 0.17
N CYS A 48 -7.33 2.86 -0.18
CA CYS A 48 -8.11 4.06 0.13
C CYS A 48 -9.39 4.06 -0.71
N PRO A 49 -10.58 4.19 -0.08
CA PRO A 49 -11.83 4.17 -0.83
C PRO A 49 -12.15 5.50 -1.48
N TRP A 50 -11.32 6.50 -1.23
CA TRP A 50 -11.51 7.81 -1.83
C TRP A 50 -10.41 8.07 -2.85
N LYS A 51 -10.82 8.50 -4.04
CA LYS A 51 -9.90 8.74 -5.14
C LYS A 51 -10.18 10.10 -5.79
N GLU A 52 -9.14 10.70 -6.35
CA GLU A 52 -9.27 12.01 -6.96
C GLU A 52 -9.24 11.92 -8.49
N TYR A 53 -10.22 12.53 -9.13
CA TYR A 53 -10.22 12.64 -10.59
C TYR A 53 -10.50 14.09 -10.98
N LYS A 54 -10.00 14.50 -12.15
CA LYS A 54 -10.09 15.90 -12.57
C LYS A 54 -11.23 16.07 -13.57
N SER A 55 -12.03 17.11 -13.36
CA SER A 55 -13.11 17.45 -14.28
C SER A 55 -12.50 18.22 -15.46
N ASP A 56 -13.23 18.38 -16.57
CA ASP A 56 -12.65 19.03 -17.76
C ASP A 56 -12.12 20.44 -17.48
N SER A 57 -12.69 21.10 -16.47
CA SER A 57 -12.22 22.44 -16.09
C SER A 57 -11.03 22.38 -15.12
N GLY A 58 -10.49 21.18 -14.92
CA GLY A 58 -9.32 21.03 -14.06
C GLY A 58 -9.67 20.96 -12.58
N LYS A 59 -10.96 21.02 -12.27
CA LYS A 59 -11.41 21.01 -10.89
C LYS A 59 -11.57 19.57 -10.39
N PRO A 60 -10.88 19.17 -9.30
CA PRO A 60 -10.98 17.81 -8.76
C PRO A 60 -12.34 17.51 -8.12
N TYR A 61 -12.72 16.23 -8.14
CA TYR A 61 -13.86 15.74 -7.38
C TYR A 61 -13.51 14.38 -6.79
N TYR A 62 -14.15 14.01 -5.70
CA TYR A 62 -13.72 12.85 -4.94
C TYR A 62 -14.80 11.76 -4.97
N TYR A 63 -14.39 10.54 -5.31
CA TYR A 63 -15.32 9.42 -5.44
C TYR A 63 -14.95 8.28 -4.49
N ASN A 64 -15.94 7.72 -3.78
CA ASN A 64 -15.71 6.57 -2.90
C ASN A 64 -16.02 5.29 -3.66
N SER A 65 -14.99 4.48 -3.85
CA SER A 65 -15.08 3.29 -4.69
C SER A 65 -15.97 2.21 -4.10
N GLN A 66 -16.17 2.26 -2.78
CA GLN A 66 -16.95 1.25 -2.09
C GLN A 66 -18.43 1.60 -2.12
N THR A 67 -18.74 2.82 -1.72
CA THR A 67 -20.12 3.24 -1.53
C THR A 67 -20.65 3.99 -2.74
N LYS A 68 -19.77 4.27 -3.71
CA LYS A 68 -20.14 4.97 -4.94
C LYS A 68 -20.64 6.40 -4.68
N GLU A 69 -20.25 6.97 -3.55
CA GLU A 69 -20.61 8.35 -3.23
C GLU A 69 -19.59 9.33 -3.81
N SER A 70 -20.04 10.53 -4.16
CA SER A 70 -19.16 11.56 -4.66
C SER A 70 -19.41 12.88 -3.92
N ARG A 71 -18.36 13.67 -3.76
CA ARG A 71 -18.45 14.95 -3.06
C ARG A 71 -17.40 15.93 -3.59
N TRP A 72 -17.73 17.22 -3.52
CA TRP A 72 -16.82 18.27 -3.97
C TRP A 72 -15.95 18.78 -2.82
N ALA A 73 -16.14 18.17 -1.64
CA ALA A 73 -15.39 18.54 -0.45
C ALA A 73 -14.40 17.44 -0.07
N LYS A 74 -13.27 17.83 0.49
CA LYS A 74 -12.22 16.88 0.81
C LYS A 74 -12.58 16.10 2.08
N PRO A 75 -12.72 14.75 1.99
CA PRO A 75 -12.89 13.92 3.18
C PRO A 75 -11.60 13.82 3.99
N LYS A 76 -11.74 13.96 5.31
CA LYS A 76 -10.60 13.93 6.24
C LYS A 76 -9.81 12.63 6.13
N GLU A 77 -10.51 11.55 5.80
CA GLU A 77 -9.88 10.25 5.61
C GLU A 77 -8.81 10.30 4.51
N LEU A 78 -9.04 11.13 3.51
CA LEU A 78 -8.11 11.27 2.40
C LEU A 78 -7.04 12.30 2.74
N GLU A 79 -7.37 13.19 3.66
CA GLU A 79 -6.42 14.18 4.14
C GLU A 79 -5.20 13.50 4.75
N ASP A 80 -5.45 12.36 5.39
CA ASP A 80 -4.37 11.53 5.91
C ASP A 80 -3.52 10.94 4.78
N LEU A 81 -4.17 10.66 3.65
CA LEU A 81 -3.47 10.17 2.47
C LEU A 81 -2.67 11.30 1.83
N GLU A 82 -3.29 12.47 1.78
CA GLU A 82 -2.67 13.66 1.20
C GLU A 82 -1.43 14.06 1.98
N GLY A 83 -1.46 13.82 3.27
CA GLY A 83 -0.32 14.08 4.11
C GLY A 83 0.88 13.25 3.70
N TYR A 84 0.61 12.05 3.20
CA TYR A 84 1.66 11.16 2.75
C TYR A 84 1.97 11.35 1.26
N GLN A 85 0.95 11.66 0.46
CA GLN A 85 1.16 11.91 -0.97
C GLN A 85 2.06 13.13 -1.17
N ASN A 86 1.99 14.06 -0.23
CA ASN A 86 2.83 15.25 -0.27
C ASN A 86 4.28 14.87 0.06
N THR A 87 4.45 13.76 0.77
CA THR A 87 5.77 13.30 1.15
C THR A 87 6.52 12.74 -0.05
N ILE A 88 5.79 12.09 -0.96
CA ILE A 88 6.38 11.56 -2.17
C ILE A 88 6.79 12.69 -3.10
N VAL A 89 8.00 12.56 -3.65
CA VAL A 89 8.55 13.51 -4.64
C VAL A 89 9.05 14.78 -3.97
N ALA A 90 8.91 14.85 -2.65
CA ALA A 90 9.27 16.03 -1.89
C ALA A 90 10.77 16.03 -1.55
N GLY A 91 11.51 15.24 -2.30
CA GLY A 91 12.96 15.23 -2.17
C GLY A 91 13.59 15.85 -3.40
N SER A 92 12.75 16.26 -4.32
CA SER A 92 13.19 16.88 -5.56
C SER A 92 12.06 17.73 -6.14
N LEU A 93 11.28 18.32 -5.25
CA LEU A 93 10.16 19.16 -5.65
C LEU A 93 10.63 20.59 -5.86
N ILE A 94 9.89 21.35 -6.66
CA ILE A 94 10.23 22.72 -6.98
C ILE A 94 11.62 22.78 -7.63
N THR A 95 11.80 21.97 -8.66
CA THR A 95 13.04 22.00 -9.43
C THR A 95 13.05 23.21 -10.34
N LYS A 96 14.17 23.96 -10.33
CA LYS A 96 14.28 25.24 -11.04
C LYS A 96 13.42 26.29 -10.35
N SER A 97 12.10 26.13 -10.46
CA SER A 97 11.13 27.01 -9.82
C SER A 97 9.73 26.55 -10.23
N ASN A 98 9.50 26.50 -11.54
CA ASN A 98 8.23 26.03 -12.09
C ASN A 98 8.42 25.64 -13.55
N LEU A 99 8.20 24.36 -13.83
CA LEU A 99 8.36 23.86 -15.19
C LEU A 99 7.22 24.35 -16.08
N GLY A 1 2.58 -11.95 9.84
CA GLY A 1 2.35 -10.77 8.97
C GLY A 1 3.65 -10.17 8.46
N ALA A 2 3.96 -10.46 7.20
CA ALA A 2 5.16 -9.92 6.58
C ALA A 2 4.80 -9.04 5.39
N MET A 3 3.64 -8.40 5.49
CA MET A 3 3.15 -7.56 4.40
C MET A 3 3.66 -6.12 4.59
N GLY A 4 4.90 -5.88 4.21
CA GLY A 4 5.50 -4.57 4.37
C GLY A 4 6.96 -4.67 4.69
N ALA A 5 7.33 -5.76 5.35
CA ALA A 5 8.72 -6.00 5.73
C ALA A 5 9.43 -6.81 4.65
N LYS A 6 10.74 -6.59 4.53
CA LYS A 6 11.55 -7.30 3.56
C LYS A 6 11.58 -8.80 3.87
N SER A 7 10.70 -9.55 3.22
CA SER A 7 10.60 -10.97 3.45
C SER A 7 11.10 -11.73 2.22
N MET A 8 12.38 -12.09 2.26
CA MET A 8 13.05 -12.86 1.22
C MET A 8 13.28 -11.99 -0.01
N TRP A 9 13.09 -10.70 0.17
CA TRP A 9 13.38 -9.73 -0.86
C TRP A 9 14.42 -8.75 -0.35
N THR A 10 15.39 -8.44 -1.19
CA THR A 10 16.46 -7.53 -0.83
C THR A 10 16.51 -6.36 -1.81
N GLU A 11 16.86 -5.17 -1.32
CA GLU A 11 16.82 -3.97 -2.15
C GLU A 11 18.24 -3.52 -2.49
N HIS A 12 18.50 -3.30 -3.78
CA HIS A 12 19.83 -2.86 -4.20
C HIS A 12 19.74 -1.68 -5.18
N LYS A 13 20.65 -0.71 -5.03
CA LYS A 13 20.75 0.38 -6.00
C LYS A 13 21.95 0.14 -6.93
N SER A 14 21.74 0.27 -8.23
CA SER A 14 22.81 0.14 -9.20
C SER A 14 23.56 1.48 -9.30
N PRO A 15 24.77 1.51 -9.91
CA PRO A 15 25.54 2.75 -10.05
C PRO A 15 24.75 3.91 -10.69
N ASP A 16 23.81 3.58 -11.56
CA ASP A 16 23.04 4.59 -12.28
C ASP A 16 21.89 5.12 -11.43
N GLY A 17 21.71 4.56 -10.24
CA GLY A 17 20.72 5.06 -9.32
C GLY A 17 19.40 4.29 -9.37
N ARG A 18 19.25 3.41 -10.36
CA ARG A 18 18.04 2.60 -10.45
C ARG A 18 18.10 1.45 -9.45
N THR A 19 16.96 1.13 -8.87
CA THR A 19 16.87 0.10 -7.84
C THR A 19 16.18 -1.15 -8.37
N TYR A 20 16.68 -2.31 -7.94
CA TYR A 20 16.04 -3.57 -8.28
C TYR A 20 15.92 -4.43 -7.03
N TYR A 21 14.93 -5.31 -7.01
CA TYR A 21 14.66 -6.13 -5.84
C TYR A 21 15.01 -7.60 -6.13
N TYR A 22 15.69 -8.24 -5.18
CA TYR A 22 16.18 -9.61 -5.37
C TYR A 22 15.53 -10.55 -4.35
N ASN A 23 14.95 -11.64 -4.83
CA ASN A 23 14.34 -12.64 -3.95
C ASN A 23 15.39 -13.69 -3.63
N THR A 24 15.75 -13.77 -2.37
CA THR A 24 16.85 -14.61 -1.93
C THR A 24 16.54 -16.10 -2.08
N GLU A 25 15.26 -16.43 -2.09
CA GLU A 25 14.84 -17.82 -2.15
C GLU A 25 14.82 -18.34 -3.59
N THR A 26 14.13 -17.61 -4.46
CA THR A 26 13.94 -18.05 -5.83
C THR A 26 14.96 -17.43 -6.77
N LYS A 27 15.78 -16.51 -6.24
CA LYS A 27 16.83 -15.87 -7.01
C LYS A 27 16.28 -15.02 -8.16
N GLN A 28 15.01 -14.67 -8.05
CA GLN A 28 14.34 -13.84 -9.04
C GLN A 28 14.63 -12.36 -8.78
N SER A 29 14.90 -11.64 -9.86
CA SER A 29 15.12 -10.20 -9.79
C SER A 29 13.96 -9.47 -10.47
N THR A 30 13.50 -8.39 -9.85
CA THR A 30 12.39 -7.63 -10.42
C THR A 30 12.64 -6.12 -10.28
N TRP A 31 12.10 -5.35 -11.23
CA TRP A 31 12.22 -3.88 -11.20
C TRP A 31 11.04 -3.27 -10.45
N GLU A 32 10.06 -4.10 -10.11
CA GLU A 32 8.86 -3.66 -9.43
C GLU A 32 8.94 -3.93 -7.93
N LYS A 33 8.31 -3.07 -7.15
CA LYS A 33 8.23 -3.27 -5.72
C LYS A 33 7.30 -4.46 -5.45
N PRO A 34 7.78 -5.52 -4.77
CA PRO A 34 6.93 -6.66 -4.45
C PRO A 34 5.76 -6.24 -3.57
N ASP A 35 4.60 -6.74 -3.91
CA ASP A 35 3.38 -6.49 -3.14
C ASP A 35 3.53 -7.01 -1.71
N ASP A 36 4.43 -7.97 -1.53
CA ASP A 36 4.74 -8.51 -0.20
C ASP A 36 5.43 -7.46 0.67
N LEU A 37 6.08 -6.48 0.04
CA LEU A 37 6.77 -5.44 0.78
C LEU A 37 5.93 -4.17 0.84
N LYS A 38 4.78 -4.20 0.22
CA LYS A 38 3.83 -3.12 0.34
C LYS A 38 2.93 -3.42 1.51
N THR A 39 2.77 -2.45 2.40
CA THR A 39 1.94 -2.64 3.57
C THR A 39 0.47 -2.72 3.15
N PRO A 40 -0.43 -3.38 3.91
CA PRO A 40 -1.85 -3.44 3.53
C PRO A 40 -2.39 -2.05 3.21
N ALA A 41 -1.95 -1.07 3.97
CA ALA A 41 -2.35 0.31 3.75
C ALA A 41 -1.93 0.78 2.37
N GLU A 42 -0.68 0.51 2.00
CA GLU A 42 -0.14 0.96 0.71
C GLU A 42 -0.92 0.34 -0.43
N GLN A 43 -1.23 -0.93 -0.30
CA GLN A 43 -2.00 -1.65 -1.30
C GLN A 43 -3.41 -1.05 -1.39
N LEU A 44 -3.95 -0.68 -0.24
CA LEU A 44 -5.25 -0.06 -0.16
C LEU A 44 -5.23 1.38 -0.65
N LEU A 45 -4.11 2.07 -0.44
CA LEU A 45 -3.97 3.44 -0.89
C LEU A 45 -3.85 3.49 -2.40
N SER A 46 -3.20 2.47 -2.94
CA SER A 46 -3.00 2.35 -4.37
C SER A 46 -4.34 2.08 -5.07
N LYS A 47 -5.31 1.58 -4.31
CA LYS A 47 -6.62 1.29 -4.84
C LYS A 47 -7.56 2.48 -4.69
N CYS A 48 -7.07 3.57 -4.12
CA CYS A 48 -7.80 4.82 -4.10
C CYS A 48 -7.34 5.65 -5.30
N PRO A 49 -8.23 6.34 -6.03
CA PRO A 49 -7.85 7.03 -7.27
C PRO A 49 -7.08 8.33 -7.01
N TRP A 50 -6.91 8.68 -5.76
CA TRP A 50 -6.14 9.87 -5.41
C TRP A 50 -4.84 9.47 -4.71
N LYS A 51 -3.74 10.03 -5.17
CA LYS A 51 -2.41 9.74 -4.62
C LYS A 51 -1.68 11.03 -4.30
N GLU A 52 -0.82 11.00 -3.28
CA GLU A 52 -0.13 12.18 -2.83
C GLU A 52 1.36 12.14 -3.18
N TYR A 53 1.86 13.25 -3.70
CA TYR A 53 3.29 13.38 -3.97
C TYR A 53 3.77 14.76 -3.50
N LYS A 54 5.06 14.90 -3.22
CA LYS A 54 5.59 16.13 -2.66
C LYS A 54 6.33 16.95 -3.72
N SER A 55 6.05 18.24 -3.75
CA SER A 55 6.75 19.18 -4.60
C SER A 55 8.09 19.53 -3.93
N ASP A 56 9.06 20.10 -4.66
CA ASP A 56 10.40 20.38 -4.06
C ASP A 56 10.29 21.32 -2.87
N SER A 57 9.17 22.02 -2.77
CA SER A 57 8.92 22.94 -1.67
C SER A 57 8.41 22.23 -0.43
N GLY A 58 8.18 20.92 -0.55
CA GLY A 58 7.64 20.15 0.55
C GLY A 58 6.13 20.24 0.60
N LYS A 59 5.54 20.93 -0.36
CA LYS A 59 4.10 21.11 -0.42
C LYS A 59 3.47 19.96 -1.24
N PRO A 60 2.53 19.18 -0.63
CA PRO A 60 1.87 18.08 -1.34
C PRO A 60 0.88 18.55 -2.42
N TYR A 61 0.67 17.70 -3.42
CA TYR A 61 -0.40 17.90 -4.39
C TYR A 61 -1.04 16.55 -4.68
N TYR A 62 -2.30 16.54 -5.10
CA TYR A 62 -3.05 15.30 -5.20
C TYR A 62 -3.45 15.00 -6.65
N TYR A 63 -3.10 13.80 -7.12
CA TYR A 63 -3.35 13.39 -8.51
C TYR A 63 -4.37 12.24 -8.57
N ASN A 64 -5.37 12.36 -9.45
CA ASN A 64 -6.36 11.29 -9.64
C ASN A 64 -5.92 10.40 -10.79
N SER A 65 -5.65 9.15 -10.47
CA SER A 65 -5.09 8.19 -11.44
C SER A 65 -6.12 7.78 -12.49
N GLN A 66 -7.39 8.04 -12.22
CA GLN A 66 -8.46 7.67 -13.14
C GLN A 66 -8.67 8.77 -14.17
N THR A 67 -8.85 9.98 -13.67
CA THR A 67 -9.27 11.11 -14.50
C THR A 67 -8.10 12.02 -14.89
N LYS A 68 -6.93 11.78 -14.30
CA LYS A 68 -5.72 12.57 -14.56
C LYS A 68 -5.84 14.00 -14.01
N GLU A 69 -6.82 14.24 -13.15
CA GLU A 69 -7.01 15.57 -12.57
C GLU A 69 -6.01 15.82 -11.43
N SER A 70 -5.53 17.05 -11.34
CA SER A 70 -4.62 17.45 -10.27
C SER A 70 -5.20 18.63 -9.50
N ARG A 71 -5.11 18.60 -8.17
CA ARG A 71 -5.65 19.68 -7.35
C ARG A 71 -4.77 19.93 -6.12
N TRP A 72 -4.77 21.17 -5.64
CA TRP A 72 -4.00 21.55 -4.45
C TRP A 72 -4.90 21.47 -3.21
N ALA A 73 -6.13 21.03 -3.41
CA ALA A 73 -7.08 20.90 -2.32
C ALA A 73 -7.34 19.43 -2.02
N LYS A 74 -7.54 19.12 -0.75
CA LYS A 74 -7.72 17.74 -0.32
C LYS A 74 -9.13 17.23 -0.68
N PRO A 75 -9.21 16.18 -1.52
CA PRO A 75 -10.49 15.52 -1.82
C PRO A 75 -11.01 14.69 -0.63
N LYS A 76 -12.31 14.85 -0.36
CA LYS A 76 -13.00 14.13 0.72
C LYS A 76 -12.83 12.61 0.57
N GLU A 77 -12.79 12.14 -0.67
CA GLU A 77 -12.60 10.72 -0.96
C GLU A 77 -11.32 10.19 -0.32
N LEU A 78 -10.31 11.03 -0.22
CA LEU A 78 -9.03 10.63 0.36
C LEU A 78 -9.02 10.87 1.86
N GLU A 79 -9.82 11.83 2.30
CA GLU A 79 -9.97 12.09 3.73
C GLU A 79 -10.48 10.86 4.45
N ASP A 80 -11.38 10.15 3.78
CA ASP A 80 -11.90 8.90 4.32
C ASP A 80 -10.82 7.82 4.33
N LEU A 81 -9.88 7.92 3.42
CA LEU A 81 -8.72 7.03 3.39
C LEU A 81 -7.79 7.35 4.54
N GLU A 82 -7.53 8.66 4.73
CA GLU A 82 -6.67 9.11 5.81
C GLU A 82 -7.30 8.79 7.16
N GLY A 83 -8.61 8.89 7.24
CA GLY A 83 -9.32 8.49 8.44
C GLY A 83 -9.11 7.02 8.73
N TYR A 84 -9.06 6.23 7.68
CA TYR A 84 -8.83 4.80 7.81
C TYR A 84 -7.37 4.51 8.13
N GLN A 85 -6.46 5.30 7.57
CA GLN A 85 -5.02 5.14 7.82
C GLN A 85 -4.71 5.31 9.31
N ASN A 86 -5.48 6.17 9.99
CA ASN A 86 -5.29 6.39 11.41
C ASN A 86 -5.93 5.27 12.23
N THR A 87 -6.97 4.68 11.67
CA THR A 87 -7.71 3.64 12.35
C THR A 87 -7.24 2.25 11.93
N ILE A 88 -6.19 2.22 11.10
CA ILE A 88 -5.67 0.95 10.60
C ILE A 88 -5.00 0.17 11.72
N VAL A 89 -4.59 0.88 12.76
CA VAL A 89 -3.96 0.26 13.91
C VAL A 89 -5.02 -0.34 14.83
N ALA A 90 -6.28 -0.17 14.44
CA ALA A 90 -7.39 -0.71 15.18
C ALA A 90 -8.40 -1.32 14.22
N GLY A 91 -7.87 -1.94 13.18
CA GLY A 91 -8.71 -2.54 12.16
C GLY A 91 -8.64 -4.05 12.17
N SER A 92 -9.42 -4.68 11.29
CA SER A 92 -9.50 -6.14 11.26
C SER A 92 -8.29 -6.76 10.57
N LEU A 93 -7.44 -5.90 10.00
CA LEU A 93 -6.23 -6.38 9.34
C LEU A 93 -5.23 -6.94 10.34
N ILE A 94 -5.16 -6.32 11.51
CA ILE A 94 -4.22 -6.74 12.53
C ILE A 94 -4.96 -7.23 13.77
N THR A 95 -4.81 -8.52 14.07
CA THR A 95 -5.42 -9.11 15.24
C THR A 95 -4.46 -10.07 15.92
N LYS A 96 -3.19 -9.96 15.56
CA LYS A 96 -2.14 -10.86 16.01
C LYS A 96 -2.40 -12.29 15.54
N SER A 97 -1.46 -13.18 15.83
CA SER A 97 -1.56 -14.57 15.40
C SER A 97 -2.22 -15.42 16.49
N ASN A 98 -3.24 -14.88 17.14
CA ASN A 98 -3.95 -15.59 18.19
C ASN A 98 -5.38 -15.06 18.29
N LEU A 99 -6.06 -14.98 17.16
CA LEU A 99 -7.43 -14.48 17.10
C LEU A 99 -8.21 -15.26 16.05
N GLY A 1 2.00 -18.60 4.09
CA GLY A 1 3.44 -18.92 4.21
C GLY A 1 4.28 -17.69 4.45
N ALA A 2 3.92 -16.92 5.48
CA ALA A 2 4.63 -15.68 5.77
C ALA A 2 4.99 -15.61 7.26
N MET A 3 5.10 -16.75 7.92
CA MET A 3 5.48 -16.76 9.34
C MET A 3 6.88 -17.36 9.51
N GLY A 4 7.50 -17.67 8.39
CA GLY A 4 8.87 -18.17 8.41
C GLY A 4 9.75 -17.35 7.49
N ALA A 5 9.26 -17.12 6.28
CA ALA A 5 9.91 -16.22 5.34
C ALA A 5 9.20 -14.88 5.33
N LYS A 6 9.76 -13.92 6.04
CA LYS A 6 9.12 -12.63 6.22
C LYS A 6 9.82 -11.53 5.43
N SER A 7 11.10 -11.74 5.11
CA SER A 7 11.85 -10.76 4.34
C SER A 7 12.85 -11.45 3.42
N MET A 8 12.35 -11.91 2.29
CA MET A 8 13.17 -12.61 1.33
C MET A 8 13.56 -11.73 0.15
N TRP A 9 13.00 -10.53 0.12
CA TRP A 9 13.35 -9.58 -0.93
C TRP A 9 14.42 -8.63 -0.41
N THR A 10 15.41 -8.37 -1.23
CA THR A 10 16.51 -7.51 -0.85
C THR A 10 16.63 -6.35 -1.84
N GLU A 11 16.95 -5.16 -1.33
CA GLU A 11 17.03 -3.96 -2.15
C GLU A 11 18.47 -3.74 -2.63
N HIS A 12 18.65 -3.52 -3.93
CA HIS A 12 19.97 -3.21 -4.47
C HIS A 12 19.90 -2.01 -5.40
N LYS A 13 20.90 -1.14 -5.35
CA LYS A 13 20.92 0.04 -6.21
C LYS A 13 22.15 0.02 -7.12
N SER A 14 21.93 0.13 -8.42
CA SER A 14 23.02 0.15 -9.38
C SER A 14 23.61 1.57 -9.47
N PRO A 15 24.78 1.74 -10.09
CA PRO A 15 25.49 3.04 -10.10
C PRO A 15 24.63 4.23 -10.54
N ASP A 16 23.68 3.98 -11.45
CA ASP A 16 22.86 5.05 -12.00
C ASP A 16 21.69 5.41 -11.08
N GLY A 17 21.64 4.81 -9.89
CA GLY A 17 20.66 5.21 -8.89
C GLY A 17 19.33 4.49 -9.02
N ARG A 18 19.22 3.57 -9.98
CA ARG A 18 18.01 2.79 -10.14
C ARG A 18 18.07 1.55 -9.26
N THR A 19 16.93 1.17 -8.72
CA THR A 19 16.85 0.08 -7.77
C THR A 19 16.17 -1.15 -8.37
N TYR A 20 16.69 -2.32 -8.03
CA TYR A 20 16.04 -3.57 -8.42
C TYR A 20 15.96 -4.49 -7.21
N TYR A 21 14.97 -5.36 -7.20
CA TYR A 21 14.68 -6.16 -6.03
C TYR A 21 15.01 -7.64 -6.28
N TYR A 22 15.69 -8.26 -5.31
CA TYR A 22 16.15 -9.65 -5.46
C TYR A 22 15.53 -10.54 -4.39
N ASN A 23 14.92 -11.65 -4.82
CA ASN A 23 14.33 -12.62 -3.90
C ASN A 23 15.36 -13.68 -3.57
N THR A 24 15.77 -13.74 -2.32
CA THR A 24 16.86 -14.61 -1.91
C THR A 24 16.49 -16.08 -1.97
N GLU A 25 15.19 -16.37 -1.99
CA GLU A 25 14.71 -17.74 -2.00
C GLU A 25 14.65 -18.28 -3.42
N THR A 26 13.96 -17.56 -4.30
CA THR A 26 13.72 -18.03 -5.65
C THR A 26 14.78 -17.51 -6.62
N LYS A 27 15.61 -16.59 -6.13
CA LYS A 27 16.70 -16.00 -6.91
C LYS A 27 16.15 -15.24 -8.12
N GLN A 28 14.90 -14.80 -8.01
CA GLN A 28 14.25 -13.98 -9.02
C GLN A 28 14.57 -12.52 -8.78
N SER A 29 14.90 -11.81 -9.84
CA SER A 29 15.14 -10.39 -9.78
C SER A 29 14.03 -9.65 -10.54
N THR A 30 13.55 -8.55 -9.99
CA THR A 30 12.47 -7.82 -10.64
C THR A 30 12.66 -6.30 -10.52
N TRP A 31 12.17 -5.57 -11.52
CA TRP A 31 12.18 -4.10 -11.50
C TRP A 31 10.92 -3.56 -10.84
N GLU A 32 9.98 -4.45 -10.53
CA GLU A 32 8.70 -4.05 -9.96
C GLU A 32 8.68 -4.27 -8.45
N LYS A 33 7.99 -3.40 -7.73
CA LYS A 33 7.98 -3.45 -6.28
C LYS A 33 7.07 -4.59 -5.79
N PRO A 34 7.61 -5.58 -5.04
CA PRO A 34 6.81 -6.68 -4.48
C PRO A 34 5.74 -6.20 -3.50
N ASP A 35 4.68 -6.99 -3.40
CA ASP A 35 3.58 -6.73 -2.47
C ASP A 35 4.06 -6.65 -1.03
N ASP A 36 5.07 -7.43 -0.69
CA ASP A 36 5.59 -7.44 0.67
C ASP A 36 6.38 -6.19 0.98
N LEU A 37 6.74 -5.44 -0.06
CA LEU A 37 7.48 -4.19 0.13
C LEU A 37 6.62 -2.98 -0.26
N LYS A 38 5.35 -3.25 -0.55
CA LYS A 38 4.35 -2.20 -0.76
C LYS A 38 4.15 -1.39 0.51
N THR A 39 3.53 -0.24 0.41
CA THR A 39 3.34 0.62 1.57
C THR A 39 2.54 -0.12 2.66
N PRO A 40 2.66 0.26 3.96
CA PRO A 40 2.03 -0.51 5.04
C PRO A 40 0.55 -0.80 4.78
N ALA A 41 -0.15 0.20 4.24
CA ALA A 41 -1.57 0.08 3.94
C ALA A 41 -1.86 -1.07 2.98
N GLU A 42 -1.06 -1.14 1.93
CA GLU A 42 -1.24 -2.16 0.90
C GLU A 42 -0.94 -3.54 1.44
N GLN A 43 0.11 -3.63 2.25
CA GLN A 43 0.45 -4.89 2.90
C GLN A 43 -0.62 -5.26 3.90
N LEU A 44 -1.16 -4.23 4.55
CA LEU A 44 -2.19 -4.41 5.55
C LEU A 44 -3.42 -5.05 4.92
N LEU A 45 -3.67 -4.73 3.66
CA LEU A 45 -4.83 -5.25 2.96
C LEU A 45 -4.65 -6.72 2.64
N SER A 46 -3.45 -7.09 2.25
CA SER A 46 -3.13 -8.47 1.94
C SER A 46 -2.86 -9.29 3.20
N LYS A 47 -2.49 -8.61 4.28
CA LYS A 47 -2.09 -9.27 5.52
C LYS A 47 -3.13 -9.14 6.61
N CYS A 48 -4.30 -8.59 6.28
CA CYS A 48 -5.39 -8.50 7.23
C CYS A 48 -5.84 -9.92 7.59
N PRO A 49 -6.19 -10.19 8.87
CA PRO A 49 -6.42 -11.57 9.30
C PRO A 49 -7.75 -12.15 8.82
N TRP A 50 -8.53 -11.36 8.09
CA TRP A 50 -9.79 -11.84 7.54
C TRP A 50 -9.70 -11.98 6.02
N LYS A 51 -10.09 -13.15 5.52
CA LYS A 51 -10.09 -13.41 4.08
C LYS A 51 -11.46 -13.93 3.65
N GLU A 52 -11.81 -13.64 2.40
CA GLU A 52 -13.10 -14.05 1.85
C GLU A 52 -12.93 -15.17 0.82
N TYR A 53 -13.75 -16.19 0.93
CA TYR A 53 -13.77 -17.25 -0.07
C TYR A 53 -15.22 -17.59 -0.42
N LYS A 54 -15.44 -18.12 -1.62
CA LYS A 54 -16.79 -18.39 -2.10
C LYS A 54 -17.17 -19.86 -1.91
N SER A 55 -18.37 -20.10 -1.42
CA SER A 55 -18.91 -21.44 -1.33
C SER A 55 -19.51 -21.81 -2.70
N ASP A 56 -19.74 -23.10 -2.98
CA ASP A 56 -20.22 -23.50 -4.33
C ASP A 56 -21.54 -22.82 -4.70
N SER A 57 -22.30 -22.42 -3.69
CA SER A 57 -23.58 -21.74 -3.91
C SER A 57 -23.39 -20.23 -4.14
N GLY A 58 -22.14 -19.80 -4.25
CA GLY A 58 -21.85 -18.40 -4.56
C GLY A 58 -21.89 -17.51 -3.34
N LYS A 59 -22.14 -18.09 -2.17
CA LYS A 59 -22.24 -17.34 -0.94
C LYS A 59 -20.86 -17.25 -0.26
N PRO A 60 -20.33 -16.02 -0.02
CA PRO A 60 -19.03 -15.85 0.65
C PRO A 60 -19.07 -16.21 2.14
N TYR A 61 -17.91 -16.59 2.67
CA TYR A 61 -17.73 -16.75 4.11
C TYR A 61 -16.36 -16.20 4.49
N TYR A 62 -16.20 -15.78 5.75
CA TYR A 62 -15.01 -15.06 6.15
C TYR A 62 -14.22 -15.84 7.20
N TYR A 63 -12.93 -16.06 6.94
CA TYR A 63 -12.07 -16.86 7.83
C TYR A 63 -10.92 -16.00 8.39
N ASN A 64 -10.68 -16.10 9.70
CA ASN A 64 -9.59 -15.36 10.36
C ASN A 64 -8.35 -16.26 10.43
N SER A 65 -7.29 -15.83 9.75
CA SER A 65 -6.09 -16.64 9.61
C SER A 65 -5.32 -16.75 10.93
N GLN A 66 -5.59 -15.85 11.87
CA GLN A 66 -4.91 -15.86 13.15
C GLN A 66 -5.60 -16.77 14.14
N THR A 67 -6.90 -16.56 14.30
CA THR A 67 -7.66 -17.21 15.35
C THR A 67 -8.41 -18.45 14.85
N LYS A 68 -8.38 -18.67 13.54
CA LYS A 68 -9.04 -19.81 12.90
C LYS A 68 -10.56 -19.75 13.08
N GLU A 69 -11.09 -18.55 13.30
CA GLU A 69 -12.53 -18.34 13.45
C GLU A 69 -13.19 -18.16 12.09
N SER A 70 -14.38 -18.73 11.93
CA SER A 70 -15.16 -18.58 10.71
C SER A 70 -16.54 -18.00 11.03
N ARG A 71 -17.04 -17.12 10.17
CA ARG A 71 -18.36 -16.53 10.34
C ARG A 71 -19.01 -16.22 9.00
N TRP A 72 -20.35 -16.24 8.99
CA TRP A 72 -21.11 -15.88 7.79
C TRP A 72 -21.41 -14.39 7.78
N ALA A 73 -21.06 -13.70 8.86
CA ALA A 73 -21.30 -12.28 8.98
C ALA A 73 -20.01 -11.51 8.81
N LYS A 74 -20.11 -10.34 8.20
CA LYS A 74 -18.95 -9.53 7.90
C LYS A 74 -18.41 -8.86 9.18
N PRO A 75 -17.13 -9.12 9.53
CA PRO A 75 -16.47 -8.43 10.65
C PRO A 75 -16.19 -6.97 10.32
N LYS A 76 -16.43 -6.11 11.31
CA LYS A 76 -16.27 -4.66 11.17
C LYS A 76 -14.84 -4.28 10.78
N GLU A 77 -13.88 -5.10 11.19
CA GLU A 77 -12.48 -4.88 10.85
C GLU A 77 -12.30 -4.81 9.34
N LEU A 78 -13.07 -5.61 8.62
CA LEU A 78 -12.98 -5.67 7.17
C LEU A 78 -13.79 -4.55 6.55
N GLU A 79 -14.87 -4.17 7.22
CA GLU A 79 -15.71 -3.07 6.77
C GLU A 79 -14.92 -1.77 6.74
N ASP A 80 -14.04 -1.61 7.71
CA ASP A 80 -13.16 -0.44 7.78
C ASP A 80 -12.21 -0.44 6.58
N LEU A 81 -11.80 -1.64 6.18
CA LEU A 81 -10.93 -1.80 5.02
C LEU A 81 -11.67 -1.46 3.75
N GLU A 82 -12.89 -1.96 3.64
CA GLU A 82 -13.70 -1.77 2.44
C GLU A 82 -13.99 -0.29 2.21
N GLY A 83 -14.13 0.45 3.29
CA GLY A 83 -14.31 1.89 3.19
C GLY A 83 -13.13 2.56 2.53
N TYR A 84 -11.95 2.05 2.82
CA TYR A 84 -10.71 2.58 2.26
C TYR A 84 -10.43 1.97 0.88
N GLN A 85 -10.81 0.71 0.69
CA GLN A 85 -10.63 0.04 -0.60
C GLN A 85 -11.43 0.74 -1.69
N ASN A 86 -12.54 1.36 -1.29
CA ASN A 86 -13.38 2.11 -2.21
C ASN A 86 -12.63 3.36 -2.69
N THR A 87 -11.85 3.94 -1.79
CA THR A 87 -11.14 5.18 -2.06
C THR A 87 -10.08 5.01 -3.15
N ILE A 88 -9.56 3.80 -3.29
CA ILE A 88 -8.53 3.53 -4.29
C ILE A 88 -9.10 3.59 -5.70
N VAL A 89 -10.05 2.71 -6.01
CA VAL A 89 -10.56 2.62 -7.38
C VAL A 89 -11.62 3.68 -7.65
N ALA A 90 -12.08 4.34 -6.58
CA ALA A 90 -12.99 5.46 -6.72
C ALA A 90 -12.34 6.71 -6.19
N GLY A 91 -11.24 7.09 -6.82
CA GLY A 91 -10.47 8.24 -6.39
C GLY A 91 -9.14 8.34 -7.12
N SER A 92 -8.48 7.21 -7.27
CA SER A 92 -7.21 7.16 -8.00
C SER A 92 -7.33 6.26 -9.23
N LEU A 93 -7.44 6.88 -10.40
CA LEU A 93 -7.54 6.12 -11.64
C LEU A 93 -6.15 5.67 -12.09
N ILE A 94 -5.24 6.62 -12.32
CA ILE A 94 -3.85 6.31 -12.58
C ILE A 94 -2.98 7.27 -11.76
N THR A 95 -3.66 8.17 -11.06
CA THR A 95 -2.98 9.20 -10.27
C THR A 95 -2.39 8.60 -9.00
N LYS A 96 -1.07 8.60 -8.91
CA LYS A 96 -0.38 8.11 -7.72
C LYS A 96 0.22 9.28 -6.95
N SER A 97 0.10 10.46 -7.53
CA SER A 97 0.59 11.68 -6.91
C SER A 97 -0.18 12.86 -7.47
N ASN A 98 0.31 14.09 -7.21
CA ASN A 98 -0.34 15.32 -7.68
C ASN A 98 -1.74 15.46 -7.06
N LEU A 99 -1.81 16.20 -5.96
CA LEU A 99 -3.06 16.39 -5.25
C LEU A 99 -3.15 17.82 -4.75
N GLY A 1 1.56 -15.46 10.86
CA GLY A 1 1.93 -16.77 11.45
C GLY A 1 3.33 -17.19 11.07
N ALA A 2 3.76 -18.36 11.53
CA ALA A 2 5.09 -18.86 11.25
C ALA A 2 5.09 -19.80 10.05
N MET A 3 4.05 -19.71 9.22
CA MET A 3 3.93 -20.59 8.05
C MET A 3 4.39 -19.84 6.81
N GLY A 4 5.16 -18.79 7.02
CA GLY A 4 5.66 -17.99 5.92
C GLY A 4 6.84 -17.14 6.35
N ALA A 5 7.47 -16.47 5.41
CA ALA A 5 8.61 -15.63 5.70
C ALA A 5 8.40 -14.22 5.20
N LYS A 6 8.82 -13.24 5.99
CA LYS A 6 8.65 -11.84 5.62
C LYS A 6 9.60 -11.46 4.50
N SER A 7 9.02 -10.89 3.44
CA SER A 7 9.76 -10.37 2.28
C SER A 7 10.51 -11.46 1.52
N MET A 8 11.71 -11.81 1.98
CA MET A 8 12.63 -12.66 1.23
C MET A 8 13.11 -11.93 -0.02
N TRP A 9 13.02 -10.61 0.07
CA TRP A 9 13.43 -9.72 -0.99
C TRP A 9 14.50 -8.77 -0.48
N THR A 10 15.49 -8.49 -1.30
CA THR A 10 16.59 -7.64 -0.93
C THR A 10 16.68 -6.44 -1.89
N GLU A 11 17.09 -5.29 -1.37
CA GLU A 11 17.09 -4.05 -2.13
C GLU A 11 18.51 -3.63 -2.50
N HIS A 12 18.75 -3.32 -3.78
CA HIS A 12 20.07 -2.83 -4.19
C HIS A 12 19.95 -1.67 -5.18
N LYS A 13 20.85 -0.67 -5.06
CA LYS A 13 20.87 0.46 -6.00
C LYS A 13 22.01 0.29 -6.99
N SER A 14 21.70 0.35 -8.28
CA SER A 14 22.73 0.23 -9.31
C SER A 14 23.45 1.56 -9.48
N PRO A 15 24.61 1.59 -10.17
CA PRO A 15 25.39 2.83 -10.34
C PRO A 15 24.57 4.01 -10.88
N ASP A 16 23.59 3.73 -11.73
CA ASP A 16 22.76 4.79 -12.33
C ASP A 16 21.64 5.24 -11.38
N GLY A 17 21.65 4.73 -10.15
CA GLY A 17 20.73 5.21 -9.14
C GLY A 17 19.43 4.43 -9.07
N ARG A 18 19.17 3.60 -10.08
CA ARG A 18 17.95 2.79 -10.11
C ARG A 18 18.05 1.60 -9.17
N THR A 19 16.94 1.26 -8.54
CA THR A 19 16.90 0.17 -7.58
C THR A 19 16.30 -1.09 -8.20
N TYR A 20 16.85 -2.24 -7.85
CA TYR A 20 16.28 -3.51 -8.27
C TYR A 20 16.18 -4.45 -7.07
N TYR A 21 15.22 -5.36 -7.12
CA TYR A 21 14.92 -6.20 -5.98
C TYR A 21 15.25 -7.67 -6.27
N TYR A 22 15.88 -8.35 -5.30
CA TYR A 22 16.30 -9.74 -5.46
C TYR A 22 15.64 -10.64 -4.42
N ASN A 23 15.03 -11.73 -4.87
CA ASN A 23 14.37 -12.68 -3.95
C ASN A 23 15.37 -13.75 -3.57
N THR A 24 15.70 -13.82 -2.29
CA THR A 24 16.77 -14.69 -1.81
C THR A 24 16.38 -16.17 -1.88
N GLU A 25 15.09 -16.44 -1.96
CA GLU A 25 14.61 -17.80 -2.00
C GLU A 25 14.58 -18.34 -3.44
N THR A 26 13.94 -17.60 -4.33
CA THR A 26 13.74 -18.06 -5.69
C THR A 26 14.82 -17.55 -6.63
N LYS A 27 15.65 -16.64 -6.13
CA LYS A 27 16.75 -16.06 -6.88
C LYS A 27 16.27 -15.24 -8.08
N GLN A 28 15.01 -14.81 -8.02
CA GLN A 28 14.41 -14.01 -9.07
C GLN A 28 14.70 -12.52 -8.85
N SER A 29 14.89 -11.80 -9.95
CA SER A 29 15.11 -10.37 -9.92
C SER A 29 13.93 -9.63 -10.56
N THR A 30 13.56 -8.47 -10.01
CA THR A 30 12.47 -7.69 -10.58
C THR A 30 12.72 -6.18 -10.45
N TRP A 31 12.12 -5.39 -11.36
CA TRP A 31 12.23 -3.93 -11.32
C TRP A 31 11.02 -3.29 -10.63
N GLU A 32 10.08 -4.12 -10.18
CA GLU A 32 8.89 -3.60 -9.51
C GLU A 32 8.92 -3.95 -8.03
N LYS A 33 8.39 -3.06 -7.19
CA LYS A 33 8.33 -3.28 -5.76
C LYS A 33 7.41 -4.47 -5.46
N PRO A 34 7.93 -5.55 -4.84
CA PRO A 34 7.09 -6.71 -4.51
C PRO A 34 5.96 -6.38 -3.57
N ASP A 35 4.83 -7.02 -3.80
CA ASP A 35 3.64 -6.86 -2.98
C ASP A 35 3.89 -7.19 -1.52
N ASP A 36 4.85 -8.07 -1.25
CA ASP A 36 5.17 -8.44 0.13
C ASP A 36 5.82 -7.28 0.87
N LEU A 37 6.42 -6.37 0.12
CA LEU A 37 7.08 -5.22 0.73
C LEU A 37 6.12 -4.05 0.84
N LYS A 38 5.04 -4.10 0.09
CA LYS A 38 4.08 -3.02 0.08
C LYS A 38 3.08 -3.23 1.21
N THR A 39 2.85 -2.19 1.98
CA THR A 39 2.01 -2.30 3.15
C THR A 39 0.53 -2.39 2.71
N PRO A 40 -0.40 -2.86 3.58
CA PRO A 40 -1.81 -2.97 3.18
C PRO A 40 -2.34 -1.69 2.53
N ALA A 41 -1.94 -0.55 3.08
CA ALA A 41 -2.35 0.75 2.56
C ALA A 41 -1.94 0.92 1.10
N GLU A 42 -0.71 0.52 0.79
CA GLU A 42 -0.21 0.62 -0.58
C GLU A 42 -1.01 -0.27 -1.51
N GLN A 43 -1.32 -1.47 -1.03
CA GLN A 43 -2.08 -2.42 -1.81
C GLN A 43 -3.52 -1.92 -1.96
N LEU A 44 -3.99 -1.28 -0.90
CA LEU A 44 -5.30 -0.64 -0.88
C LEU A 44 -5.36 0.45 -1.94
N LEU A 45 -4.27 1.18 -2.10
CA LEU A 45 -4.20 2.25 -3.10
C LEU A 45 -4.35 1.67 -4.49
N SER A 46 -3.76 0.50 -4.70
CA SER A 46 -3.83 -0.16 -5.98
C SER A 46 -5.19 -0.84 -6.17
N LYS A 47 -5.94 -0.96 -5.09
CA LYS A 47 -7.25 -1.60 -5.13
C LYS A 47 -8.39 -0.58 -5.17
N CYS A 48 -8.04 0.70 -5.25
CA CYS A 48 -9.04 1.73 -5.49
C CYS A 48 -9.42 1.64 -6.98
N PRO A 49 -10.72 1.74 -7.34
CA PRO A 49 -11.14 1.42 -8.71
C PRO A 49 -10.72 2.47 -9.72
N TRP A 50 -10.16 3.57 -9.25
CA TRP A 50 -9.66 4.60 -10.13
C TRP A 50 -8.13 4.65 -10.05
N LYS A 51 -7.48 4.64 -11.21
CA LYS A 51 -6.02 4.75 -11.29
C LYS A 51 -5.64 5.71 -12.42
N GLU A 52 -4.48 6.35 -12.26
CA GLU A 52 -4.01 7.33 -13.23
C GLU A 52 -2.89 6.76 -14.09
N TYR A 53 -2.96 7.02 -15.38
CA TYR A 53 -1.89 6.63 -16.30
C TYR A 53 -1.60 7.82 -17.24
N LYS A 54 -0.39 7.87 -17.78
CA LYS A 54 0.06 9.02 -18.57
C LYS A 54 -0.06 8.77 -20.06
N SER A 55 -0.54 9.77 -20.77
CA SER A 55 -0.59 9.74 -22.23
C SER A 55 0.76 10.26 -22.77
N ASP A 56 1.07 10.05 -24.05
CA ASP A 56 2.42 10.41 -24.59
C ASP A 56 2.76 11.88 -24.35
N SER A 57 1.75 12.73 -24.28
CA SER A 57 1.95 14.16 -24.05
C SER A 57 2.11 14.49 -22.57
N GLY A 58 2.20 13.47 -21.73
CA GLY A 58 2.42 13.68 -20.30
C GLY A 58 1.13 13.99 -19.56
N LYS A 59 0.02 13.99 -20.27
CA LYS A 59 -1.28 14.33 -19.69
C LYS A 59 -1.93 13.06 -19.11
N PRO A 60 -2.26 13.05 -17.79
CA PRO A 60 -2.91 11.89 -17.17
C PRO A 60 -4.37 11.70 -17.60
N TYR A 61 -4.83 10.45 -17.52
CA TYR A 61 -6.25 10.16 -17.67
C TYR A 61 -6.63 9.09 -16.64
N TYR A 62 -7.89 9.05 -16.25
CA TYR A 62 -8.29 8.22 -15.12
C TYR A 62 -9.21 7.08 -15.58
N TYR A 63 -8.86 5.84 -15.22
CA TYR A 63 -9.60 4.65 -15.65
C TYR A 63 -10.17 3.90 -14.44
N ASN A 64 -11.45 3.52 -14.51
CA ASN A 64 -12.08 2.71 -13.47
C ASN A 64 -12.00 1.24 -13.86
N SER A 65 -11.27 0.47 -13.08
CA SER A 65 -11.00 -0.93 -13.41
C SER A 65 -12.23 -1.81 -13.29
N GLN A 66 -13.22 -1.37 -12.53
CA GLN A 66 -14.41 -2.16 -12.32
C GLN A 66 -15.41 -1.94 -13.45
N THR A 67 -15.71 -0.69 -13.70
CA THR A 67 -16.77 -0.32 -14.64
C THR A 67 -16.22 -0.01 -16.04
N LYS A 68 -14.89 0.02 -16.17
CA LYS A 68 -14.22 0.30 -17.44
C LYS A 68 -14.52 1.71 -17.96
N GLU A 69 -14.91 2.61 -17.06
CA GLU A 69 -15.20 3.99 -17.44
C GLU A 69 -13.91 4.82 -17.48
N SER A 70 -13.83 5.73 -18.43
CA SER A 70 -12.67 6.59 -18.59
C SER A 70 -13.10 8.07 -18.61
N ARG A 71 -12.30 8.94 -17.99
CA ARG A 71 -12.58 10.37 -17.97
C ARG A 71 -11.30 11.18 -17.91
N TRP A 72 -11.37 12.42 -18.41
CA TRP A 72 -10.23 13.34 -18.37
C TRP A 72 -10.36 14.29 -17.18
N ALA A 73 -11.35 14.04 -16.33
CA ALA A 73 -11.56 14.83 -15.13
C ALA A 73 -11.43 13.97 -13.89
N LYS A 74 -10.89 14.55 -12.82
CA LYS A 74 -10.64 13.82 -11.59
C LYS A 74 -11.96 13.49 -10.88
N PRO A 75 -12.25 12.19 -10.67
CA PRO A 75 -13.41 11.77 -9.87
C PRO A 75 -13.23 12.07 -8.38
N LYS A 76 -14.31 12.56 -7.76
CA LYS A 76 -14.32 12.91 -6.34
C LYS A 76 -13.92 11.73 -5.47
N GLU A 77 -14.29 10.53 -5.89
CA GLU A 77 -13.92 9.32 -5.18
C GLU A 77 -12.40 9.20 -5.01
N LEU A 78 -11.66 9.67 -6.01
CA LEU A 78 -10.20 9.60 -5.96
C LEU A 78 -9.66 10.75 -5.15
N GLU A 79 -10.41 11.83 -5.10
CA GLU A 79 -10.03 12.99 -4.30
C GLU A 79 -9.90 12.59 -2.83
N ASP A 80 -10.82 11.75 -2.37
CA ASP A 80 -10.77 11.22 -1.01
C ASP A 80 -9.56 10.31 -0.85
N LEU A 81 -9.17 9.65 -1.93
CA LEU A 81 -8.00 8.78 -1.94
C LEU A 81 -6.74 9.61 -1.83
N GLU A 82 -6.71 10.72 -2.56
CA GLU A 82 -5.57 11.62 -2.56
C GLU A 82 -5.36 12.21 -1.18
N GLY A 83 -6.45 12.53 -0.51
CA GLY A 83 -6.39 13.04 0.85
C GLY A 83 -5.81 12.03 1.81
N TYR A 84 -6.11 10.77 1.55
CA TYR A 84 -5.63 9.66 2.37
C TYR A 84 -4.19 9.29 2.01
N GLN A 85 -3.82 9.47 0.75
CA GLN A 85 -2.45 9.22 0.32
C GLN A 85 -1.49 10.19 1.01
N ASN A 86 -1.96 11.40 1.24
CA ASN A 86 -1.16 12.43 1.92
C ASN A 86 -0.97 12.07 3.38
N THR A 87 -1.83 11.19 3.87
CA THR A 87 -1.78 10.77 5.27
C THR A 87 -0.70 9.71 5.48
N ILE A 88 -0.48 8.87 4.47
CA ILE A 88 0.45 7.75 4.59
C ILE A 88 1.90 8.21 4.59
N VAL A 89 2.34 8.80 3.49
CA VAL A 89 3.75 9.11 3.30
C VAL A 89 4.15 10.42 3.96
N ALA A 90 3.28 10.93 4.82
CA ALA A 90 3.57 12.16 5.53
C ALA A 90 3.35 11.98 7.03
N GLY A 91 3.51 10.76 7.49
CA GLY A 91 3.33 10.45 8.90
C GLY A 91 4.59 10.68 9.70
N SER A 92 5.53 11.40 9.09
CA SER A 92 6.80 11.73 9.74
C SER A 92 6.90 13.23 9.97
N LEU A 93 5.77 13.90 9.88
CA LEU A 93 5.73 15.35 10.06
C LEU A 93 5.07 15.69 11.40
N ILE A 94 5.41 16.85 11.95
CA ILE A 94 4.85 17.29 13.22
C ILE A 94 3.45 17.89 13.01
N THR A 95 2.67 17.23 12.17
CA THR A 95 1.34 17.67 11.81
C THR A 95 0.75 16.70 10.79
N LYS A 96 -0.49 16.27 11.01
CA LYS A 96 -1.14 15.31 10.11
C LYS A 96 -2.59 15.70 9.87
N SER A 97 -2.96 16.91 10.27
CA SER A 97 -4.30 17.41 10.04
C SER A 97 -4.29 18.93 9.82
N ASN A 98 -3.09 19.49 9.63
CA ASN A 98 -2.97 20.92 9.39
C ASN A 98 -2.03 21.17 8.21
N LEU A 99 -0.76 20.80 8.40
CA LEU A 99 0.26 20.94 7.36
C LEU A 99 0.31 22.38 6.83
N GLY A 1 10.28 -4.93 20.18
CA GLY A 1 10.88 -5.57 18.98
C GLY A 1 10.02 -5.42 17.75
N ALA A 2 10.59 -4.88 16.69
CA ALA A 2 9.88 -4.70 15.44
C ALA A 2 10.78 -5.06 14.26
N MET A 3 11.70 -6.00 14.49
CA MET A 3 12.65 -6.39 13.46
C MET A 3 12.26 -7.75 12.88
N GLY A 4 10.98 -8.05 12.91
CA GLY A 4 10.51 -9.32 12.39
C GLY A 4 9.48 -9.14 11.29
N ALA A 5 9.87 -9.49 10.08
CA ALA A 5 9.00 -9.34 8.93
C ALA A 5 9.41 -10.31 7.84
N LYS A 6 8.44 -10.79 7.08
CA LYS A 6 8.71 -11.66 5.96
C LYS A 6 9.42 -10.87 4.87
N SER A 7 10.73 -11.04 4.80
CA SER A 7 11.55 -10.23 3.91
C SER A 7 12.60 -11.06 3.19
N MET A 8 12.16 -11.80 2.19
CA MET A 8 13.05 -12.60 1.36
C MET A 8 13.45 -11.81 0.13
N TRP A 9 13.14 -10.53 0.14
CA TRP A 9 13.51 -9.63 -0.93
C TRP A 9 14.62 -8.71 -0.46
N THR A 10 15.55 -8.44 -1.35
CA THR A 10 16.68 -7.58 -1.04
C THR A 10 16.73 -6.40 -2.02
N GLU A 11 17.13 -5.24 -1.53
CA GLU A 11 17.12 -4.02 -2.34
C GLU A 11 18.54 -3.64 -2.74
N HIS A 12 18.76 -3.39 -4.04
CA HIS A 12 20.09 -2.97 -4.50
C HIS A 12 19.97 -1.75 -5.42
N LYS A 13 20.92 -0.82 -5.30
CA LYS A 13 20.95 0.35 -6.18
C LYS A 13 22.14 0.25 -7.14
N SER A 14 21.88 0.22 -8.44
CA SER A 14 22.94 0.26 -9.43
C SER A 14 23.54 1.66 -9.48
N PRO A 15 24.74 1.86 -10.06
CA PRO A 15 25.47 3.14 -9.98
C PRO A 15 24.63 4.37 -10.39
N ASP A 16 23.73 4.18 -11.35
CA ASP A 16 22.94 5.31 -11.88
C ASP A 16 21.76 5.65 -10.96
N GLY A 17 21.65 4.95 -9.84
CA GLY A 17 20.61 5.29 -8.88
C GLY A 17 19.32 4.49 -9.08
N ARG A 18 19.33 3.54 -10.00
CA ARG A 18 18.16 2.70 -10.21
C ARG A 18 18.18 1.51 -9.27
N THR A 19 17.02 1.15 -8.75
CA THR A 19 16.92 0.06 -7.78
C THR A 19 16.23 -1.15 -8.39
N TYR A 20 16.73 -2.34 -8.05
CA TYR A 20 16.06 -3.57 -8.44
C TYR A 20 15.97 -4.49 -7.22
N TYR A 21 15.00 -5.39 -7.24
CA TYR A 21 14.71 -6.21 -6.07
C TYR A 21 15.04 -7.68 -6.33
N TYR A 22 15.72 -8.32 -5.38
CA TYR A 22 16.15 -9.71 -5.54
C TYR A 22 15.56 -10.60 -4.46
N ASN A 23 14.92 -11.70 -4.86
CA ASN A 23 14.31 -12.65 -3.93
C ASN A 23 15.33 -13.74 -3.61
N THR A 24 15.75 -13.79 -2.35
CA THR A 24 16.81 -14.69 -1.95
C THR A 24 16.37 -16.16 -1.98
N GLU A 25 15.07 -16.37 -1.93
CA GLU A 25 14.51 -17.72 -1.88
C GLU A 25 14.45 -18.33 -3.27
N THR A 26 13.87 -17.62 -4.21
CA THR A 26 13.66 -18.13 -5.55
C THR A 26 14.72 -17.64 -6.52
N LYS A 27 15.57 -16.72 -6.04
CA LYS A 27 16.65 -16.15 -6.83
C LYS A 27 16.11 -15.38 -8.04
N GLN A 28 14.86 -14.94 -7.94
CA GLN A 28 14.22 -14.12 -8.97
C GLN A 28 14.56 -12.65 -8.76
N SER A 29 14.74 -11.93 -9.86
CA SER A 29 15.02 -10.51 -9.82
C SER A 29 13.94 -9.73 -10.57
N THR A 30 13.46 -8.64 -9.99
CA THR A 30 12.38 -7.87 -10.60
C THR A 30 12.62 -6.37 -10.47
N TRP A 31 12.09 -5.60 -11.44
CA TRP A 31 12.16 -4.14 -11.40
C TRP A 31 10.97 -3.56 -10.63
N GLU A 32 9.98 -4.39 -10.34
CA GLU A 32 8.75 -3.92 -9.70
C GLU A 32 8.78 -4.18 -8.20
N LYS A 33 8.10 -3.32 -7.45
CA LYS A 33 8.03 -3.45 -6.00
C LYS A 33 7.16 -4.67 -5.63
N PRO A 34 7.71 -5.68 -4.91
CA PRO A 34 6.95 -6.86 -4.50
C PRO A 34 5.77 -6.54 -3.58
N ASP A 35 4.74 -7.38 -3.66
CA ASP A 35 3.59 -7.31 -2.77
C ASP A 35 4.02 -7.42 -1.31
N ASP A 36 5.02 -8.25 -1.04
CA ASP A 36 5.52 -8.46 0.31
C ASP A 36 6.15 -7.21 0.92
N LEU A 37 6.45 -6.23 0.09
CA LEU A 37 7.02 -4.96 0.57
C LEU A 37 5.99 -3.83 0.48
N LYS A 38 4.78 -4.17 0.06
CA LYS A 38 3.64 -3.26 0.10
C LYS A 38 3.19 -3.04 1.54
N THR A 39 2.37 -2.03 1.76
CA THR A 39 1.86 -1.74 3.08
C THR A 39 1.07 -2.94 3.62
N PRO A 40 1.13 -3.24 4.96
CA PRO A 40 0.53 -4.48 5.50
C PRO A 40 -0.92 -4.69 5.07
N ALA A 41 -1.73 -3.65 5.15
CA ALA A 41 -3.14 -3.73 4.79
C ALA A 41 -3.32 -4.18 3.35
N GLU A 42 -2.52 -3.59 2.48
CA GLU A 42 -2.59 -3.87 1.06
C GLU A 42 -2.21 -5.31 0.78
N GLN A 43 -1.21 -5.79 1.51
CA GLN A 43 -0.82 -7.19 1.42
C GLN A 43 -1.94 -8.06 1.92
N LEU A 44 -2.49 -7.68 3.07
CA LEU A 44 -3.52 -8.45 3.72
C LEU A 44 -4.77 -8.57 2.87
N LEU A 45 -5.04 -7.57 2.05
CA LEU A 45 -6.21 -7.61 1.19
C LEU A 45 -6.00 -8.62 0.08
N SER A 46 -4.80 -8.65 -0.45
CA SER A 46 -4.47 -9.59 -1.51
C SER A 46 -4.14 -10.97 -0.96
N LYS A 47 -3.71 -11.02 0.31
CA LYS A 47 -3.19 -12.23 0.91
C LYS A 47 -4.18 -12.92 1.82
N CYS A 48 -5.31 -12.30 2.14
CA CYS A 48 -6.22 -12.90 3.11
C CYS A 48 -6.70 -14.25 2.56
N PRO A 49 -6.38 -15.37 3.25
CA PRO A 49 -6.78 -16.70 2.78
C PRO A 49 -8.04 -17.25 3.45
N TRP A 50 -8.67 -16.45 4.29
CA TRP A 50 -9.87 -16.91 4.98
C TRP A 50 -11.09 -16.15 4.47
N LYS A 51 -12.13 -16.90 4.13
CA LYS A 51 -13.37 -16.34 3.62
C LYS A 51 -14.56 -16.91 4.39
N GLU A 52 -15.59 -16.10 4.56
CA GLU A 52 -16.76 -16.51 5.32
C GLU A 52 -17.96 -16.76 4.41
N TYR A 53 -18.64 -17.88 4.62
CA TYR A 53 -19.87 -18.20 3.91
C TYR A 53 -20.90 -18.71 4.92
N LYS A 54 -22.18 -18.52 4.60
CA LYS A 54 -23.26 -18.89 5.51
C LYS A 54 -23.82 -20.26 5.17
N SER A 55 -24.02 -21.09 6.19
CA SER A 55 -24.69 -22.37 6.03
C SER A 55 -26.19 -22.12 6.03
N ASP A 56 -27.02 -23.06 5.57
CA ASP A 56 -28.47 -22.82 5.48
C ASP A 56 -29.07 -22.44 6.83
N SER A 57 -28.46 -22.87 7.90
CA SER A 57 -28.95 -22.57 9.25
C SER A 57 -28.46 -21.19 9.74
N GLY A 58 -27.86 -20.42 8.85
CA GLY A 58 -27.43 -19.07 9.19
C GLY A 58 -26.12 -19.04 9.95
N LYS A 59 -25.54 -20.21 10.16
CA LYS A 59 -24.30 -20.32 10.92
C LYS A 59 -23.10 -20.21 9.95
N PRO A 60 -22.18 -19.23 10.16
CA PRO A 60 -21.01 -19.09 9.30
C PRO A 60 -19.97 -20.20 9.49
N TYR A 61 -19.19 -20.45 8.45
CA TYR A 61 -18.01 -21.30 8.55
C TYR A 61 -16.89 -20.68 7.74
N TYR A 62 -15.65 -20.97 8.10
CA TYR A 62 -14.53 -20.25 7.54
C TYR A 62 -13.63 -21.18 6.73
N TYR A 63 -13.37 -20.82 5.47
CA TYR A 63 -12.60 -21.67 4.55
C TYR A 63 -11.28 -20.97 4.17
N ASN A 64 -10.16 -21.72 4.22
CA ASN A 64 -8.86 -21.20 3.81
C ASN A 64 -8.61 -21.54 2.34
N SER A 65 -8.53 -20.51 1.51
CA SER A 65 -8.41 -20.67 0.08
C SER A 65 -7.08 -21.29 -0.34
N GLN A 66 -6.08 -21.17 0.50
CA GLN A 66 -4.75 -21.65 0.18
C GLN A 66 -4.59 -23.12 0.53
N THR A 67 -4.94 -23.45 1.76
CA THR A 67 -4.67 -24.78 2.30
C THR A 67 -5.92 -25.68 2.27
N LYS A 68 -7.05 -25.11 1.90
CA LYS A 68 -8.33 -25.84 1.84
C LYS A 68 -8.81 -26.29 3.23
N GLU A 69 -8.27 -25.68 4.27
CA GLU A 69 -8.65 -26.00 5.64
C GLU A 69 -10.00 -25.37 5.98
N SER A 70 -10.83 -26.11 6.71
CA SER A 70 -12.14 -25.62 7.12
C SER A 70 -12.29 -25.72 8.64
N ARG A 71 -12.86 -24.69 9.26
CA ARG A 71 -13.05 -24.68 10.70
C ARG A 71 -14.30 -23.89 11.08
N TRP A 72 -14.91 -24.28 12.20
CA TRP A 72 -16.09 -23.60 12.71
C TRP A 72 -15.69 -22.56 13.76
N ALA A 73 -14.39 -22.40 13.95
CA ALA A 73 -13.84 -21.44 14.89
C ALA A 73 -13.13 -20.32 14.13
N LYS A 74 -13.21 -19.10 14.66
CA LYS A 74 -12.66 -17.94 13.99
C LYS A 74 -11.13 -17.90 14.10
N PRO A 75 -10.42 -17.92 12.95
CA PRO A 75 -8.97 -17.73 12.92
C PRO A 75 -8.57 -16.28 13.22
N LYS A 76 -7.50 -16.14 14.03
CA LYS A 76 -7.00 -14.85 14.47
C LYS A 76 -6.58 -13.96 13.29
N GLU A 77 -6.10 -14.59 12.22
CA GLU A 77 -5.73 -13.86 11.01
C GLU A 77 -6.90 -13.05 10.46
N LEU A 78 -8.10 -13.60 10.56
CA LEU A 78 -9.30 -12.93 10.05
C LEU A 78 -9.73 -11.83 10.99
N GLU A 79 -9.45 -12.02 12.26
CA GLU A 79 -9.78 -11.03 13.27
C GLU A 79 -9.10 -9.70 12.98
N ASP A 80 -7.85 -9.78 12.52
CA ASP A 80 -7.09 -8.58 12.17
C ASP A 80 -7.70 -7.94 10.91
N LEU A 81 -8.25 -8.77 10.04
CA LEU A 81 -8.93 -8.29 8.85
C LEU A 81 -10.22 -7.59 9.23
N GLU A 82 -10.94 -8.18 10.18
CA GLU A 82 -12.18 -7.62 10.67
C GLU A 82 -11.95 -6.26 11.32
N GLY A 83 -10.81 -6.13 11.97
CA GLY A 83 -10.42 -4.86 12.56
C GLY A 83 -10.34 -3.77 11.52
N TYR A 84 -9.89 -4.15 10.33
CA TYR A 84 -9.79 -3.24 9.21
C TYR A 84 -11.13 -3.09 8.50
N GLN A 85 -11.91 -4.17 8.43
CA GLN A 85 -13.23 -4.13 7.80
C GLN A 85 -14.18 -3.21 8.56
N ASN A 86 -13.97 -3.13 9.87
CA ASN A 86 -14.78 -2.27 10.72
C ASN A 86 -14.56 -0.81 10.35
N THR A 87 -13.39 -0.53 9.81
CA THR A 87 -13.04 0.80 9.34
C THR A 87 -13.80 1.15 8.06
N ILE A 88 -14.13 0.12 7.29
CA ILE A 88 -14.88 0.30 6.05
C ILE A 88 -16.38 0.34 6.32
N VAL A 89 -16.85 -0.64 7.09
CA VAL A 89 -18.27 -0.73 7.43
C VAL A 89 -18.67 0.38 8.39
N ALA A 90 -17.83 0.61 9.41
CA ALA A 90 -18.11 1.60 10.44
C ALA A 90 -19.45 1.34 11.11
N GLY A 91 -19.45 0.44 12.09
CA GLY A 91 -20.67 0.04 12.75
C GLY A 91 -20.50 -1.30 13.43
N SER A 92 -21.60 -2.02 13.63
CA SER A 92 -21.54 -3.35 14.25
C SER A 92 -21.18 -4.42 13.23
N LEU A 93 -20.43 -4.03 12.20
CA LEU A 93 -20.02 -4.90 11.10
C LEU A 93 -21.20 -5.35 10.23
N ILE A 94 -22.14 -6.08 10.82
CA ILE A 94 -23.27 -6.60 10.07
C ILE A 94 -24.57 -6.03 10.65
N THR A 95 -25.13 -5.04 9.97
CA THR A 95 -26.32 -4.38 10.47
C THR A 95 -27.14 -3.78 9.32
N LYS A 96 -28.41 -3.56 9.58
CA LYS A 96 -29.32 -2.96 8.62
C LYS A 96 -30.56 -2.46 9.37
N SER A 97 -30.79 -1.15 9.37
CA SER A 97 -31.91 -0.54 10.08
C SER A 97 -31.68 -0.63 11.60
N ASN A 98 -30.40 -0.76 11.99
CA ASN A 98 -29.98 -0.72 13.41
C ASN A 98 -30.34 -2.01 14.16
N LEU A 99 -31.36 -2.72 13.68
CA LEU A 99 -31.86 -3.93 14.35
C LEU A 99 -32.33 -3.61 15.76
N GLY A 1 11.04 -4.74 8.98
CA GLY A 1 10.88 -5.74 10.07
C GLY A 1 12.22 -6.16 10.63
N ALA A 2 12.36 -6.08 11.95
CA ALA A 2 13.60 -6.45 12.61
C ALA A 2 13.36 -7.60 13.59
N MET A 3 12.25 -8.29 13.42
CA MET A 3 11.88 -9.39 14.32
C MET A 3 11.82 -10.69 13.54
N GLY A 4 12.51 -10.71 12.41
CA GLY A 4 12.45 -11.86 11.53
C GLY A 4 11.54 -11.62 10.35
N ALA A 5 12.08 -11.66 9.16
CA ALA A 5 11.31 -11.39 7.97
C ALA A 5 11.26 -12.60 7.06
N LYS A 6 10.07 -12.91 6.57
CA LYS A 6 9.87 -14.02 5.64
C LYS A 6 9.77 -13.50 4.22
N SER A 7 9.94 -12.19 4.07
CA SER A 7 9.81 -11.53 2.79
C SER A 7 10.76 -12.11 1.73
N MET A 8 12.04 -12.23 2.11
CA MET A 8 13.07 -12.85 1.26
C MET A 8 13.44 -11.96 0.09
N TRP A 9 12.97 -10.73 0.14
CA TRP A 9 13.27 -9.75 -0.90
C TRP A 9 14.31 -8.76 -0.37
N THR A 10 15.27 -8.43 -1.21
CA THR A 10 16.33 -7.51 -0.86
C THR A 10 16.35 -6.33 -1.83
N GLU A 11 16.86 -5.19 -1.40
CA GLU A 11 16.84 -3.98 -2.21
C GLU A 11 18.27 -3.59 -2.61
N HIS A 12 18.49 -3.33 -3.88
CA HIS A 12 19.83 -2.92 -4.34
C HIS A 12 19.76 -1.72 -5.27
N LYS A 13 20.71 -0.80 -5.15
CA LYS A 13 20.82 0.33 -6.07
C LYS A 13 22.01 0.13 -7.01
N SER A 14 21.77 0.22 -8.31
CA SER A 14 22.85 0.11 -9.29
C SER A 14 23.59 1.45 -9.41
N PRO A 15 24.78 1.50 -10.05
CA PRO A 15 25.56 2.74 -10.15
C PRO A 15 24.76 3.93 -10.67
N ASP A 16 23.80 3.67 -11.57
CA ASP A 16 23.00 4.77 -12.15
C ASP A 16 21.85 5.19 -11.25
N GLY A 17 21.80 4.63 -10.03
CA GLY A 17 20.83 5.09 -9.06
C GLY A 17 19.51 4.33 -9.13
N ARG A 18 19.34 3.48 -10.13
CA ARG A 18 18.13 2.71 -10.28
C ARG A 18 18.12 1.53 -9.32
N THR A 19 16.95 1.22 -8.77
CA THR A 19 16.83 0.19 -7.77
C THR A 19 16.15 -1.05 -8.32
N TYR A 20 16.65 -2.22 -7.96
CA TYR A 20 16.01 -3.47 -8.32
C TYR A 20 15.91 -4.37 -7.09
N TYR A 21 14.95 -5.26 -7.08
CA TYR A 21 14.69 -6.10 -5.91
C TYR A 21 15.05 -7.55 -6.22
N TYR A 22 15.67 -8.22 -5.24
CA TYR A 22 16.16 -9.59 -5.43
C TYR A 22 15.56 -10.52 -4.39
N ASN A 23 14.97 -11.63 -4.85
CA ASN A 23 14.41 -12.63 -3.95
C ASN A 23 15.47 -13.67 -3.65
N THR A 24 15.89 -13.72 -2.40
CA THR A 24 17.01 -14.57 -2.00
C THR A 24 16.64 -16.05 -2.05
N GLU A 25 15.34 -16.33 -2.05
CA GLU A 25 14.86 -17.69 -2.02
C GLU A 25 14.81 -18.29 -3.42
N THR A 26 14.14 -17.59 -4.33
CA THR A 26 13.94 -18.09 -5.68
C THR A 26 14.95 -17.50 -6.66
N LYS A 27 15.76 -16.57 -6.16
CA LYS A 27 16.83 -15.96 -6.94
C LYS A 27 16.27 -15.16 -8.13
N GLN A 28 15.00 -14.77 -8.02
CA GLN A 28 14.33 -13.97 -9.04
C GLN A 28 14.59 -12.48 -8.83
N SER A 29 14.77 -11.77 -9.93
CA SER A 29 14.99 -10.34 -9.90
C SER A 29 13.79 -9.62 -10.49
N THR A 30 13.42 -8.47 -9.92
CA THR A 30 12.31 -7.69 -10.45
C THR A 30 12.58 -6.18 -10.35
N TRP A 31 12.02 -5.42 -11.29
CA TRP A 31 12.22 -3.97 -11.33
C TRP A 31 11.05 -3.23 -10.70
N GLU A 32 10.11 -3.97 -10.13
CA GLU A 32 8.94 -3.38 -9.50
C GLU A 32 8.80 -3.88 -8.07
N LYS A 33 8.28 -3.02 -7.19
CA LYS A 33 8.13 -3.35 -5.78
C LYS A 33 7.21 -4.57 -5.62
N PRO A 34 7.70 -5.67 -5.00
CA PRO A 34 6.88 -6.86 -4.78
C PRO A 34 5.64 -6.56 -3.95
N ASP A 35 4.53 -7.18 -4.35
CA ASP A 35 3.27 -7.07 -3.62
C ASP A 35 3.43 -7.51 -2.17
N ASP A 36 4.34 -8.45 -1.93
CA ASP A 36 4.60 -8.95 -0.59
C ASP A 36 5.25 -7.89 0.29
N LEU A 37 5.88 -6.91 -0.32
CA LEU A 37 6.54 -5.84 0.44
C LEU A 37 5.64 -4.62 0.53
N LYS A 38 4.50 -4.68 -0.15
CA LYS A 38 3.51 -3.63 -0.04
C LYS A 38 2.57 -3.97 1.11
N THR A 39 2.33 -3.00 1.97
CA THR A 39 1.43 -3.21 3.09
C THR A 39 -0.01 -3.28 2.58
N PRO A 40 -0.97 -3.94 3.28
CA PRO A 40 -2.36 -4.02 2.79
C PRO A 40 -2.91 -2.66 2.37
N ALA A 41 -2.57 -1.64 3.14
CA ALA A 41 -2.99 -0.28 2.84
C ALA A 41 -2.41 0.20 1.53
N GLU A 42 -1.14 -0.06 1.30
CA GLU A 42 -0.47 0.37 0.08
C GLU A 42 -1.12 -0.28 -1.14
N GLN A 43 -1.45 -1.55 -1.00
CA GLN A 43 -2.11 -2.29 -2.06
C GLN A 43 -3.48 -1.69 -2.32
N LEU A 44 -4.13 -1.30 -1.23
CA LEU A 44 -5.44 -0.69 -1.28
C LEU A 44 -5.35 0.69 -1.91
N LEU A 45 -4.31 1.44 -1.54
CA LEU A 45 -4.13 2.79 -2.04
C LEU A 45 -3.88 2.77 -3.54
N SER A 46 -3.14 1.77 -3.97
CA SER A 46 -2.78 1.64 -5.37
C SER A 46 -4.02 1.33 -6.21
N LYS A 47 -5.07 0.84 -5.56
CA LYS A 47 -6.30 0.50 -6.25
C LYS A 47 -7.32 1.64 -6.22
N CYS A 48 -7.03 2.68 -5.45
CA CYS A 48 -7.91 3.83 -5.37
C CYS A 48 -7.44 4.87 -6.39
N PRO A 49 -8.35 5.67 -7.00
CA PRO A 49 -7.96 6.58 -8.08
C PRO A 49 -7.25 7.84 -7.58
N TRP A 50 -7.07 7.96 -6.28
CA TRP A 50 -6.34 9.10 -5.72
C TRP A 50 -5.02 8.63 -5.12
N LYS A 51 -3.94 9.33 -5.47
CA LYS A 51 -2.62 9.08 -4.90
C LYS A 51 -1.97 10.38 -4.46
N GLU A 52 -1.11 10.31 -3.46
CA GLU A 52 -0.45 11.48 -2.92
C GLU A 52 1.01 11.54 -3.35
N TYR A 53 1.46 12.72 -3.76
CA TYR A 53 2.87 12.94 -4.07
C TYR A 53 3.32 14.28 -3.47
N LYS A 54 4.60 14.38 -3.15
CA LYS A 54 5.15 15.57 -2.50
C LYS A 54 5.78 16.50 -3.53
N SER A 55 5.49 17.79 -3.39
CA SER A 55 6.15 18.81 -4.19
C SER A 55 7.49 19.13 -3.52
N ASP A 56 8.42 19.77 -4.24
CA ASP A 56 9.77 20.05 -3.68
C ASP A 56 9.69 20.96 -2.46
N SER A 57 8.55 21.61 -2.27
CA SER A 57 8.32 22.45 -1.10
C SER A 57 7.87 21.63 0.10
N GLY A 58 7.72 20.32 -0.08
CA GLY A 58 7.27 19.46 0.98
C GLY A 58 5.76 19.46 1.12
N LYS A 59 5.09 20.20 0.24
CA LYS A 59 3.64 20.28 0.26
C LYS A 59 3.02 19.20 -0.64
N PRO A 60 2.17 18.31 -0.10
CA PRO A 60 1.51 17.26 -0.90
C PRO A 60 0.47 17.79 -1.88
N TYR A 61 0.24 17.04 -2.96
CA TYR A 61 -0.89 17.30 -3.85
C TYR A 61 -1.49 15.96 -4.27
N TYR A 62 -2.77 15.95 -4.62
CA TYR A 62 -3.49 14.70 -4.83
C TYR A 62 -3.96 14.61 -6.29
N TYR A 63 -3.61 13.50 -6.95
CA TYR A 63 -3.91 13.31 -8.37
C TYR A 63 -4.83 12.11 -8.59
N ASN A 64 -5.90 12.30 -9.38
CA ASN A 64 -6.82 11.22 -9.72
C ASN A 64 -6.40 10.59 -11.03
N SER A 65 -6.00 9.33 -10.98
CA SER A 65 -5.43 8.64 -12.13
C SER A 65 -6.45 8.41 -13.24
N GLN A 66 -7.72 8.40 -12.89
CA GLN A 66 -8.76 8.13 -13.87
C GLN A 66 -9.17 9.41 -14.59
N THR A 67 -9.48 10.43 -13.82
CA THR A 67 -10.06 11.65 -14.35
C THR A 67 -9.00 12.72 -14.61
N LYS A 68 -7.77 12.45 -14.19
CA LYS A 68 -6.64 13.36 -14.41
C LYS A 68 -6.82 14.69 -13.66
N GLU A 69 -7.65 14.69 -12.62
CA GLU A 69 -7.87 15.89 -11.82
C GLU A 69 -6.82 16.02 -10.73
N SER A 70 -6.45 17.25 -10.42
CA SER A 70 -5.48 17.54 -9.38
C SER A 70 -6.02 18.61 -8.42
N ARG A 71 -5.85 18.40 -7.13
CA ARG A 71 -6.34 19.36 -6.14
C ARG A 71 -5.41 19.42 -4.93
N TRP A 72 -5.38 20.58 -4.28
CA TRP A 72 -4.57 20.78 -3.07
C TRP A 72 -5.39 20.44 -1.83
N ALA A 73 -6.65 20.08 -2.04
CA ALA A 73 -7.55 19.74 -0.94
C ALA A 73 -7.80 18.25 -0.90
N LYS A 74 -7.97 17.71 0.30
CA LYS A 74 -8.11 16.28 0.47
C LYS A 74 -9.53 15.81 0.10
N PRO A 75 -9.65 14.90 -0.90
CA PRO A 75 -10.94 14.28 -1.21
C PRO A 75 -11.38 13.28 -0.13
N LYS A 76 -12.67 13.33 0.20
CA LYS A 76 -13.27 12.48 1.23
C LYS A 76 -13.02 10.99 0.97
N GLU A 77 -12.98 10.61 -0.29
CA GLU A 77 -12.74 9.23 -0.68
C GLU A 77 -11.38 8.74 -0.15
N LEU A 78 -10.43 9.65 -0.02
CA LEU A 78 -9.12 9.32 0.51
C LEU A 78 -9.12 9.42 2.03
N GLU A 79 -9.99 10.27 2.55
CA GLU A 79 -10.15 10.43 4.00
C GLU A 79 -10.61 9.11 4.62
N ASP A 80 -11.50 8.41 3.90
CA ASP A 80 -11.94 7.09 4.31
C ASP A 80 -10.76 6.13 4.39
N LEU A 81 -9.83 6.30 3.46
CA LEU A 81 -8.63 5.49 3.41
C LEU A 81 -7.69 5.87 4.54
N GLU A 82 -7.56 7.17 4.78
CA GLU A 82 -6.70 7.69 5.83
C GLU A 82 -7.17 7.22 7.20
N GLY A 83 -8.47 7.17 7.37
CA GLY A 83 -9.04 6.63 8.58
C GLY A 83 -8.70 5.16 8.75
N TYR A 84 -8.71 4.44 7.64
CA TYR A 84 -8.44 3.02 7.64
C TYR A 84 -6.95 2.73 7.82
N GLN A 85 -6.10 3.59 7.28
CA GLN A 85 -4.65 3.43 7.42
C GLN A 85 -4.24 3.54 8.89
N ASN A 86 -4.93 4.40 9.62
CA ASN A 86 -4.67 4.57 11.04
C ASN A 86 -5.29 3.43 11.84
N THR A 87 -6.41 2.90 11.35
CA THR A 87 -7.09 1.81 11.99
C THR A 87 -6.67 0.47 11.38
N ILE A 88 -5.46 0.44 10.82
CA ILE A 88 -4.93 -0.76 10.19
C ILE A 88 -4.43 -1.72 11.26
N VAL A 89 -4.28 -1.20 12.47
CA VAL A 89 -3.88 -2.01 13.61
C VAL A 89 -5.06 -2.79 14.15
N ALA A 90 -6.22 -2.54 13.56
CA ALA A 90 -7.44 -3.22 13.92
C ALA A 90 -8.07 -3.83 12.67
N GLY A 91 -7.27 -4.59 11.95
CA GLY A 91 -7.72 -5.14 10.68
C GLY A 91 -7.98 -6.63 10.74
N SER A 92 -8.18 -7.15 11.94
CA SER A 92 -8.52 -8.55 12.08
C SER A 92 -10.01 -8.76 11.86
N LEU A 93 -10.33 -9.52 10.82
CA LEU A 93 -11.72 -9.79 10.43
C LEU A 93 -12.39 -8.55 9.84
N ILE A 94 -13.16 -8.76 8.80
CA ILE A 94 -13.93 -7.70 8.18
C ILE A 94 -15.40 -7.88 8.54
N THR A 95 -15.79 -7.33 9.68
CA THR A 95 -17.13 -7.47 10.17
C THR A 95 -17.73 -6.12 10.57
N LYS A 96 -18.52 -5.56 9.67
CA LYS A 96 -19.24 -4.32 9.94
C LYS A 96 -20.66 -4.43 9.43
N SER A 97 -21.18 -5.65 9.48
CA SER A 97 -22.53 -5.94 9.03
C SER A 97 -23.21 -6.94 9.95
N ASN A 98 -22.63 -7.12 11.14
CA ASN A 98 -23.16 -8.07 12.11
C ASN A 98 -23.82 -7.31 13.26
N LEU A 99 -25.00 -7.74 13.65
CA LEU A 99 -25.73 -7.09 14.73
C LEU A 99 -25.17 -7.54 16.08
N GLY A 1 12.90 -8.14 8.33
CA GLY A 1 11.58 -8.78 8.54
C GLY A 1 10.46 -7.77 8.64
N ALA A 2 9.23 -8.24 8.53
CA ALA A 2 8.07 -7.35 8.61
C ALA A 2 7.07 -7.85 9.64
N MET A 3 7.56 -8.67 10.58
CA MET A 3 6.72 -9.22 11.67
C MET A 3 5.48 -9.91 11.10
N GLY A 4 5.68 -10.70 10.06
CA GLY A 4 4.56 -11.38 9.43
C GLY A 4 4.86 -11.74 7.99
N ALA A 5 5.76 -10.97 7.39
CA ALA A 5 6.21 -11.24 6.04
C ALA A 5 7.72 -11.38 6.03
N LYS A 6 8.21 -12.48 5.46
CA LYS A 6 9.64 -12.74 5.42
C LYS A 6 10.33 -11.81 4.43
N SER A 7 11.36 -11.13 4.90
CA SER A 7 12.09 -10.17 4.09
C SER A 7 13.08 -10.88 3.16
N MET A 8 12.55 -11.76 2.34
CA MET A 8 13.35 -12.54 1.42
C MET A 8 13.69 -11.72 0.19
N TRP A 9 13.10 -10.55 0.11
CA TRP A 9 13.39 -9.62 -0.95
C TRP A 9 14.44 -8.63 -0.48
N THR A 10 15.45 -8.44 -1.31
CA THR A 10 16.54 -7.55 -0.98
C THR A 10 16.58 -6.38 -1.98
N GLU A 11 16.99 -5.21 -1.52
CA GLU A 11 16.96 -4.01 -2.35
C GLU A 11 18.37 -3.65 -2.78
N HIS A 12 18.58 -3.48 -4.08
CA HIS A 12 19.90 -3.12 -4.58
C HIS A 12 19.84 -1.89 -5.47
N LYS A 13 20.82 -1.01 -5.35
CA LYS A 13 20.88 0.19 -6.20
C LYS A 13 22.10 0.10 -7.10
N SER A 14 21.91 0.25 -8.41
CA SER A 14 23.01 0.25 -9.34
C SER A 14 23.66 1.64 -9.37
N PRO A 15 24.86 1.81 -9.96
CA PRO A 15 25.60 3.09 -9.91
C PRO A 15 24.77 4.31 -10.35
N ASP A 16 23.84 4.10 -11.27
CA ASP A 16 23.06 5.22 -11.82
C ASP A 16 21.81 5.52 -11.00
N GLY A 17 21.65 4.85 -9.86
CA GLY A 17 20.60 5.20 -8.93
C GLY A 17 19.34 4.36 -9.07
N ARG A 18 19.26 3.53 -10.11
CA ARG A 18 18.08 2.70 -10.30
C ARG A 18 18.12 1.49 -9.39
N THR A 19 16.97 1.13 -8.85
CA THR A 19 16.86 0.05 -7.89
C THR A 19 16.17 -1.17 -8.48
N TYR A 20 16.67 -2.35 -8.12
CA TYR A 20 16.00 -3.60 -8.48
C TYR A 20 15.93 -4.50 -7.25
N TYR A 21 14.94 -5.38 -7.23
CA TYR A 21 14.68 -6.20 -6.05
C TYR A 21 15.01 -7.67 -6.33
N TYR A 22 15.65 -8.32 -5.36
CA TYR A 22 16.12 -9.71 -5.53
C TYR A 22 15.54 -10.60 -4.43
N ASN A 23 14.90 -11.70 -4.83
CA ASN A 23 14.33 -12.66 -3.88
C ASN A 23 15.37 -13.73 -3.58
N THR A 24 15.80 -13.80 -2.33
CA THR A 24 16.89 -14.68 -1.95
C THR A 24 16.48 -16.16 -1.98
N GLU A 25 15.18 -16.41 -1.94
CA GLU A 25 14.66 -17.77 -1.91
C GLU A 25 14.58 -18.36 -3.31
N THR A 26 13.98 -17.61 -4.22
CA THR A 26 13.74 -18.09 -5.58
C THR A 26 14.81 -17.59 -6.54
N LYS A 27 15.64 -16.65 -6.08
CA LYS A 27 16.69 -16.05 -6.87
C LYS A 27 16.12 -15.24 -8.04
N GLN A 28 14.85 -14.87 -7.92
CA GLN A 28 14.16 -14.05 -8.92
C GLN A 28 14.53 -12.57 -8.73
N SER A 29 14.66 -11.87 -9.84
CA SER A 29 14.99 -10.46 -9.83
C SER A 29 13.91 -9.66 -10.57
N THR A 30 13.47 -8.55 -10.00
CA THR A 30 12.40 -7.76 -10.62
C THR A 30 12.65 -6.25 -10.46
N TRP A 31 12.10 -5.47 -11.39
CA TRP A 31 12.17 -4.00 -11.35
C TRP A 31 10.95 -3.43 -10.64
N GLU A 32 10.05 -4.30 -10.20
CA GLU A 32 8.82 -3.88 -9.53
C GLU A 32 8.93 -4.09 -8.03
N LYS A 33 8.24 -3.23 -7.27
CA LYS A 33 8.16 -3.38 -5.82
C LYS A 33 7.26 -4.58 -5.50
N PRO A 34 7.76 -5.61 -4.78
CA PRO A 34 6.93 -6.74 -4.39
C PRO A 34 5.80 -6.31 -3.47
N ASP A 35 4.63 -6.90 -3.69
CA ASP A 35 3.46 -6.66 -2.85
C ASP A 35 3.76 -6.99 -1.39
N ASP A 36 4.65 -7.94 -1.17
CA ASP A 36 5.00 -8.40 0.17
C ASP A 36 5.64 -7.26 0.98
N LEU A 37 6.22 -6.29 0.27
CA LEU A 37 6.86 -5.16 0.92
C LEU A 37 5.88 -3.99 1.09
N LYS A 38 4.73 -4.10 0.45
CA LYS A 38 3.72 -3.05 0.50
C LYS A 38 2.90 -3.20 1.78
N THR A 39 2.23 -2.12 2.17
CA THR A 39 1.39 -2.13 3.34
C THR A 39 0.17 -3.05 3.11
N PRO A 40 -0.41 -3.69 4.17
CA PRO A 40 -1.57 -4.58 3.97
C PRO A 40 -2.67 -3.93 3.13
N ALA A 41 -2.94 -2.65 3.39
CA ALA A 41 -3.94 -1.90 2.64
C ALA A 41 -3.61 -1.86 1.16
N GLU A 42 -2.34 -1.61 0.86
CA GLU A 42 -1.90 -1.52 -0.52
C GLU A 42 -2.00 -2.87 -1.21
N GLN A 43 -1.66 -3.92 -0.48
CA GLN A 43 -1.81 -5.28 -0.97
C GLN A 43 -3.28 -5.56 -1.20
N LEU A 44 -4.10 -5.11 -0.27
CA LEU A 44 -5.53 -5.29 -0.32
C LEU A 44 -6.10 -4.63 -1.57
N LEU A 45 -5.56 -3.46 -1.92
CA LEU A 45 -6.04 -2.72 -3.07
C LEU A 45 -5.60 -3.41 -4.36
N SER A 46 -4.39 -3.92 -4.35
CA SER A 46 -3.84 -4.57 -5.52
C SER A 46 -4.38 -5.98 -5.67
N LYS A 47 -4.94 -6.52 -4.60
CA LYS A 47 -5.47 -7.87 -4.61
C LYS A 47 -6.98 -7.89 -4.84
N CYS A 48 -7.59 -6.72 -5.00
CA CYS A 48 -9.02 -6.68 -5.26
C CYS A 48 -9.26 -6.84 -6.77
N PRO A 49 -9.98 -7.90 -7.20
CA PRO A 49 -10.32 -8.07 -8.62
C PRO A 49 -11.72 -7.55 -8.98
N TRP A 50 -12.42 -6.95 -8.03
CA TRP A 50 -13.76 -6.44 -8.29
C TRP A 50 -13.76 -4.92 -8.26
N LYS A 51 -14.46 -4.32 -9.22
CA LYS A 51 -14.62 -2.87 -9.30
C LYS A 51 -16.08 -2.53 -9.53
N GLU A 52 -16.53 -1.40 -9.01
CA GLU A 52 -17.92 -1.00 -9.20
C GLU A 52 -18.01 0.20 -10.15
N TYR A 53 -18.94 0.13 -11.08
CA TYR A 53 -19.20 1.24 -11.99
C TYR A 53 -20.71 1.49 -12.06
N LYS A 54 -21.10 2.69 -12.46
CA LYS A 54 -22.50 3.09 -12.42
C LYS A 54 -23.12 3.03 -13.79
N SER A 55 -24.32 2.49 -13.87
CA SER A 55 -25.08 2.48 -15.10
C SER A 55 -25.82 3.84 -15.23
N ASP A 56 -26.35 4.19 -16.39
CA ASP A 56 -26.91 5.54 -16.59
C ASP A 56 -28.02 5.87 -15.58
N SER A 57 -28.71 4.84 -15.10
CA SER A 57 -29.79 5.04 -14.15
C SER A 57 -29.29 5.07 -12.70
N GLY A 58 -27.97 5.08 -12.52
CA GLY A 58 -27.41 5.19 -11.17
C GLY A 58 -27.29 3.86 -10.47
N LYS A 59 -27.63 2.79 -11.15
CA LYS A 59 -27.57 1.46 -10.56
C LYS A 59 -26.17 0.85 -10.79
N PRO A 60 -25.43 0.49 -9.72
CA PRO A 60 -24.09 -0.09 -9.84
C PRO A 60 -24.09 -1.53 -10.37
N TYR A 61 -22.99 -1.93 -11.00
CA TYR A 61 -22.74 -3.32 -11.35
C TYR A 61 -21.28 -3.63 -11.10
N TYR A 62 -20.95 -4.89 -10.86
CA TYR A 62 -19.63 -5.24 -10.38
C TYR A 62 -18.89 -6.13 -11.40
N TYR A 63 -17.68 -5.72 -11.79
CA TYR A 63 -16.89 -6.42 -12.81
C TYR A 63 -15.60 -6.98 -12.21
N ASN A 64 -15.30 -8.24 -12.51
CA ASN A 64 -14.06 -8.89 -12.05
C ASN A 64 -12.99 -8.74 -13.13
N SER A 65 -11.93 -8.01 -12.81
CA SER A 65 -10.90 -7.67 -13.78
C SER A 65 -10.03 -8.87 -14.17
N GLN A 66 -10.07 -9.91 -13.36
CA GLN A 66 -9.28 -11.10 -13.65
C GLN A 66 -10.03 -12.05 -14.57
N THR A 67 -11.25 -12.38 -14.20
CA THR A 67 -12.00 -13.42 -14.87
C THR A 67 -13.03 -12.87 -15.87
N LYS A 68 -13.19 -11.55 -15.88
CA LYS A 68 -14.15 -10.89 -16.78
C LYS A 68 -15.60 -11.25 -16.42
N GLU A 69 -15.82 -11.69 -15.19
CA GLU A 69 -17.16 -12.04 -14.72
C GLU A 69 -17.91 -10.79 -14.26
N SER A 70 -19.20 -10.73 -14.57
CA SER A 70 -20.03 -9.59 -14.18
C SER A 70 -21.24 -10.07 -13.37
N ARG A 71 -21.63 -9.31 -12.34
CA ARG A 71 -22.77 -9.67 -11.51
C ARG A 71 -23.45 -8.42 -10.95
N TRP A 72 -24.74 -8.53 -10.66
CA TRP A 72 -25.50 -7.42 -10.09
C TRP A 72 -25.64 -7.57 -8.58
N ALA A 73 -24.93 -8.55 -8.03
CA ALA A 73 -24.92 -8.81 -6.58
C ALA A 73 -23.55 -8.55 -6.01
N LYS A 74 -23.49 -8.07 -4.77
CA LYS A 74 -22.22 -7.68 -4.15
C LYS A 74 -21.39 -8.92 -3.75
N PRO A 75 -20.19 -9.09 -4.31
CA PRO A 75 -19.24 -10.13 -3.87
C PRO A 75 -18.62 -9.82 -2.51
N LYS A 76 -18.45 -10.87 -1.70
CA LYS A 76 -17.89 -10.75 -0.35
C LYS A 76 -16.47 -10.20 -0.37
N GLU A 77 -15.71 -10.55 -1.40
CA GLU A 77 -14.35 -10.06 -1.55
C GLU A 77 -14.28 -8.53 -1.57
N LEU A 78 -15.30 -7.89 -2.14
CA LEU A 78 -15.34 -6.44 -2.19
C LEU A 78 -15.80 -5.88 -0.85
N GLU A 79 -16.60 -6.66 -0.14
CA GLU A 79 -17.08 -6.27 1.17
C GLU A 79 -15.92 -6.04 2.11
N ASP A 80 -14.90 -6.87 1.99
CA ASP A 80 -13.68 -6.72 2.77
C ASP A 80 -12.94 -5.44 2.41
N LEU A 81 -13.08 -5.02 1.15
CA LEU A 81 -12.48 -3.77 0.68
C LEU A 81 -13.26 -2.59 1.20
N GLU A 82 -14.58 -2.72 1.19
CA GLU A 82 -15.45 -1.67 1.70
C GLU A 82 -15.29 -1.51 3.20
N GLY A 83 -14.88 -2.60 3.85
CA GLY A 83 -14.53 -2.54 5.25
C GLY A 83 -13.42 -1.54 5.51
N TYR A 84 -12.49 -1.47 4.57
CA TYR A 84 -11.41 -0.50 4.63
C TYR A 84 -11.88 0.87 4.15
N GLN A 85 -12.70 0.89 3.11
CA GLN A 85 -13.24 2.14 2.57
C GLN A 85 -14.04 2.89 3.64
N ASN A 86 -14.72 2.13 4.50
CA ASN A 86 -15.55 2.72 5.53
C ASN A 86 -14.68 3.40 6.57
N THR A 87 -13.53 2.79 6.85
CA THR A 87 -12.61 3.27 7.87
C THR A 87 -12.09 4.68 7.54
N ILE A 88 -12.02 4.99 6.26
CA ILE A 88 -11.47 6.26 5.81
C ILE A 88 -12.38 7.43 6.17
N VAL A 89 -13.67 7.32 5.87
CA VAL A 89 -14.58 8.43 6.07
C VAL A 89 -15.44 8.26 7.33
N ALA A 90 -15.12 7.27 8.13
CA ALA A 90 -15.83 7.07 9.39
C ALA A 90 -15.07 7.71 10.53
N GLY A 91 -15.59 8.81 11.06
CA GLY A 91 -14.92 9.51 12.14
C GLY A 91 -14.69 10.97 11.80
N SER A 92 -14.72 11.29 10.52
CA SER A 92 -14.49 12.66 10.05
C SER A 92 -15.78 13.47 10.10
N LEU A 93 -16.73 13.00 10.90
CA LEU A 93 -18.01 13.67 11.08
C LEU A 93 -18.53 13.36 12.47
N ILE A 94 -19.34 14.27 13.00
CA ILE A 94 -19.95 14.07 14.30
C ILE A 94 -21.42 14.47 14.27
N THR A 95 -22.00 14.35 13.09
CA THR A 95 -23.40 14.69 12.90
C THR A 95 -24.24 13.42 12.68
N LYS A 96 -25.09 13.10 13.64
CA LYS A 96 -25.96 11.94 13.53
C LYS A 96 -27.40 12.28 13.89
N SER A 97 -27.60 12.81 15.09
CA SER A 97 -28.93 13.13 15.60
C SER A 97 -28.81 13.71 17.01
N ASN A 98 -28.68 12.83 17.99
CA ASN A 98 -28.38 13.24 19.35
C ASN A 98 -26.94 13.72 19.39
N LEU A 99 -26.13 13.06 18.57
CA LEU A 99 -24.78 13.53 18.30
C LEU A 99 -24.85 14.59 17.21
N GLY A 1 19.33 -3.55 12.53
CA GLY A 1 20.31 -2.76 11.74
C GLY A 1 19.67 -2.12 10.52
N ALA A 2 20.31 -2.25 9.37
CA ALA A 2 19.80 -1.67 8.13
C ALA A 2 18.80 -2.60 7.44
N MET A 3 18.47 -3.70 8.10
CA MET A 3 17.50 -4.64 7.56
C MET A 3 16.45 -4.93 8.63
N GLY A 4 15.76 -3.89 9.07
CA GLY A 4 14.77 -4.04 10.13
C GLY A 4 13.43 -4.51 9.62
N ALA A 5 13.45 -5.58 8.85
CA ALA A 5 12.24 -6.16 8.30
C ALA A 5 12.50 -7.59 7.86
N LYS A 6 11.54 -8.47 8.13
CA LYS A 6 11.61 -9.84 7.64
C LYS A 6 11.16 -9.86 6.19
N SER A 7 12.04 -10.28 5.31
CA SER A 7 11.79 -10.24 3.90
C SER A 7 12.74 -11.15 3.15
N MET A 8 12.23 -11.83 2.15
CA MET A 8 13.05 -12.64 1.29
C MET A 8 13.42 -11.83 0.05
N TRP A 9 13.08 -10.56 0.08
CA TRP A 9 13.41 -9.62 -0.96
C TRP A 9 14.49 -8.67 -0.46
N THR A 10 15.45 -8.36 -1.32
CA THR A 10 16.54 -7.46 -0.97
C THR A 10 16.61 -6.31 -1.97
N GLU A 11 16.97 -5.12 -1.51
CA GLU A 11 17.07 -3.94 -2.37
C GLU A 11 18.51 -3.73 -2.83
N HIS A 12 18.70 -3.54 -4.12
CA HIS A 12 20.03 -3.22 -4.64
C HIS A 12 19.96 -2.02 -5.58
N LYS A 13 20.95 -1.13 -5.51
CA LYS A 13 20.93 0.07 -6.35
C LYS A 13 22.17 0.10 -7.25
N SER A 14 21.95 0.26 -8.55
CA SER A 14 23.04 0.32 -9.51
C SER A 14 23.62 1.74 -9.51
N PRO A 15 24.83 1.97 -10.06
CA PRO A 15 25.52 3.27 -9.95
C PRO A 15 24.66 4.48 -10.36
N ASP A 16 23.72 4.30 -11.27
CA ASP A 16 22.88 5.40 -11.74
C ASP A 16 21.74 5.69 -10.76
N GLY A 17 21.66 4.92 -9.68
CA GLY A 17 20.66 5.17 -8.66
C GLY A 17 19.43 4.30 -8.82
N ARG A 18 19.31 3.65 -9.97
CA ARG A 18 18.17 2.78 -10.27
C ARG A 18 18.20 1.55 -9.38
N THR A 19 17.03 1.11 -8.96
CA THR A 19 16.92 0.03 -7.99
C THR A 19 16.28 -1.21 -8.60
N TYR A 20 16.78 -2.38 -8.21
CA TYR A 20 16.13 -3.64 -8.55
C TYR A 20 16.06 -4.53 -7.32
N TYR A 21 15.05 -5.38 -7.26
CA TYR A 21 14.79 -6.19 -6.07
C TYR A 21 15.11 -7.65 -6.34
N TYR A 22 15.72 -8.32 -5.35
CA TYR A 22 16.15 -9.71 -5.52
C TYR A 22 15.53 -10.61 -4.44
N ASN A 23 14.93 -11.72 -4.85
CA ASN A 23 14.33 -12.67 -3.93
C ASN A 23 15.37 -13.74 -3.56
N THR A 24 15.74 -13.77 -2.29
CA THR A 24 16.83 -14.63 -1.83
C THR A 24 16.44 -16.10 -1.85
N GLU A 25 15.15 -16.37 -1.88
CA GLU A 25 14.66 -17.73 -1.83
C GLU A 25 14.60 -18.35 -3.23
N THR A 26 13.95 -17.66 -4.15
CA THR A 26 13.74 -18.18 -5.48
C THR A 26 14.78 -17.67 -6.48
N LYS A 27 15.62 -16.74 -6.00
CA LYS A 27 16.70 -16.17 -6.81
C LYS A 27 16.14 -15.40 -8.02
N GLN A 28 14.91 -14.93 -7.89
CA GLN A 28 14.25 -14.15 -8.93
C GLN A 28 14.54 -12.65 -8.76
N SER A 29 14.58 -11.94 -9.87
CA SER A 29 14.82 -10.51 -9.88
C SER A 29 13.61 -9.76 -10.46
N THR A 30 13.32 -8.57 -9.95
CA THR A 30 12.25 -7.75 -10.51
C THR A 30 12.56 -6.26 -10.40
N TRP A 31 12.00 -5.47 -11.31
CA TRP A 31 12.21 -4.00 -11.33
C TRP A 31 11.08 -3.28 -10.60
N GLU A 32 10.12 -4.02 -10.07
CA GLU A 32 8.99 -3.43 -9.37
C GLU A 32 9.04 -3.76 -7.88
N LYS A 33 8.53 -2.85 -7.06
CA LYS A 33 8.44 -3.08 -5.62
C LYS A 33 7.47 -4.24 -5.37
N PRO A 34 7.93 -5.34 -4.72
CA PRO A 34 7.05 -6.45 -4.41
C PRO A 34 5.91 -6.04 -3.49
N ASP A 35 4.71 -6.48 -3.83
CA ASP A 35 3.53 -6.26 -3.02
C ASP A 35 3.69 -6.85 -1.62
N ASP A 36 4.59 -7.82 -1.50
CA ASP A 36 4.92 -8.41 -0.21
C ASP A 36 5.60 -7.40 0.71
N LEU A 37 6.22 -6.38 0.14
CA LEU A 37 6.91 -5.36 0.93
C LEU A 37 6.04 -4.13 1.12
N LYS A 38 4.88 -4.12 0.48
CA LYS A 38 3.91 -3.08 0.69
C LYS A 38 2.99 -3.49 1.82
N THR A 39 2.76 -2.61 2.76
CA THR A 39 1.83 -2.88 3.84
C THR A 39 0.39 -2.84 3.29
N PRO A 40 -0.60 -3.52 3.91
CA PRO A 40 -1.98 -3.48 3.39
C PRO A 40 -2.45 -2.07 3.11
N ALA A 41 -2.11 -1.15 4.01
CA ALA A 41 -2.47 0.25 3.86
C ALA A 41 -1.85 0.85 2.61
N GLU A 42 -0.56 0.56 2.38
CA GLU A 42 0.14 1.11 1.22
C GLU A 42 -0.49 0.65 -0.07
N GLN A 43 -0.86 -0.62 -0.10
CA GLN A 43 -1.50 -1.19 -1.27
C GLN A 43 -2.83 -0.51 -1.52
N LEU A 44 -3.55 -0.27 -0.43
CA LEU A 44 -4.84 0.37 -0.48
C LEU A 44 -4.72 1.84 -0.82
N LEU A 45 -3.64 2.47 -0.37
CA LEU A 45 -3.40 3.89 -0.67
C LEU A 45 -3.05 4.04 -2.14
N SER A 46 -2.29 3.08 -2.64
CA SER A 46 -1.85 3.10 -4.02
C SER A 46 -3.00 2.79 -4.97
N LYS A 47 -4.01 2.09 -4.47
CA LYS A 47 -5.16 1.73 -5.28
C LYS A 47 -6.28 2.76 -5.16
N CYS A 48 -6.08 3.75 -4.30
CA CYS A 48 -6.99 4.87 -4.18
C CYS A 48 -6.46 6.00 -5.08
N PRO A 49 -7.33 6.91 -5.59
CA PRO A 49 -6.89 7.93 -6.55
C PRO A 49 -6.13 9.09 -5.91
N TRP A 50 -5.99 9.08 -4.59
CA TRP A 50 -5.19 10.11 -3.93
C TRP A 50 -3.92 9.50 -3.34
N LYS A 51 -2.81 10.17 -3.58
CA LYS A 51 -1.50 9.72 -3.10
C LYS A 51 -0.74 10.89 -2.52
N GLU A 52 0.03 10.63 -1.48
CA GLU A 52 0.79 11.69 -0.83
C GLU A 52 2.28 11.57 -1.14
N TYR A 53 2.90 12.70 -1.47
CA TYR A 53 4.33 12.74 -1.70
C TYR A 53 4.93 13.94 -0.97
N LYS A 54 6.18 13.83 -0.56
CA LYS A 54 6.82 14.87 0.25
C LYS A 54 7.64 15.81 -0.62
N SER A 55 7.42 17.11 -0.44
CA SER A 55 8.21 18.12 -1.12
C SER A 55 9.57 18.25 -0.41
N ASP A 56 10.55 18.89 -1.05
CA ASP A 56 11.89 19.04 -0.42
C ASP A 56 11.80 19.76 0.93
N SER A 57 10.72 20.50 1.12
CA SER A 57 10.49 21.25 2.35
C SER A 57 9.89 20.38 3.45
N GLY A 58 9.59 19.13 3.11
CA GLY A 58 9.00 18.22 4.09
C GLY A 58 7.49 18.36 4.18
N LYS A 59 6.94 19.26 3.37
CA LYS A 59 5.50 19.48 3.37
C LYS A 59 4.84 18.58 2.31
N PRO A 60 3.90 17.68 2.69
CA PRO A 60 3.18 16.82 1.74
C PRO A 60 2.23 17.60 0.82
N TYR A 61 1.98 17.04 -0.36
CA TYR A 61 0.93 17.54 -1.24
C TYR A 61 0.21 16.35 -1.84
N TYR A 62 -1.05 16.54 -2.23
CA TYR A 62 -1.90 15.40 -2.57
C TYR A 62 -2.30 15.44 -4.04
N TYR A 63 -2.04 14.35 -4.75
CA TYR A 63 -2.28 14.27 -6.20
C TYR A 63 -3.32 13.19 -6.51
N ASN A 64 -4.31 13.53 -7.35
CA ASN A 64 -5.32 12.55 -7.77
C ASN A 64 -4.90 11.92 -9.09
N SER A 65 -4.65 10.63 -9.06
CA SER A 65 -4.10 9.89 -10.19
C SER A 65 -5.06 9.89 -11.39
N GLN A 66 -6.35 9.98 -11.12
CA GLN A 66 -7.35 9.87 -12.16
C GLN A 66 -7.61 11.22 -12.83
N THR A 67 -7.81 12.23 -12.01
CA THR A 67 -8.21 13.53 -12.51
C THR A 67 -7.03 14.48 -12.67
N LYS A 68 -5.86 14.05 -12.20
CA LYS A 68 -4.63 14.85 -12.28
C LYS A 68 -4.72 16.14 -11.46
N GLU A 69 -5.63 16.19 -10.50
CA GLU A 69 -5.76 17.38 -9.65
C GLU A 69 -4.75 17.34 -8.53
N SER A 70 -4.32 18.53 -8.10
CA SER A 70 -3.36 18.67 -7.02
C SER A 70 -3.86 19.72 -6.02
N ARG A 71 -3.72 19.43 -4.73
CA ARG A 71 -4.18 20.35 -3.69
C ARG A 71 -3.34 20.24 -2.42
N TRP A 72 -3.25 21.34 -1.68
CA TRP A 72 -2.54 21.37 -0.41
C TRP A 72 -3.49 21.11 0.76
N ALA A 73 -4.77 20.91 0.42
CA ALA A 73 -5.80 20.67 1.42
C ALA A 73 -6.18 19.19 1.42
N LYS A 74 -6.52 18.68 2.59
CA LYS A 74 -6.78 17.26 2.75
C LYS A 74 -8.14 16.89 2.15
N PRO A 75 -8.19 16.00 1.13
CA PRO A 75 -9.44 15.48 0.62
C PRO A 75 -10.10 14.49 1.59
N LYS A 76 -11.42 14.63 1.75
CA LYS A 76 -12.22 13.78 2.64
C LYS A 76 -12.08 12.31 2.28
N GLU A 77 -11.93 12.03 0.99
CA GLU A 77 -11.77 10.66 0.51
C GLU A 77 -10.51 10.01 1.11
N LEU A 78 -9.50 10.81 1.38
CA LEU A 78 -8.27 10.31 1.99
C LEU A 78 -8.44 10.21 3.49
N GLU A 79 -9.28 11.07 4.05
CA GLU A 79 -9.61 11.00 5.47
C GLU A 79 -10.23 9.64 5.79
N ASP A 80 -11.02 9.14 4.86
CA ASP A 80 -11.60 7.81 4.96
C ASP A 80 -10.50 6.76 5.05
N LEU A 81 -9.43 6.99 4.30
CA LEU A 81 -8.29 6.09 4.29
C LEU A 81 -7.49 6.23 5.57
N GLU A 82 -7.31 7.45 6.03
CA GLU A 82 -6.54 7.73 7.22
C GLU A 82 -7.25 7.19 8.46
N GLY A 83 -8.57 7.28 8.45
CA GLY A 83 -9.35 6.68 9.52
C GLY A 83 -9.12 5.18 9.57
N TYR A 84 -8.91 4.61 8.39
CA TYR A 84 -8.69 3.18 8.25
C TYR A 84 -7.23 2.83 8.55
N GLN A 85 -6.30 3.73 8.25
CA GLN A 85 -4.89 3.53 8.58
C GLN A 85 -4.72 3.44 10.08
N ASN A 86 -5.46 4.26 10.82
CA ASN A 86 -5.39 4.26 12.26
C ASN A 86 -6.07 3.04 12.85
N THR A 87 -6.83 2.34 12.02
CA THR A 87 -7.42 1.07 12.40
C THR A 87 -6.32 0.01 12.47
N ILE A 88 -5.41 0.05 11.51
CA ILE A 88 -4.26 -0.83 11.50
C ILE A 88 -3.27 -0.43 12.60
N VAL A 89 -2.91 0.85 12.62
CA VAL A 89 -1.97 1.37 13.61
C VAL A 89 -2.71 1.68 14.91
N ALA A 90 -3.23 0.62 15.52
CA ALA A 90 -3.88 0.71 16.81
C ALA A 90 -3.68 -0.61 17.53
N GLY A 91 -2.52 -1.17 17.30
CA GLY A 91 -2.22 -2.51 17.78
C GLY A 91 -1.24 -3.18 16.84
N SER A 92 -1.40 -4.50 16.65
CA SER A 92 -0.54 -5.27 15.74
C SER A 92 0.88 -5.38 16.29
N LEU A 93 1.39 -6.60 16.40
CA LEU A 93 2.70 -6.82 16.99
C LEU A 93 3.81 -6.61 15.98
N ILE A 94 3.75 -5.47 15.30
CA ILE A 94 4.79 -5.09 14.36
C ILE A 94 5.93 -4.39 15.09
N THR A 95 6.42 -5.06 16.12
CA THR A 95 7.47 -4.52 16.98
C THR A 95 8.84 -4.64 16.33
N LYS A 96 8.98 -3.94 15.21
CA LYS A 96 10.25 -3.86 14.51
C LYS A 96 10.49 -2.42 14.06
N SER A 97 9.48 -1.59 14.26
CA SER A 97 9.48 -0.21 13.78
C SER A 97 8.47 0.60 14.57
N ASN A 98 7.31 0.01 14.81
CA ASN A 98 6.25 0.67 15.58
C ASN A 98 6.28 0.16 17.02
N LEU A 99 6.22 1.09 17.96
CA LEU A 99 6.30 0.74 19.38
C LEU A 99 5.68 1.86 20.22
N GLY A 1 13.74 -15.17 10.72
CA GLY A 1 12.93 -14.22 11.50
C GLY A 1 13.09 -12.80 10.99
N ALA A 2 12.71 -11.82 11.81
CA ALA A 2 12.81 -10.42 11.45
C ALA A 2 14.02 -9.76 12.10
N MET A 3 15.02 -10.57 12.45
CA MET A 3 16.20 -10.07 13.18
C MET A 3 17.26 -9.59 12.19
N GLY A 4 16.85 -8.79 11.22
CA GLY A 4 17.80 -8.30 10.23
C GLY A 4 17.24 -8.39 8.83
N ALA A 5 16.64 -9.52 8.52
CA ALA A 5 16.01 -9.72 7.22
C ALA A 5 14.50 -9.84 7.38
N LYS A 6 13.80 -8.75 7.18
CA LYS A 6 12.34 -8.73 7.34
C LYS A 6 11.66 -9.05 6.03
N SER A 7 12.42 -9.61 5.10
CA SER A 7 11.91 -9.91 3.78
C SER A 7 12.88 -10.81 3.03
N MET A 8 12.35 -11.74 2.26
CA MET A 8 13.16 -12.57 1.39
C MET A 8 13.49 -11.79 0.13
N TRP A 9 12.97 -10.59 0.07
CA TRP A 9 13.28 -9.64 -0.97
C TRP A 9 14.31 -8.65 -0.47
N THR A 10 15.32 -8.40 -1.26
CA THR A 10 16.38 -7.49 -0.90
C THR A 10 16.46 -6.33 -1.89
N GLU A 11 16.84 -5.15 -1.42
CA GLU A 11 16.85 -3.95 -2.26
C GLU A 11 18.27 -3.61 -2.68
N HIS A 12 18.49 -3.47 -3.98
CA HIS A 12 19.83 -3.15 -4.48
C HIS A 12 19.76 -1.98 -5.46
N LYS A 13 20.75 -1.09 -5.40
CA LYS A 13 20.78 0.05 -6.30
C LYS A 13 22.02 -0.02 -7.19
N SER A 14 21.81 0.09 -8.50
CA SER A 14 22.92 0.05 -9.45
C SER A 14 23.58 1.43 -9.52
N PRO A 15 24.77 1.56 -10.13
CA PRO A 15 25.56 2.80 -10.08
C PRO A 15 24.78 4.07 -10.44
N ASP A 16 23.84 3.98 -11.36
CA ASP A 16 23.10 5.17 -11.82
C ASP A 16 21.88 5.47 -10.95
N GLY A 17 21.72 4.73 -9.86
CA GLY A 17 20.70 5.05 -8.89
C GLY A 17 19.42 4.26 -9.05
N ARG A 18 19.32 3.46 -10.11
CA ARG A 18 18.10 2.68 -10.35
C ARG A 18 18.10 1.43 -9.46
N THR A 19 16.94 1.13 -8.90
CA THR A 19 16.80 0.07 -7.91
C THR A 19 16.13 -1.17 -8.49
N TYR A 20 16.63 -2.34 -8.10
CA TYR A 20 16.00 -3.60 -8.44
C TYR A 20 15.91 -4.47 -7.20
N TYR A 21 14.92 -5.35 -7.14
CA TYR A 21 14.69 -6.17 -5.96
C TYR A 21 15.02 -7.64 -6.22
N TYR A 22 15.68 -8.28 -5.25
CA TYR A 22 16.16 -9.65 -5.41
C TYR A 22 15.54 -10.57 -4.36
N ASN A 23 14.95 -11.67 -4.80
CA ASN A 23 14.35 -12.64 -3.89
C ASN A 23 15.40 -13.69 -3.56
N THR A 24 15.81 -13.75 -2.31
CA THR A 24 16.91 -14.59 -1.88
C THR A 24 16.57 -16.08 -1.97
N GLU A 25 15.29 -16.39 -2.01
CA GLU A 25 14.84 -17.77 -2.05
C GLU A 25 14.81 -18.30 -3.49
N THR A 26 14.13 -17.58 -4.36
CA THR A 26 13.93 -18.03 -5.72
C THR A 26 14.96 -17.45 -6.67
N LYS A 27 15.79 -16.54 -6.15
CA LYS A 27 16.85 -15.88 -6.91
C LYS A 27 16.30 -15.09 -8.10
N GLN A 28 15.02 -14.74 -7.99
CA GLN A 28 14.35 -13.93 -9.00
C GLN A 28 14.62 -12.44 -8.78
N SER A 29 14.84 -11.74 -9.86
CA SER A 29 15.06 -10.31 -9.85
C SER A 29 13.86 -9.59 -10.48
N THR A 30 13.45 -8.46 -9.90
CA THR A 30 12.33 -7.70 -10.44
C THR A 30 12.59 -6.19 -10.31
N TRP A 31 11.99 -5.41 -11.21
CA TRP A 31 12.15 -3.95 -11.21
C TRP A 31 11.03 -3.26 -10.44
N GLU A 32 10.06 -4.03 -9.96
CA GLU A 32 8.91 -3.49 -9.26
C GLU A 32 9.03 -3.76 -7.76
N LYS A 33 8.46 -2.86 -6.95
CA LYS A 33 8.38 -3.09 -5.53
C LYS A 33 7.38 -4.23 -5.29
N PRO A 34 7.81 -5.37 -4.68
CA PRO A 34 6.91 -6.49 -4.42
C PRO A 34 5.75 -6.10 -3.52
N ASP A 35 4.58 -6.63 -3.86
CA ASP A 35 3.37 -6.42 -3.07
C ASP A 35 3.55 -6.89 -1.63
N ASP A 36 4.45 -7.85 -1.44
CA ASP A 36 4.78 -8.36 -0.11
C ASP A 36 5.43 -7.29 0.74
N LEU A 37 6.08 -6.32 0.10
CA LEU A 37 6.77 -5.27 0.84
C LEU A 37 5.95 -4.00 0.91
N LYS A 38 4.87 -3.94 0.14
CA LYS A 38 3.96 -2.83 0.25
C LYS A 38 2.92 -3.17 1.30
N THR A 39 2.72 -2.28 2.24
CA THR A 39 1.77 -2.52 3.31
C THR A 39 0.34 -2.27 2.81
N PRO A 40 -0.71 -2.88 3.41
CA PRO A 40 -2.09 -2.64 2.95
C PRO A 40 -2.40 -1.15 2.81
N ALA A 41 -1.91 -0.36 3.75
CA ALA A 41 -2.09 1.08 3.71
C ALA A 41 -1.43 1.69 2.48
N GLU A 42 -0.21 1.26 2.17
CA GLU A 42 0.49 1.77 1.01
C GLU A 42 -0.27 1.44 -0.25
N GLN A 43 -0.76 0.21 -0.32
CA GLN A 43 -1.52 -0.26 -1.46
C GLN A 43 -2.80 0.56 -1.59
N LEU A 44 -3.40 0.83 -0.45
CA LEU A 44 -4.60 1.63 -0.37
C LEU A 44 -4.33 3.06 -0.83
N LEU A 45 -3.22 3.62 -0.37
CA LEU A 45 -2.87 4.99 -0.69
C LEU A 45 -2.58 5.13 -2.17
N SER A 46 -1.96 4.09 -2.72
CA SER A 46 -1.59 4.09 -4.12
C SER A 46 -2.81 3.90 -5.01
N LYS A 47 -3.89 3.38 -4.44
CA LYS A 47 -5.12 3.15 -5.18
C LYS A 47 -6.06 4.34 -5.08
N CYS A 48 -5.75 5.26 -4.16
CA CYS A 48 -6.51 6.49 -4.02
C CYS A 48 -5.82 7.58 -4.86
N PRO A 49 -6.57 8.56 -5.42
CA PRO A 49 -5.97 9.53 -6.33
C PRO A 49 -5.22 10.67 -5.63
N TRP A 50 -5.17 10.65 -4.31
CA TRP A 50 -4.44 11.69 -3.57
C TRP A 50 -3.20 11.11 -2.89
N LYS A 51 -2.09 11.84 -3.00
CA LYS A 51 -0.85 11.48 -2.32
C LYS A 51 -0.22 12.73 -1.70
N GLU A 52 0.46 12.55 -0.58
CA GLU A 52 1.13 13.67 0.09
C GLU A 52 2.64 13.62 -0.11
N TYR A 53 3.22 14.76 -0.42
CA TYR A 53 4.67 14.88 -0.51
C TYR A 53 5.11 16.16 0.19
N LYS A 54 6.36 16.21 0.64
CA LYS A 54 6.85 17.34 1.43
C LYS A 54 7.64 18.31 0.56
N SER A 55 7.35 19.59 0.73
CA SER A 55 8.09 20.64 0.06
C SER A 55 9.39 20.88 0.84
N ASP A 56 10.38 21.53 0.25
CA ASP A 56 11.69 21.70 0.92
C ASP A 56 11.54 22.38 2.28
N SER A 57 10.50 23.20 2.42
CA SER A 57 10.24 23.91 3.67
C SER A 57 9.48 23.05 4.70
N GLY A 58 9.32 21.76 4.40
CA GLY A 58 8.71 20.84 5.35
C GLY A 58 7.18 20.90 5.33
N LYS A 59 6.64 21.72 4.44
CA LYS A 59 5.20 21.86 4.34
C LYS A 59 4.64 20.88 3.29
N PRO A 60 3.71 19.99 3.69
CA PRO A 60 3.10 19.03 2.74
C PRO A 60 2.18 19.69 1.70
N TYR A 61 2.05 19.05 0.54
CA TYR A 61 1.04 19.44 -0.44
C TYR A 61 0.44 18.18 -1.03
N TYR A 62 -0.79 18.29 -1.53
CA TYR A 62 -1.54 17.10 -1.91
C TYR A 62 -1.83 17.11 -3.42
N TYR A 63 -1.46 16.04 -4.11
CA TYR A 63 -1.59 15.96 -5.57
C TYR A 63 -2.57 14.87 -5.97
N ASN A 64 -3.50 15.19 -6.87
CA ASN A 64 -4.46 14.21 -7.39
C ASN A 64 -3.92 13.63 -8.69
N SER A 65 -3.63 12.33 -8.67
CA SER A 65 -3.01 11.65 -9.80
C SER A 65 -3.91 11.60 -11.03
N GLN A 66 -5.21 11.62 -10.80
CA GLN A 66 -6.18 11.48 -11.88
C GLN A 66 -6.36 12.81 -12.59
N THR A 67 -6.64 13.84 -11.82
CA THR A 67 -7.04 15.13 -12.36
C THR A 67 -5.88 16.12 -12.42
N LYS A 68 -4.74 15.74 -11.83
CA LYS A 68 -3.54 16.59 -11.83
C LYS A 68 -3.75 17.90 -11.08
N GLU A 69 -4.72 17.91 -10.16
CA GLU A 69 -4.99 19.09 -9.34
C GLU A 69 -4.11 19.09 -8.09
N SER A 70 -3.73 20.28 -7.65
CA SER A 70 -2.90 20.43 -6.47
C SER A 70 -3.57 21.38 -5.47
N ARG A 71 -3.47 21.07 -4.17
CA ARG A 71 -4.05 21.93 -3.14
C ARG A 71 -3.22 21.88 -1.86
N TRP A 72 -3.26 22.99 -1.10
CA TRP A 72 -2.58 23.08 0.18
C TRP A 72 -3.56 22.75 1.31
N ALA A 73 -4.79 22.39 0.93
CA ALA A 73 -5.82 22.04 1.89
C ALA A 73 -6.11 20.54 1.82
N LYS A 74 -6.46 19.95 2.95
CA LYS A 74 -6.59 18.50 3.04
C LYS A 74 -7.95 18.05 2.50
N PRO A 75 -7.98 17.21 1.44
CA PRO A 75 -9.23 16.63 0.91
C PRO A 75 -9.81 15.57 1.85
N LYS A 76 -11.13 15.62 2.03
CA LYS A 76 -11.85 14.69 2.91
C LYS A 76 -11.64 13.24 2.47
N GLU A 77 -11.48 13.02 1.18
CA GLU A 77 -11.23 11.70 0.63
C GLU A 77 -10.00 11.07 1.27
N LEU A 78 -9.01 11.91 1.60
CA LEU A 78 -7.79 11.44 2.24
C LEU A 78 -8.00 11.34 3.74
N GLU A 79 -8.84 12.21 4.27
CA GLU A 79 -9.16 12.21 5.69
C GLU A 79 -9.82 10.90 6.08
N ASP A 80 -10.61 10.35 5.18
CA ASP A 80 -11.21 9.03 5.38
C ASP A 80 -10.13 7.96 5.43
N LEU A 81 -9.10 8.15 4.61
CA LEU A 81 -7.98 7.23 4.58
C LEU A 81 -7.17 7.34 5.85
N GLU A 82 -6.94 8.56 6.29
CA GLU A 82 -6.18 8.81 7.51
C GLU A 82 -6.94 8.32 8.72
N GLY A 83 -8.26 8.41 8.64
CA GLY A 83 -9.10 7.82 9.66
C GLY A 83 -8.89 6.33 9.74
N TYR A 84 -8.73 5.72 8.58
CA TYR A 84 -8.47 4.29 8.50
C TYR A 84 -7.03 3.98 8.92
N GLN A 85 -6.12 4.89 8.62
CA GLN A 85 -4.71 4.75 9.01
C GLN A 85 -4.58 4.66 10.53
N ASN A 86 -5.46 5.34 11.24
CA ASN A 86 -5.48 5.28 12.69
C ASN A 86 -6.22 4.03 13.16
N THR A 87 -7.28 3.68 12.45
CA THR A 87 -8.07 2.51 12.77
C THR A 87 -7.55 1.28 12.02
N ILE A 88 -6.24 1.27 11.78
CA ILE A 88 -5.60 0.18 11.05
C ILE A 88 -5.23 -0.93 12.00
N VAL A 89 -5.31 -0.64 13.29
CA VAL A 89 -5.00 -1.60 14.33
C VAL A 89 -6.28 -2.17 14.92
N ALA A 90 -7.32 -2.17 14.11
CA ALA A 90 -8.62 -2.63 14.57
C ALA A 90 -8.94 -4.00 14.00
N GLY A 91 -7.90 -4.76 13.71
CA GLY A 91 -8.06 -6.10 13.20
C GLY A 91 -8.37 -7.08 14.33
N SER A 92 -7.56 -7.03 15.37
CA SER A 92 -7.78 -7.85 16.55
C SER A 92 -8.61 -7.08 17.58
N LEU A 93 -9.40 -6.14 17.08
CA LEU A 93 -10.23 -5.30 17.91
C LEU A 93 -11.69 -5.45 17.49
N ILE A 94 -12.60 -5.24 18.43
CA ILE A 94 -14.01 -5.32 18.15
C ILE A 94 -14.58 -3.90 18.03
N THR A 95 -14.57 -3.39 16.81
CA THR A 95 -15.04 -2.04 16.56
C THR A 95 -16.55 -2.01 16.34
N LYS A 96 -17.29 -1.71 17.40
CA LYS A 96 -18.74 -1.61 17.35
C LYS A 96 -19.35 -2.94 16.88
N SER A 97 -18.79 -4.03 17.41
CA SER A 97 -19.15 -5.40 17.02
C SER A 97 -18.71 -5.69 15.58
N ASN A 98 -19.33 -5.01 14.62
CA ASN A 98 -18.96 -5.13 13.22
C ASN A 98 -19.26 -3.83 12.51
N LEU A 99 -18.20 -3.08 12.22
CA LEU A 99 -18.35 -1.79 11.59
C LEU A 99 -18.64 -1.98 10.10
N GLY A 1 15.42 2.75 3.04
CA GLY A 1 14.38 3.79 2.82
C GLY A 1 12.98 3.25 3.00
N ALA A 2 11.98 4.00 2.54
CA ALA A 2 10.59 3.60 2.68
C ALA A 2 10.15 2.69 1.54
N MET A 3 11.09 2.01 0.91
CA MET A 3 10.78 1.14 -0.21
C MET A 3 11.27 -0.28 0.07
N GLY A 4 11.61 -0.56 1.32
CA GLY A 4 12.17 -1.86 1.65
C GLY A 4 11.78 -2.32 3.04
N ALA A 5 11.81 -3.63 3.22
CA ALA A 5 11.48 -4.25 4.50
C ALA A 5 12.21 -5.58 4.61
N LYS A 6 12.55 -5.96 5.84
CA LYS A 6 13.24 -7.23 6.08
C LYS A 6 12.41 -8.40 5.60
N SER A 7 12.91 -9.11 4.60
CA SER A 7 12.19 -10.20 4.00
C SER A 7 13.13 -10.98 3.09
N MET A 8 12.57 -11.85 2.27
CA MET A 8 13.36 -12.62 1.32
C MET A 8 13.70 -11.77 0.12
N TRP A 9 13.08 -10.61 0.05
CA TRP A 9 13.35 -9.64 -0.99
C TRP A 9 14.42 -8.66 -0.51
N THR A 10 15.41 -8.44 -1.34
CA THR A 10 16.51 -7.55 -0.99
C THR A 10 16.58 -6.39 -1.99
N GLU A 11 16.86 -5.20 -1.50
CA GLU A 11 16.87 -4.00 -2.33
C GLU A 11 18.30 -3.63 -2.71
N HIS A 12 18.57 -3.48 -4.00
CA HIS A 12 19.91 -3.11 -4.45
C HIS A 12 19.86 -1.89 -5.38
N LYS A 13 20.83 -0.99 -5.24
CA LYS A 13 20.88 0.20 -6.09
C LYS A 13 22.14 0.17 -6.96
N SER A 14 21.96 0.26 -8.27
CA SER A 14 23.09 0.30 -9.19
C SER A 14 23.66 1.72 -9.26
N PRO A 15 24.88 1.91 -9.81
CA PRO A 15 25.53 3.23 -9.84
C PRO A 15 24.65 4.36 -10.40
N ASP A 16 23.79 4.03 -11.37
CA ASP A 16 22.94 5.05 -12.00
C ASP A 16 21.70 5.37 -11.17
N GLY A 17 21.62 4.81 -9.97
CA GLY A 17 20.54 5.16 -9.05
C GLY A 17 19.29 4.32 -9.27
N ARG A 18 19.34 3.39 -10.21
CA ARG A 18 18.19 2.54 -10.47
C ARG A 18 18.21 1.36 -9.50
N THR A 19 17.07 1.05 -8.93
CA THR A 19 16.96 0.02 -7.93
C THR A 19 16.27 -1.23 -8.48
N TYR A 20 16.76 -2.40 -8.09
CA TYR A 20 16.11 -3.65 -8.43
C TYR A 20 15.98 -4.53 -7.19
N TYR A 21 14.98 -5.38 -7.16
CA TYR A 21 14.70 -6.19 -5.99
C TYR A 21 15.00 -7.66 -6.27
N TYR A 22 15.67 -8.32 -5.33
CA TYR A 22 16.12 -9.69 -5.52
C TYR A 22 15.55 -10.60 -4.43
N ASN A 23 14.91 -11.70 -4.84
CA ASN A 23 14.34 -12.66 -3.90
C ASN A 23 15.38 -13.72 -3.61
N THR A 24 15.84 -13.79 -2.37
CA THR A 24 16.93 -14.67 -2.00
C THR A 24 16.52 -16.13 -2.03
N GLU A 25 15.22 -16.38 -1.98
CA GLU A 25 14.69 -17.73 -1.95
C GLU A 25 14.61 -18.32 -3.35
N THR A 26 13.96 -17.59 -4.25
CA THR A 26 13.73 -18.07 -5.59
C THR A 26 14.78 -17.55 -6.57
N LYS A 27 15.62 -16.64 -6.09
CA LYS A 27 16.69 -16.03 -6.88
C LYS A 27 16.12 -15.25 -8.08
N GLN A 28 14.87 -14.83 -7.95
CA GLN A 28 14.20 -14.01 -8.95
C GLN A 28 14.54 -12.53 -8.75
N SER A 29 14.63 -11.80 -9.85
CA SER A 29 14.92 -10.37 -9.82
C SER A 29 13.79 -9.60 -10.50
N THR A 30 13.36 -8.49 -9.89
CA THR A 30 12.28 -7.69 -10.46
C THR A 30 12.58 -6.19 -10.33
N TRP A 31 12.00 -5.38 -11.24
CA TRP A 31 12.23 -3.94 -11.25
C TRP A 31 11.14 -3.18 -10.50
N GLU A 32 10.14 -3.90 -10.01
CA GLU A 32 9.04 -3.27 -9.28
C GLU A 32 9.10 -3.66 -7.81
N LYS A 33 8.62 -2.77 -6.93
CA LYS A 33 8.54 -3.08 -5.51
C LYS A 33 7.53 -4.21 -5.31
N PRO A 34 7.95 -5.37 -4.75
CA PRO A 34 7.01 -6.46 -4.50
C PRO A 34 5.91 -6.05 -3.56
N ASP A 35 4.68 -6.35 -3.94
CA ASP A 35 3.52 -6.08 -3.11
C ASP A 35 3.60 -6.82 -1.78
N ASP A 36 4.36 -7.91 -1.76
CA ASP A 36 4.61 -8.68 -0.54
C ASP A 36 5.42 -7.87 0.46
N LEU A 37 6.18 -6.91 -0.05
CA LEU A 37 7.04 -6.09 0.79
C LEU A 37 6.31 -4.85 1.25
N LYS A 38 5.22 -4.56 0.56
CA LYS A 38 4.40 -3.41 0.89
C LYS A 38 3.42 -3.80 1.98
N THR A 39 3.32 -2.99 3.01
CA THR A 39 2.33 -3.22 4.04
C THR A 39 0.94 -2.94 3.45
N PRO A 40 -0.17 -3.53 3.97
CA PRO A 40 -1.50 -3.29 3.38
C PRO A 40 -1.79 -1.80 3.20
N ALA A 41 -1.42 -1.01 4.20
CA ALA A 41 -1.59 0.43 4.14
C ALA A 41 -0.81 1.02 2.96
N GLU A 42 0.41 0.53 2.75
CA GLU A 42 1.23 1.00 1.65
C GLU A 42 0.60 0.70 0.31
N GLN A 43 0.02 -0.49 0.21
CA GLN A 43 -0.65 -0.91 -1.00
C GLN A 43 -1.85 -0.02 -1.25
N LEU A 44 -2.48 0.39 -0.17
CA LEU A 44 -3.58 1.32 -0.20
C LEU A 44 -3.07 2.70 -0.62
N LEU A 45 -1.95 3.12 -0.04
CA LEU A 45 -1.37 4.42 -0.34
C LEU A 45 -0.87 4.46 -1.78
N SER A 46 -0.39 3.32 -2.24
CA SER A 46 0.11 3.19 -3.59
C SER A 46 -1.02 3.33 -4.61
N LYS A 47 -2.25 3.15 -4.13
CA LYS A 47 -3.42 3.27 -5.00
C LYS A 47 -3.94 4.70 -5.02
N CYS A 48 -3.49 5.51 -4.07
CA CYS A 48 -3.85 6.93 -4.07
C CYS A 48 -2.74 7.72 -4.75
N PRO A 49 -3.03 8.52 -5.80
CA PRO A 49 -1.99 9.34 -6.41
C PRO A 49 -1.72 10.63 -5.64
N TRP A 50 -2.47 10.83 -4.56
CA TRP A 50 -2.29 12.02 -3.73
C TRP A 50 -1.71 11.64 -2.37
N LYS A 51 -0.69 12.36 -1.95
CA LYS A 51 -0.04 12.14 -0.66
C LYS A 51 0.09 13.46 0.10
N GLU A 52 0.10 13.37 1.42
CA GLU A 52 0.13 14.56 2.27
C GLU A 52 1.50 14.75 2.93
N TYR A 53 2.02 15.97 2.86
CA TYR A 53 3.26 16.33 3.56
C TYR A 53 3.07 17.68 4.25
N LYS A 54 3.87 17.93 5.29
CA LYS A 54 3.72 19.13 6.11
C LYS A 54 4.76 20.18 5.76
N SER A 55 4.32 21.44 5.68
CA SER A 55 5.22 22.56 5.49
C SER A 55 5.77 23.00 6.86
N ASP A 56 6.83 23.81 6.91
CA ASP A 56 7.49 24.13 8.20
C ASP A 56 6.51 24.73 9.22
N SER A 57 5.48 25.40 8.74
CA SER A 57 4.50 26.03 9.62
C SER A 57 3.39 25.06 10.04
N GLY A 58 3.55 23.78 9.71
CA GLY A 58 2.57 22.78 10.10
C GLY A 58 1.37 22.74 9.18
N LYS A 59 1.42 23.48 8.09
CA LYS A 59 0.32 23.52 7.14
C LYS A 59 0.55 22.45 6.04
N PRO A 60 -0.41 21.49 5.87
CA PRO A 60 -0.26 20.44 4.84
C PRO A 60 -0.40 20.96 3.41
N TYR A 61 0.22 20.23 2.47
CA TYR A 61 0.00 20.44 1.04
C TYR A 61 -0.07 19.08 0.36
N TYR A 62 -0.76 19.00 -0.77
CA TYR A 62 -1.08 17.72 -1.36
C TYR A 62 -0.38 17.55 -2.73
N TYR A 63 0.35 16.45 -2.88
CA TYR A 63 1.16 16.20 -4.09
C TYR A 63 0.63 14.96 -4.85
N ASN A 64 0.44 15.10 -6.16
CA ASN A 64 0.02 13.97 -7.01
C ASN A 64 1.26 13.31 -7.59
N SER A 65 1.46 12.05 -7.22
CA SER A 65 2.67 11.33 -7.60
C SER A 65 2.71 10.97 -9.08
N GLN A 66 1.55 10.94 -9.71
CA GLN A 66 1.46 10.56 -11.11
C GLN A 66 1.78 11.74 -12.02
N THR A 67 1.12 12.85 -11.75
CA THR A 67 1.19 14.01 -12.63
C THR A 67 2.15 15.08 -12.10
N LYS A 68 2.65 14.89 -10.87
CA LYS A 68 3.55 15.84 -10.24
C LYS A 68 2.87 17.20 -9.97
N GLU A 69 1.55 17.19 -9.86
CA GLU A 69 0.80 18.41 -9.54
C GLU A 69 0.76 18.65 -8.03
N SER A 70 0.67 19.92 -7.65
CA SER A 70 0.58 20.29 -6.23
C SER A 70 -0.57 21.29 -6.02
N ARG A 71 -1.30 21.15 -4.91
CA ARG A 71 -2.41 22.05 -4.59
C ARG A 71 -2.59 22.18 -3.08
N TRP A 72 -3.15 23.30 -2.63
CA TRP A 72 -3.40 23.55 -1.22
C TRP A 72 -4.83 23.14 -0.83
N ALA A 73 -5.58 22.67 -1.80
CA ALA A 73 -6.96 22.24 -1.57
C ALA A 73 -7.05 20.72 -1.58
N LYS A 74 -7.92 20.17 -0.75
CA LYS A 74 -8.04 18.73 -0.61
C LYS A 74 -8.83 18.13 -1.77
N PRO A 75 -8.21 17.26 -2.59
CA PRO A 75 -8.91 16.52 -3.64
C PRO A 75 -9.81 15.42 -3.08
N LYS A 76 -10.99 15.26 -3.70
CA LYS A 76 -12.00 14.28 -3.28
C LYS A 76 -11.45 12.86 -3.29
N GLU A 77 -10.55 12.58 -4.23
CA GLU A 77 -9.91 11.27 -4.32
C GLU A 77 -9.18 10.92 -3.03
N LEU A 78 -8.65 11.93 -2.34
CA LEU A 78 -7.95 11.71 -1.09
C LEU A 78 -8.94 11.71 0.08
N GLU A 79 -10.08 12.32 -0.14
CA GLU A 79 -11.13 12.33 0.86
C GLU A 79 -11.57 10.90 1.18
N ASP A 80 -11.52 10.05 0.17
CA ASP A 80 -11.76 8.62 0.35
C ASP A 80 -10.67 8.00 1.22
N LEU A 81 -9.44 8.49 1.07
CA LEU A 81 -8.31 8.06 1.87
C LEU A 81 -8.43 8.59 3.30
N GLU A 82 -8.99 9.78 3.41
CA GLU A 82 -9.31 10.37 4.70
C GLU A 82 -10.33 9.50 5.42
N GLY A 83 -11.19 8.87 4.63
CA GLY A 83 -12.13 7.89 5.16
C GLY A 83 -11.39 6.75 5.85
N TYR A 84 -10.29 6.33 5.25
CA TYR A 84 -9.46 5.27 5.79
C TYR A 84 -8.70 5.73 7.03
N GLN A 85 -8.28 6.99 7.05
CA GLN A 85 -7.58 7.53 8.21
C GLN A 85 -8.52 7.63 9.42
N ASN A 86 -9.81 7.77 9.13
CA ASN A 86 -10.83 7.78 10.18
C ASN A 86 -11.06 6.38 10.72
N THR A 87 -10.61 5.39 9.97
CA THR A 87 -10.65 4.01 10.42
C THR A 87 -9.61 3.78 11.52
N ILE A 88 -8.48 4.47 11.38
CA ILE A 88 -7.44 4.44 12.39
C ILE A 88 -7.84 5.35 13.57
N VAL A 89 -8.14 6.60 13.25
CA VAL A 89 -8.58 7.55 14.27
C VAL A 89 -10.09 7.43 14.47
N ALA A 90 -10.50 6.35 15.13
CA ALA A 90 -11.90 6.10 15.34
C ALA A 90 -12.22 6.05 16.83
N GLY A 91 -12.27 7.22 17.45
CA GLY A 91 -12.58 7.30 18.87
C GLY A 91 -14.08 7.31 19.11
N SER A 92 -14.48 7.63 20.32
CA SER A 92 -15.89 7.65 20.67
C SER A 92 -16.40 9.08 20.71
N LEU A 93 -15.80 9.92 19.88
CA LEU A 93 -16.17 11.33 19.80
C LEU A 93 -17.55 11.49 19.21
N ILE A 94 -18.39 12.25 19.91
CA ILE A 94 -19.74 12.53 19.45
C ILE A 94 -19.82 13.96 18.92
N THR A 95 -20.30 14.10 17.70
CA THR A 95 -20.40 15.41 17.07
C THR A 95 -21.77 15.61 16.43
N LYS A 96 -22.51 16.61 16.90
CA LYS A 96 -23.85 16.92 16.40
C LYS A 96 -24.80 15.76 16.68
N SER A 97 -24.66 15.17 17.86
CA SER A 97 -25.50 14.06 18.26
C SER A 97 -25.68 14.04 19.78
N ASN A 98 -25.42 15.17 20.43
CA ASN A 98 -25.52 15.28 21.88
C ASN A 98 -25.38 16.73 22.32
N LEU A 99 -24.35 17.39 21.79
CA LEU A 99 -24.03 18.77 22.11
C LEU A 99 -23.61 18.92 23.57
N GLY A 1 4.52 -13.95 16.74
CA GLY A 1 5.70 -13.87 15.85
C GLY A 1 5.60 -12.73 14.87
N ALA A 2 5.51 -11.51 15.37
CA ALA A 2 5.35 -10.34 14.53
C ALA A 2 6.33 -9.23 14.94
N MET A 3 7.57 -9.60 15.21
CA MET A 3 8.59 -8.62 15.59
C MET A 3 9.39 -8.21 14.36
N GLY A 4 8.71 -8.15 13.22
CA GLY A 4 9.36 -7.83 11.97
C GLY A 4 8.71 -8.56 10.83
N ALA A 5 9.06 -8.20 9.60
CA ALA A 5 8.44 -8.81 8.45
C ALA A 5 9.37 -9.85 7.82
N LYS A 6 8.80 -10.98 7.44
CA LYS A 6 9.55 -12.00 6.70
C LYS A 6 9.83 -11.46 5.30
N SER A 7 11.07 -11.10 5.05
CA SER A 7 11.41 -10.42 3.81
C SER A 7 12.57 -11.13 3.11
N MET A 8 12.22 -11.93 2.13
CA MET A 8 13.20 -12.65 1.34
C MET A 8 13.65 -11.79 0.17
N TRP A 9 13.08 -10.60 0.10
CA TRP A 9 13.41 -9.65 -0.94
C TRP A 9 14.49 -8.70 -0.44
N THR A 10 15.49 -8.47 -1.26
CA THR A 10 16.58 -7.58 -0.93
C THR A 10 16.63 -6.41 -1.93
N GLU A 11 16.98 -5.23 -1.44
CA GLU A 11 16.98 -4.03 -2.27
C GLU A 11 18.39 -3.67 -2.70
N HIS A 12 18.60 -3.45 -3.99
CA HIS A 12 19.94 -3.05 -4.47
C HIS A 12 19.83 -1.83 -5.37
N LYS A 13 20.79 -0.92 -5.26
CA LYS A 13 20.81 0.27 -6.12
C LYS A 13 21.98 0.18 -7.09
N SER A 14 21.69 0.28 -8.38
CA SER A 14 22.73 0.26 -9.40
C SER A 14 23.46 1.61 -9.42
N PRO A 15 24.66 1.70 -10.02
CA PRO A 15 25.47 2.92 -9.97
C PRO A 15 24.72 4.19 -10.39
N ASP A 16 23.80 4.07 -11.33
CA ASP A 16 23.07 5.23 -11.84
C ASP A 16 21.80 5.52 -11.03
N GLY A 17 21.61 4.78 -9.94
CA GLY A 17 20.52 5.09 -9.02
C GLY A 17 19.26 4.27 -9.23
N ARG A 18 19.22 3.42 -10.25
CA ARG A 18 18.05 2.59 -10.47
C ARG A 18 18.09 1.36 -9.55
N THR A 19 16.97 1.09 -8.91
CA THR A 19 16.89 0.05 -7.91
C THR A 19 16.24 -1.22 -8.47
N TYR A 20 16.75 -2.37 -8.07
CA TYR A 20 16.13 -3.64 -8.42
C TYR A 20 16.03 -4.53 -7.18
N TYR A 21 15.03 -5.38 -7.16
CA TYR A 21 14.76 -6.20 -5.98
C TYR A 21 15.09 -7.68 -6.27
N TYR A 22 15.71 -8.33 -5.30
CA TYR A 22 16.16 -9.72 -5.47
C TYR A 22 15.58 -10.62 -4.37
N ASN A 23 14.88 -11.68 -4.76
CA ASN A 23 14.32 -12.63 -3.79
C ASN A 23 15.34 -13.73 -3.54
N THR A 24 15.83 -13.80 -2.32
CA THR A 24 16.92 -14.70 -1.97
C THR A 24 16.52 -16.17 -2.09
N GLU A 25 15.22 -16.43 -1.97
CA GLU A 25 14.71 -17.79 -1.98
C GLU A 25 14.60 -18.31 -3.40
N THR A 26 13.91 -17.56 -4.24
CA THR A 26 13.64 -18.00 -5.60
C THR A 26 14.68 -17.48 -6.57
N LYS A 27 15.51 -16.55 -6.09
CA LYS A 27 16.60 -15.99 -6.87
C LYS A 27 16.08 -15.24 -8.09
N GLN A 28 14.84 -14.77 -7.98
CA GLN A 28 14.20 -13.97 -9.02
C GLN A 28 14.49 -12.49 -8.79
N SER A 29 14.83 -11.79 -9.87
CA SER A 29 15.12 -10.37 -9.82
C SER A 29 14.03 -9.59 -10.55
N THR A 30 13.58 -8.48 -9.96
CA THR A 30 12.52 -7.69 -10.56
C THR A 30 12.78 -6.18 -10.41
N TRP A 31 12.23 -5.39 -11.33
CA TRP A 31 12.36 -3.92 -11.29
C TRP A 31 11.18 -3.29 -10.56
N GLU A 32 10.25 -4.13 -10.10
CA GLU A 32 9.04 -3.66 -9.44
C GLU A 32 9.09 -3.94 -7.94
N LYS A 33 8.55 -3.02 -7.15
CA LYS A 33 8.43 -3.21 -5.71
C LYS A 33 7.44 -4.35 -5.44
N PRO A 34 7.86 -5.44 -4.76
CA PRO A 34 6.94 -6.53 -4.43
C PRO A 34 5.81 -6.06 -3.53
N ASP A 35 4.62 -6.59 -3.77
CA ASP A 35 3.45 -6.29 -2.95
C ASP A 35 3.70 -6.67 -1.50
N ASP A 36 4.57 -7.65 -1.29
CA ASP A 36 4.93 -8.11 0.04
C ASP A 36 5.66 -7.02 0.82
N LEU A 37 6.28 -6.09 0.11
CA LEU A 37 7.02 -5.00 0.76
C LEU A 37 6.25 -3.68 0.68
N LYS A 38 5.08 -3.73 0.09
CA LYS A 38 4.19 -2.58 0.07
C LYS A 38 3.31 -2.64 1.30
N THR A 39 3.14 -1.51 1.97
CA THR A 39 2.29 -1.46 3.16
C THR A 39 0.81 -1.68 2.75
N PRO A 40 -0.07 -2.18 3.64
CA PRO A 40 -1.48 -2.44 3.26
C PRO A 40 -2.12 -1.24 2.56
N ALA A 41 -1.85 -0.05 3.07
CA ALA A 41 -2.35 1.18 2.47
C ALA A 41 -1.84 1.33 1.04
N GLU A 42 -0.57 1.03 0.84
CA GLU A 42 0.03 1.11 -0.50
C GLU A 42 -0.64 0.15 -1.44
N GLN A 43 -0.88 -1.07 -0.96
CA GLN A 43 -1.53 -2.09 -1.75
C GLN A 43 -2.94 -1.66 -2.09
N LEU A 44 -3.58 -1.05 -1.11
CA LEU A 44 -4.92 -0.52 -1.26
C LEU A 44 -4.93 0.57 -2.33
N LEU A 45 -3.91 1.43 -2.31
CA LEU A 45 -3.82 2.51 -3.28
C LEU A 45 -3.46 1.97 -4.66
N SER A 46 -2.62 0.95 -4.66
CA SER A 46 -2.15 0.35 -5.90
C SER A 46 -3.23 -0.48 -6.55
N LYS A 47 -4.27 -0.81 -5.79
CA LYS A 47 -5.37 -1.61 -6.31
C LYS A 47 -6.47 -0.73 -6.88
N CYS A 48 -6.44 0.57 -6.59
CA CYS A 48 -7.47 1.44 -7.08
C CYS A 48 -7.03 2.08 -8.41
N PRO A 49 -7.77 1.88 -9.51
CA PRO A 49 -7.53 2.60 -10.75
C PRO A 49 -8.34 3.89 -10.86
N TRP A 50 -9.09 4.23 -9.82
CA TRP A 50 -9.89 5.45 -9.82
C TRP A 50 -9.34 6.46 -8.82
N LYS A 51 -9.28 7.72 -9.23
CA LYS A 51 -8.85 8.81 -8.36
C LYS A 51 -9.77 10.01 -8.52
N GLU A 52 -9.90 10.80 -7.47
CA GLU A 52 -10.82 11.94 -7.45
C GLU A 52 -10.07 13.27 -7.50
N TYR A 53 -10.54 14.17 -8.36
CA TYR A 53 -9.98 15.53 -8.43
C TYR A 53 -11.14 16.54 -8.51
N LYS A 54 -10.88 17.78 -8.12
CA LYS A 54 -11.92 18.80 -8.04
C LYS A 54 -11.86 19.77 -9.22
N SER A 55 -13.02 20.06 -9.79
CA SER A 55 -13.15 21.03 -10.89
C SER A 55 -13.25 22.45 -10.28
N ASP A 56 -13.13 23.52 -11.08
CA ASP A 56 -13.10 24.90 -10.51
C ASP A 56 -14.35 25.19 -9.68
N SER A 57 -15.46 24.55 -10.01
CA SER A 57 -16.72 24.79 -9.32
C SER A 57 -16.86 23.93 -8.06
N GLY A 58 -15.77 23.25 -7.68
CA GLY A 58 -15.79 22.46 -6.45
C GLY A 58 -16.41 21.09 -6.62
N LYS A 59 -16.81 20.79 -7.85
CA LYS A 59 -17.47 19.51 -8.14
C LYS A 59 -16.43 18.46 -8.54
N PRO A 60 -16.36 17.31 -7.82
CA PRO A 60 -15.40 16.24 -8.14
C PRO A 60 -15.74 15.49 -9.43
N TYR A 61 -14.70 14.92 -10.04
CA TYR A 61 -14.86 13.99 -11.15
C TYR A 61 -13.89 12.84 -10.95
N TYR A 62 -14.20 11.68 -11.52
CA TYR A 62 -13.44 10.49 -11.22
C TYR A 62 -12.74 9.97 -12.48
N TYR A 63 -11.42 9.77 -12.37
CA TYR A 63 -10.60 9.35 -13.53
C TYR A 63 -9.99 7.95 -13.30
N ASN A 64 -10.12 7.08 -14.31
CA ASN A 64 -9.52 5.74 -14.26
C ASN A 64 -8.14 5.77 -14.93
N SER A 65 -7.11 5.51 -14.14
CA SER A 65 -5.73 5.62 -14.61
C SER A 65 -5.38 4.56 -15.65
N GLN A 66 -6.11 3.46 -15.65
CA GLN A 66 -5.82 2.37 -16.56
C GLN A 66 -6.49 2.59 -17.91
N THR A 67 -7.79 2.85 -17.88
CA THR A 67 -8.59 2.90 -19.09
C THR A 67 -8.77 4.33 -19.58
N LYS A 68 -8.34 5.30 -18.78
CA LYS A 68 -8.45 6.72 -19.13
C LYS A 68 -9.90 7.18 -19.26
N GLU A 69 -10.82 6.47 -18.61
CA GLU A 69 -12.24 6.85 -18.64
C GLU A 69 -12.55 7.85 -17.53
N SER A 70 -13.39 8.82 -17.84
CA SER A 70 -13.82 9.82 -16.88
C SER A 70 -15.34 9.77 -16.71
N ARG A 71 -15.82 9.91 -15.48
CA ARG A 71 -17.25 9.90 -15.20
C ARG A 71 -17.59 10.81 -14.02
N TRP A 72 -18.80 11.35 -14.04
CA TRP A 72 -19.28 12.23 -12.97
C TRP A 72 -19.95 11.41 -11.87
N ALA A 73 -20.11 10.11 -12.13
CA ALA A 73 -20.75 9.21 -11.19
C ALA A 73 -19.72 8.35 -10.47
N LYS A 74 -19.97 8.05 -9.21
CA LYS A 74 -19.02 7.31 -8.39
C LYS A 74 -19.05 5.81 -8.71
N PRO A 75 -17.91 5.22 -9.12
CA PRO A 75 -17.75 3.77 -9.21
C PRO A 75 -17.62 3.12 -7.82
N LYS A 76 -18.29 1.97 -7.64
CA LYS A 76 -18.33 1.26 -6.36
C LYS A 76 -16.93 0.82 -5.91
N GLU A 77 -16.06 0.57 -6.88
CA GLU A 77 -14.68 0.16 -6.59
C GLU A 77 -13.97 1.21 -5.74
N LEU A 78 -14.37 2.47 -5.90
CA LEU A 78 -13.77 3.58 -5.16
C LEU A 78 -14.39 3.70 -3.78
N GLU A 79 -15.59 3.18 -3.62
CA GLU A 79 -16.29 3.19 -2.35
C GLU A 79 -15.48 2.45 -1.29
N ASP A 80 -14.82 1.38 -1.71
CA ASP A 80 -13.95 0.63 -0.81
C ASP A 80 -12.75 1.50 -0.39
N LEU A 81 -12.32 2.36 -1.29
CA LEU A 81 -11.24 3.31 -1.03
C LEU A 81 -11.73 4.44 -0.14
N GLU A 82 -12.96 4.85 -0.36
CA GLU A 82 -13.60 5.87 0.46
C GLU A 82 -13.72 5.41 1.89
N GLY A 83 -13.87 4.11 2.07
CA GLY A 83 -13.84 3.51 3.39
C GLY A 83 -12.54 3.82 4.11
N TYR A 84 -11.45 3.70 3.38
CA TYR A 84 -10.13 3.97 3.92
C TYR A 84 -9.93 5.47 4.15
N GLN A 85 -10.40 6.29 3.20
CA GLN A 85 -10.31 7.74 3.34
C GLN A 85 -11.07 8.20 4.57
N ASN A 86 -12.20 7.57 4.83
CA ASN A 86 -13.04 7.91 5.96
C ASN A 86 -12.35 7.50 7.26
N THR A 87 -11.52 6.47 7.17
CA THR A 87 -10.78 5.97 8.33
C THR A 87 -9.75 6.99 8.81
N ILE A 88 -9.07 7.63 7.87
CA ILE A 88 -8.02 8.58 8.19
C ILE A 88 -8.55 9.78 8.95
N VAL A 89 -9.61 10.37 8.45
CA VAL A 89 -10.19 11.56 9.07
C VAL A 89 -11.47 11.23 9.82
N ALA A 90 -11.50 10.06 10.44
CA ALA A 90 -12.66 9.63 11.20
C ALA A 90 -12.69 10.34 12.56
N GLY A 91 -13.80 11.00 12.85
CA GLY A 91 -13.92 11.72 14.10
C GLY A 91 -14.44 10.83 15.23
N SER A 92 -13.96 9.59 15.24
CA SER A 92 -14.36 8.65 16.28
C SER A 92 -13.76 9.05 17.62
N LEU A 93 -12.54 9.59 17.56
CA LEU A 93 -11.87 10.12 18.74
C LEU A 93 -12.39 11.51 19.04
N ILE A 94 -12.40 11.89 20.30
CA ILE A 94 -12.91 13.18 20.70
C ILE A 94 -11.78 14.17 20.92
N THR A 95 -11.82 15.27 20.18
CA THR A 95 -10.84 16.33 20.32
C THR A 95 -11.44 17.49 21.11
N LYS A 96 -10.84 17.81 22.26
CA LYS A 96 -11.30 18.89 23.13
C LYS A 96 -12.59 18.50 23.82
N SER A 97 -13.67 18.50 23.06
CA SER A 97 -15.00 18.13 23.53
C SER A 97 -16.03 18.57 22.49
N ASN A 98 -17.31 18.50 22.82
CA ASN A 98 -18.33 19.03 21.95
C ASN A 98 -18.39 20.54 22.11
N LEU A 99 -18.35 20.98 23.37
CA LEU A 99 -18.30 22.39 23.74
C LEU A 99 -19.49 23.14 23.13
N GLY A 1 5.07 -14.80 10.40
CA GLY A 1 6.41 -14.80 9.76
C GLY A 1 7.30 -13.72 10.32
N ALA A 2 8.39 -13.43 9.62
CA ALA A 2 9.35 -12.41 10.02
C ALA A 2 9.96 -12.70 11.39
N MET A 3 10.16 -13.99 11.69
CA MET A 3 10.72 -14.40 12.97
C MET A 3 12.22 -14.65 12.81
N GLY A 4 12.90 -13.71 12.17
CA GLY A 4 14.33 -13.84 11.92
C GLY A 4 14.74 -13.05 10.71
N ALA A 5 14.05 -13.27 9.61
CA ALA A 5 14.28 -12.51 8.40
C ALA A 5 13.15 -11.51 8.20
N LYS A 6 13.49 -10.30 7.78
CA LYS A 6 12.51 -9.25 7.57
C LYS A 6 11.87 -9.37 6.19
N SER A 7 12.59 -9.99 5.25
CA SER A 7 12.12 -10.10 3.90
C SER A 7 12.99 -11.06 3.11
N MET A 8 12.37 -11.86 2.25
CA MET A 8 13.10 -12.70 1.32
C MET A 8 13.39 -11.91 0.05
N TRP A 9 13.01 -10.65 0.10
CA TRP A 9 13.32 -9.71 -0.95
C TRP A 9 14.38 -8.74 -0.46
N THR A 10 15.33 -8.42 -1.30
CA THR A 10 16.43 -7.55 -0.94
C THR A 10 16.53 -6.38 -1.92
N GLU A 11 16.90 -5.22 -1.43
CA GLU A 11 16.93 -4.00 -2.24
C GLU A 11 18.36 -3.68 -2.67
N HIS A 12 18.56 -3.42 -3.96
CA HIS A 12 19.88 -3.04 -4.43
C HIS A 12 19.80 -1.83 -5.36
N LYS A 13 20.76 -0.92 -5.25
CA LYS A 13 20.79 0.25 -6.13
C LYS A 13 22.07 0.23 -6.96
N SER A 14 21.94 0.26 -8.27
CA SER A 14 23.10 0.21 -9.15
C SER A 14 23.72 1.60 -9.30
N PRO A 15 24.92 1.72 -9.91
CA PRO A 15 25.61 3.01 -10.06
C PRO A 15 24.74 4.12 -10.68
N ASP A 16 23.75 3.72 -11.47
CA ASP A 16 22.90 4.69 -12.17
C ASP A 16 21.76 5.18 -11.27
N GLY A 17 21.67 4.64 -10.06
CA GLY A 17 20.69 5.11 -9.10
C GLY A 17 19.39 4.35 -9.15
N ARG A 18 19.20 3.53 -10.18
CA ARG A 18 17.97 2.76 -10.29
C ARG A 18 18.05 1.52 -9.40
N THR A 19 16.92 1.19 -8.81
CA THR A 19 16.84 0.11 -7.83
C THR A 19 16.17 -1.13 -8.40
N TYR A 20 16.69 -2.30 -8.04
CA TYR A 20 16.04 -3.56 -8.40
C TYR A 20 15.96 -4.46 -7.17
N TYR A 21 14.96 -5.34 -7.15
CA TYR A 21 14.70 -6.15 -5.97
C TYR A 21 15.04 -7.63 -6.26
N TYR A 22 15.65 -8.28 -5.28
CA TYR A 22 16.12 -9.66 -5.46
C TYR A 22 15.51 -10.58 -4.40
N ASN A 23 14.90 -11.68 -4.83
CA ASN A 23 14.30 -12.66 -3.93
C ASN A 23 15.35 -13.71 -3.60
N THR A 24 15.75 -13.78 -2.35
CA THR A 24 16.86 -14.63 -1.93
C THR A 24 16.52 -16.11 -2.00
N GLU A 25 15.24 -16.43 -2.00
CA GLU A 25 14.81 -17.83 -2.02
C GLU A 25 14.77 -18.36 -3.44
N THR A 26 14.12 -17.65 -4.33
CA THR A 26 13.92 -18.13 -5.69
C THR A 26 14.93 -17.50 -6.65
N LYS A 27 15.72 -16.56 -6.15
CA LYS A 27 16.76 -15.88 -6.94
C LYS A 27 16.16 -15.10 -8.11
N GLN A 28 14.89 -14.74 -7.97
CA GLN A 28 14.19 -13.92 -8.96
C GLN A 28 14.59 -12.45 -8.76
N SER A 29 14.74 -11.74 -9.85
CA SER A 29 15.10 -10.32 -9.81
C SER A 29 14.08 -9.49 -10.58
N THR A 30 13.54 -8.46 -9.95
CA THR A 30 12.48 -7.67 -10.56
C THR A 30 12.67 -6.17 -10.34
N TRP A 31 12.11 -5.36 -11.24
CA TRP A 31 12.18 -3.89 -11.15
C TRP A 31 11.03 -3.33 -10.32
N GLU A 32 10.04 -4.17 -10.00
CA GLU A 32 8.86 -3.73 -9.28
C GLU A 32 9.04 -3.91 -7.78
N LYS A 33 8.41 -3.04 -7.01
CA LYS A 33 8.36 -3.21 -5.56
C LYS A 33 7.38 -4.33 -5.26
N PRO A 34 7.81 -5.44 -4.61
CA PRO A 34 6.89 -6.51 -4.25
C PRO A 34 5.81 -6.03 -3.31
N ASP A 35 4.58 -6.41 -3.62
CA ASP A 35 3.44 -6.10 -2.77
C ASP A 35 3.62 -6.68 -1.37
N ASP A 36 4.45 -7.71 -1.26
CA ASP A 36 4.80 -8.31 0.02
C ASP A 36 5.57 -7.34 0.92
N LEU A 37 6.23 -6.36 0.31
CA LEU A 37 7.02 -5.39 1.08
C LEU A 37 6.25 -4.10 1.29
N LYS A 38 5.10 -3.99 0.63
CA LYS A 38 4.24 -2.83 0.81
C LYS A 38 3.37 -3.07 2.03
N THR A 39 3.30 -2.09 2.90
CA THR A 39 2.49 -2.21 4.11
C THR A 39 1.00 -2.24 3.72
N PRO A 40 0.10 -2.86 4.53
CA PRO A 40 -1.33 -2.89 4.18
C PRO A 40 -1.85 -1.51 3.84
N ALA A 41 -1.40 -0.51 4.58
CA ALA A 41 -1.77 0.88 4.33
C ALA A 41 -1.34 1.34 2.94
N GLU A 42 -0.12 1.00 2.56
CA GLU A 42 0.41 1.37 1.25
C GLU A 42 -0.39 0.70 0.15
N GLN A 43 -0.71 -0.57 0.36
CA GLN A 43 -1.53 -1.32 -0.57
C GLN A 43 -2.90 -0.69 -0.68
N LEU A 44 -3.39 -0.24 0.47
CA LEU A 44 -4.68 0.42 0.57
C LEU A 44 -4.64 1.74 -0.19
N LEU A 45 -3.54 2.49 -0.04
CA LEU A 45 -3.39 3.77 -0.72
C LEU A 45 -3.29 3.57 -2.21
N SER A 46 -2.60 2.51 -2.60
CA SER A 46 -2.37 2.21 -4.00
C SER A 46 -3.66 1.68 -4.65
N LYS A 47 -4.59 1.23 -3.83
CA LYS A 47 -5.86 0.73 -4.33
C LYS A 47 -6.92 1.81 -4.38
N CYS A 48 -6.57 3.02 -3.97
CA CYS A 48 -7.50 4.14 -4.05
C CYS A 48 -7.24 4.92 -5.35
N PRO A 49 -8.25 5.05 -6.25
CA PRO A 49 -8.12 5.92 -7.42
C PRO A 49 -8.62 7.34 -7.17
N TRP A 50 -9.01 7.64 -5.93
CA TRP A 50 -9.49 8.98 -5.58
C TRP A 50 -8.49 9.67 -4.65
N LYS A 51 -8.21 10.93 -4.94
CA LYS A 51 -7.30 11.74 -4.12
C LYS A 51 -7.90 13.11 -3.84
N GLU A 52 -7.54 13.69 -2.70
CA GLU A 52 -8.06 15.00 -2.33
C GLU A 52 -7.00 16.08 -2.51
N TYR A 53 -7.39 17.20 -3.08
CA TYR A 53 -6.53 18.38 -3.16
C TYR A 53 -7.33 19.62 -2.79
N LYS A 54 -6.63 20.68 -2.38
CA LYS A 54 -7.29 21.87 -1.84
C LYS A 54 -7.38 22.97 -2.90
N SER A 55 -8.54 23.62 -2.95
CA SER A 55 -8.72 24.81 -3.77
C SER A 55 -8.27 26.03 -2.97
N ASP A 56 -8.02 27.18 -3.59
CA ASP A 56 -7.43 28.33 -2.86
C ASP A 56 -8.28 28.74 -1.65
N SER A 57 -9.58 28.49 -1.71
CA SER A 57 -10.48 28.85 -0.61
C SER A 57 -10.48 27.78 0.49
N GLY A 58 -9.57 26.81 0.40
CA GLY A 58 -9.45 25.80 1.44
C GLY A 58 -10.45 24.68 1.29
N LYS A 59 -11.23 24.70 0.21
CA LYS A 59 -12.23 23.68 -0.02
C LYS A 59 -11.63 22.53 -0.85
N PRO A 60 -11.64 21.28 -0.33
CA PRO A 60 -11.14 20.12 -1.09
C PRO A 60 -12.03 19.74 -2.27
N TYR A 61 -11.42 19.10 -3.28
CA TYR A 61 -12.16 18.48 -4.37
C TYR A 61 -11.50 17.14 -4.68
N TYR A 62 -12.28 16.21 -5.24
CA TYR A 62 -11.82 14.83 -5.34
C TYR A 62 -11.61 14.43 -6.81
N TYR A 63 -10.41 13.92 -7.12
CA TYR A 63 -10.05 13.57 -8.49
C TYR A 63 -9.76 12.06 -8.60
N ASN A 64 -10.35 11.41 -9.61
CA ASN A 64 -10.09 9.98 -9.87
C ASN A 64 -8.97 9.85 -10.89
N SER A 65 -7.86 9.26 -10.46
CA SER A 65 -6.66 9.17 -11.28
C SER A 65 -6.85 8.28 -12.51
N GLN A 66 -7.76 7.32 -12.41
CA GLN A 66 -7.96 6.36 -13.47
C GLN A 66 -8.86 6.92 -14.57
N THR A 67 -9.99 7.48 -14.15
CA THR A 67 -11.01 7.94 -15.08
C THR A 67 -10.95 9.44 -15.33
N LYS A 68 -10.11 10.14 -14.54
CA LYS A 68 -9.94 11.58 -14.65
C LYS A 68 -11.23 12.35 -14.34
N GLU A 69 -12.13 11.71 -13.59
CA GLU A 69 -13.39 12.35 -13.20
C GLU A 69 -13.20 13.19 -11.94
N SER A 70 -13.86 14.35 -11.90
CA SER A 70 -13.79 15.24 -10.76
C SER A 70 -15.19 15.48 -10.18
N ARG A 71 -15.29 15.51 -8.85
CA ARG A 71 -16.57 15.78 -8.19
C ARG A 71 -16.35 16.55 -6.89
N TRP A 72 -17.35 17.36 -6.51
CA TRP A 72 -17.30 18.13 -5.28
C TRP A 72 -18.00 17.35 -4.16
N ALA A 73 -18.39 16.12 -4.46
CA ALA A 73 -19.05 15.26 -3.49
C ALA A 73 -18.19 14.06 -3.17
N LYS A 74 -18.28 13.58 -1.93
CA LYS A 74 -17.40 12.52 -1.45
C LYS A 74 -17.84 11.17 -2.02
N PRO A 75 -16.95 10.49 -2.80
CA PRO A 75 -17.22 9.12 -3.26
C PRO A 75 -17.09 8.10 -2.13
N LYS A 76 -18.03 7.15 -2.11
CA LYS A 76 -18.05 6.05 -1.15
C LYS A 76 -16.73 5.29 -1.13
N GLU A 77 -16.12 5.15 -2.31
CA GLU A 77 -14.85 4.44 -2.43
C GLU A 77 -13.78 5.06 -1.53
N LEU A 78 -13.87 6.36 -1.31
CA LEU A 78 -12.90 7.07 -0.48
C LEU A 78 -13.30 6.99 0.98
N GLU A 79 -14.56 6.74 1.23
CA GLU A 79 -15.06 6.57 2.59
C GLU A 79 -14.35 5.40 3.26
N ASP A 80 -14.09 4.37 2.48
CA ASP A 80 -13.33 3.21 2.96
C ASP A 80 -11.90 3.63 3.31
N LEU A 81 -11.39 4.63 2.61
CA LEU A 81 -10.07 5.20 2.88
C LEU A 81 -10.13 6.10 4.10
N GLU A 82 -11.22 6.86 4.21
CA GLU A 82 -11.46 7.71 5.36
C GLU A 82 -11.58 6.89 6.63
N GLY A 83 -12.05 5.66 6.45
CA GLY A 83 -12.05 4.70 7.54
C GLY A 83 -10.65 4.50 8.10
N TYR A 84 -9.69 4.34 7.19
CA TYR A 84 -8.29 4.18 7.58
C TYR A 84 -7.73 5.49 8.15
N GLN A 85 -8.12 6.61 7.57
CA GLN A 85 -7.65 7.91 8.06
C GLN A 85 -8.15 8.17 9.48
N ASN A 86 -9.25 7.53 9.84
CA ASN A 86 -9.80 7.64 11.19
C ASN A 86 -9.12 6.62 12.11
N THR A 87 -8.36 5.71 11.52
CA THR A 87 -7.69 4.66 12.27
C THR A 87 -6.33 5.15 12.80
N ILE A 88 -5.81 6.21 12.20
CA ILE A 88 -4.53 6.75 12.60
C ILE A 88 -4.66 7.59 13.87
N VAL A 89 -5.21 6.97 14.89
CA VAL A 89 -5.30 7.53 16.23
C VAL A 89 -5.41 6.40 17.24
N ALA A 90 -5.49 5.17 16.75
CA ALA A 90 -5.73 4.02 17.57
C ALA A 90 -5.15 2.77 16.94
N GLY A 91 -4.48 1.94 17.74
CA GLY A 91 -3.99 0.67 17.24
C GLY A 91 -5.13 -0.31 17.01
N SER A 92 -5.13 -0.97 15.86
CA SER A 92 -6.23 -1.87 15.50
C SER A 92 -6.13 -3.20 16.23
N LEU A 93 -6.39 -3.17 17.53
CA LEU A 93 -6.39 -4.37 18.35
C LEU A 93 -7.72 -4.50 19.06
N ILE A 94 -8.49 -5.52 18.68
CA ILE A 94 -9.83 -5.73 19.21
C ILE A 94 -10.68 -4.48 18.96
N THR A 95 -10.67 -4.02 17.72
CA THR A 95 -11.39 -2.81 17.35
C THR A 95 -12.36 -3.09 16.21
N LYS A 96 -13.59 -3.47 16.55
CA LYS A 96 -14.60 -3.76 15.55
C LYS A 96 -15.88 -2.99 15.89
N SER A 97 -16.87 -3.11 15.02
CA SER A 97 -18.13 -2.40 15.20
C SER A 97 -19.27 -3.18 14.54
N ASN A 98 -18.92 -4.02 13.58
CA ASN A 98 -19.90 -4.87 12.91
C ASN A 98 -20.26 -6.07 13.80
N LEU A 99 -21.40 -5.97 14.47
CA LEU A 99 -21.85 -7.02 15.37
C LEU A 99 -22.51 -8.14 14.58
N GLY A 1 15.09 -9.43 11.66
CA GLY A 1 14.27 -8.77 10.62
C GLY A 1 13.57 -9.77 9.73
N ALA A 2 12.80 -10.66 10.33
CA ALA A 2 12.07 -11.67 9.57
C ALA A 2 10.57 -11.56 9.82
N MET A 3 10.13 -10.37 10.24
CA MET A 3 8.71 -10.15 10.57
C MET A 3 8.14 -9.05 9.69
N GLY A 4 8.53 -9.06 8.41
CA GLY A 4 8.05 -8.04 7.49
C GLY A 4 7.47 -8.64 6.23
N ALA A 5 6.48 -9.51 6.42
CA ALA A 5 5.80 -10.19 5.31
C ALA A 5 6.77 -10.96 4.42
N LYS A 6 7.59 -11.78 5.07
CA LYS A 6 8.64 -12.56 4.41
C LYS A 6 9.68 -11.64 3.78
N SER A 7 10.69 -11.30 4.56
CA SER A 7 11.75 -10.41 4.10
C SER A 7 12.76 -11.16 3.23
N MET A 8 12.24 -11.85 2.23
CA MET A 8 13.05 -12.65 1.34
C MET A 8 13.44 -11.83 0.11
N TRP A 9 13.10 -10.56 0.15
CA TRP A 9 13.45 -9.64 -0.91
C TRP A 9 14.54 -8.70 -0.42
N THR A 10 15.52 -8.46 -1.28
CA THR A 10 16.63 -7.59 -0.95
C THR A 10 16.70 -6.44 -1.94
N GLU A 11 17.02 -5.24 -1.46
CA GLU A 11 17.02 -4.04 -2.29
C GLU A 11 18.44 -3.67 -2.70
N HIS A 12 18.65 -3.40 -3.99
CA HIS A 12 19.97 -2.99 -4.47
C HIS A 12 19.84 -1.81 -5.42
N LYS A 13 20.78 -0.88 -5.36
CA LYS A 13 20.75 0.30 -6.22
C LYS A 13 22.02 0.36 -7.09
N SER A 14 21.84 0.26 -8.41
CA SER A 14 22.96 0.26 -9.35
C SER A 14 23.58 1.66 -9.45
N PRO A 15 24.77 1.80 -10.08
CA PRO A 15 25.47 3.10 -10.15
C PRO A 15 24.61 4.27 -10.64
N ASP A 16 23.64 3.99 -11.50
CA ASP A 16 22.79 5.06 -12.07
C ASP A 16 21.67 5.44 -11.08
N GLY A 17 21.67 4.82 -9.91
CA GLY A 17 20.71 5.16 -8.88
C GLY A 17 19.39 4.42 -9.02
N ARG A 18 19.34 3.48 -9.97
CA ARG A 18 18.12 2.73 -10.22
C ARG A 18 18.11 1.48 -9.35
N THR A 19 16.94 1.16 -8.81
CA THR A 19 16.82 0.09 -7.84
C THR A 19 16.19 -1.17 -8.43
N TYR A 20 16.70 -2.33 -8.05
CA TYR A 20 16.07 -3.60 -8.40
C TYR A 20 15.99 -4.49 -7.17
N TYR A 21 15.03 -5.39 -7.15
CA TYR A 21 14.77 -6.21 -5.97
C TYR A 21 15.10 -7.69 -6.26
N TYR A 22 15.75 -8.34 -5.29
CA TYR A 22 16.18 -9.73 -5.44
C TYR A 22 15.56 -10.63 -4.37
N ASN A 23 14.93 -11.72 -4.81
CA ASN A 23 14.30 -12.68 -3.89
C ASN A 23 15.32 -13.76 -3.55
N THR A 24 15.72 -13.84 -2.30
CA THR A 24 16.79 -14.74 -1.89
C THR A 24 16.36 -16.20 -1.95
N GLU A 25 15.06 -16.43 -1.96
CA GLU A 25 14.51 -17.77 -1.97
C GLU A 25 14.49 -18.35 -3.39
N THR A 26 13.90 -17.61 -4.32
CA THR A 26 13.71 -18.09 -5.67
C THR A 26 14.79 -17.55 -6.62
N LYS A 27 15.60 -16.63 -6.10
CA LYS A 27 16.68 -16.00 -6.87
C LYS A 27 16.13 -15.21 -8.07
N GLN A 28 14.87 -14.81 -7.99
CA GLN A 28 14.24 -13.98 -9.00
C GLN A 28 14.57 -12.52 -8.76
N SER A 29 14.91 -11.82 -9.83
CA SER A 29 15.18 -10.39 -9.78
C SER A 29 14.07 -9.62 -10.52
N THR A 30 13.59 -8.53 -9.93
CA THR A 30 12.54 -7.74 -10.54
C THR A 30 12.79 -6.23 -10.41
N TRP A 31 12.26 -5.47 -11.36
CA TRP A 31 12.35 -4.00 -11.33
C TRP A 31 11.11 -3.39 -10.68
N GLU A 32 10.19 -4.24 -10.25
CA GLU A 32 8.94 -3.79 -9.65
C GLU A 32 8.96 -4.01 -8.14
N LYS A 33 8.26 -3.16 -7.41
CA LYS A 33 8.19 -3.26 -5.97
C LYS A 33 7.27 -4.43 -5.58
N PRO A 34 7.77 -5.45 -4.86
CA PRO A 34 6.95 -6.58 -4.44
C PRO A 34 5.80 -6.18 -3.52
N ASP A 35 4.67 -6.85 -3.71
CA ASP A 35 3.48 -6.64 -2.89
C ASP A 35 3.77 -6.90 -1.41
N ASP A 36 4.75 -7.76 -1.14
CA ASP A 36 5.15 -8.07 0.22
C ASP A 36 5.87 -6.91 0.88
N LEU A 37 6.45 -6.01 0.07
CA LEU A 37 7.19 -4.87 0.59
C LEU A 37 6.40 -3.58 0.46
N LYS A 38 5.18 -3.68 -0.03
CA LYS A 38 4.25 -2.56 0.00
C LYS A 38 3.90 -2.26 1.45
N THR A 39 3.54 -1.03 1.75
CA THR A 39 3.28 -0.64 3.13
C THR A 39 2.09 -1.42 3.70
N PRO A 40 2.02 -1.69 5.02
CA PRO A 40 0.90 -2.47 5.58
C PRO A 40 -0.46 -1.97 5.13
N ALA A 41 -0.62 -0.64 5.08
CA ALA A 41 -1.85 -0.01 4.62
C ALA A 41 -2.18 -0.43 3.19
N GLU A 42 -1.18 -0.42 2.33
CA GLU A 42 -1.36 -0.80 0.93
C GLU A 42 -1.77 -2.25 0.84
N GLN A 43 -1.12 -3.09 1.63
CA GLN A 43 -1.43 -4.50 1.65
C GLN A 43 -2.82 -4.71 2.20
N LEU A 44 -3.18 -3.93 3.20
CA LEU A 44 -4.49 -4.01 3.80
C LEU A 44 -5.58 -3.59 2.80
N LEU A 45 -5.25 -2.66 1.91
CA LEU A 45 -6.20 -2.24 0.90
C LEU A 45 -6.43 -3.34 -0.12
N SER A 46 -5.34 -3.99 -0.48
CA SER A 46 -5.39 -5.06 -1.47
C SER A 46 -5.89 -6.36 -0.85
N LYS A 47 -5.76 -6.48 0.46
CA LYS A 47 -6.10 -7.71 1.16
C LYS A 47 -7.42 -7.59 1.92
N CYS A 48 -8.13 -6.48 1.74
CA CYS A 48 -9.40 -6.32 2.42
C CYS A 48 -10.40 -7.34 1.87
N PRO A 49 -10.96 -8.26 2.71
CA PRO A 49 -11.91 -9.26 2.22
C PRO A 49 -13.36 -8.81 2.28
N TRP A 50 -13.61 -7.60 2.75
CA TRP A 50 -14.96 -7.09 2.83
C TRP A 50 -15.15 -5.95 1.84
N LYS A 51 -16.23 -6.03 1.07
CA LYS A 51 -16.59 -4.99 0.11
C LYS A 51 -18.05 -4.60 0.28
N GLU A 52 -18.37 -3.35 -0.04
CA GLU A 52 -19.73 -2.85 0.08
C GLU A 52 -20.37 -2.69 -1.29
N TYR A 53 -21.59 -3.19 -1.42
CA TYR A 53 -22.35 -3.02 -2.65
C TYR A 53 -23.78 -2.62 -2.31
N LYS A 54 -24.47 -1.99 -3.25
CA LYS A 54 -25.81 -1.47 -3.01
C LYS A 54 -26.87 -2.43 -3.54
N SER A 55 -27.92 -2.62 -2.76
CA SER A 55 -29.07 -3.39 -3.20
C SER A 55 -29.98 -2.48 -4.03
N ASP A 56 -30.95 -3.02 -4.76
CA ASP A 56 -31.76 -2.19 -5.68
C ASP A 56 -32.46 -1.05 -4.93
N SER A 57 -32.75 -1.25 -3.67
CA SER A 57 -33.42 -0.22 -2.86
C SER A 57 -32.42 0.78 -2.28
N GLY A 58 -31.16 0.70 -2.70
CA GLY A 58 -30.16 1.64 -2.24
C GLY A 58 -29.54 1.26 -0.90
N LYS A 59 -29.96 0.12 -0.36
CA LYS A 59 -29.47 -0.33 0.93
C LYS A 59 -28.18 -1.14 0.77
N PRO A 60 -27.05 -0.73 1.40
CA PRO A 60 -25.78 -1.45 1.30
C PRO A 60 -25.80 -2.82 2.01
N TYR A 61 -24.98 -3.74 1.51
CA TYR A 61 -24.70 -4.99 2.21
C TYR A 61 -23.23 -5.32 2.05
N TYR A 62 -22.67 -6.09 2.97
CA TYR A 62 -21.23 -6.30 3.00
C TYR A 62 -20.90 -7.77 2.68
N TYR A 63 -20.01 -7.98 1.71
CA TYR A 63 -19.69 -9.33 1.25
C TYR A 63 -18.21 -9.65 1.50
N ASN A 64 -17.93 -10.82 2.07
CA ASN A 64 -16.56 -11.26 2.29
C ASN A 64 -16.11 -12.13 1.12
N SER A 65 -15.12 -11.65 0.38
CA SER A 65 -14.69 -12.31 -0.85
C SER A 65 -13.95 -13.62 -0.57
N GLN A 66 -13.51 -13.81 0.65
CA GLN A 66 -12.79 -15.03 1.01
C GLN A 66 -13.75 -16.14 1.41
N THR A 67 -14.69 -15.80 2.27
CA THR A 67 -15.56 -16.79 2.89
C THR A 67 -16.96 -16.82 2.27
N LYS A 68 -17.24 -15.87 1.37
CA LYS A 68 -18.55 -15.76 0.70
C LYS A 68 -19.67 -15.45 1.69
N GLU A 69 -19.32 -14.91 2.85
CA GLU A 69 -20.32 -14.55 3.86
C GLU A 69 -20.85 -13.14 3.63
N SER A 70 -22.14 -12.94 3.86
CA SER A 70 -22.74 -11.62 3.75
C SER A 70 -23.41 -11.25 5.07
N ARG A 71 -23.43 -9.96 5.38
CA ARG A 71 -24.06 -9.46 6.60
C ARG A 71 -24.59 -8.05 6.38
N TRP A 72 -25.66 -7.70 7.10
CA TRP A 72 -26.25 -6.37 7.01
C TRP A 72 -25.68 -5.48 8.11
N ALA A 73 -24.66 -5.99 8.79
CA ALA A 73 -23.98 -5.26 9.86
C ALA A 73 -22.53 -5.00 9.49
N LYS A 74 -22.01 -3.88 9.95
CA LYS A 74 -20.66 -3.46 9.57
C LYS A 74 -19.60 -4.24 10.38
N PRO A 75 -18.71 -4.99 9.69
CA PRO A 75 -17.58 -5.66 10.36
C PRO A 75 -16.51 -4.67 10.81
N LYS A 76 -16.04 -4.85 12.05
CA LYS A 76 -15.01 -4.01 12.66
C LYS A 76 -13.73 -3.98 11.82
N GLU A 77 -13.44 -5.09 11.15
CA GLU A 77 -12.27 -5.17 10.30
C GLU A 77 -12.29 -4.09 9.21
N LEU A 78 -13.48 -3.73 8.76
CA LEU A 78 -13.63 -2.74 7.71
C LEU A 78 -13.60 -1.34 8.30
N GLU A 79 -14.08 -1.21 9.52
CA GLU A 79 -14.08 0.08 10.22
C GLU A 79 -12.67 0.62 10.37
N ASP A 80 -11.73 -0.27 10.66
CA ASP A 80 -10.33 0.10 10.77
C ASP A 80 -9.81 0.64 9.44
N LEU A 81 -10.34 0.09 8.37
CA LEU A 81 -10.01 0.51 7.02
C LEU A 81 -10.70 1.83 6.70
N GLU A 82 -11.97 1.93 7.06
CA GLU A 82 -12.76 3.13 6.79
C GLU A 82 -12.22 4.32 7.56
N GLY A 83 -11.68 4.06 8.74
CA GLY A 83 -11.03 5.10 9.51
C GLY A 83 -9.90 5.74 8.73
N TYR A 84 -9.18 4.90 7.98
CA TYR A 84 -8.08 5.37 7.16
C TYR A 84 -8.58 5.92 5.83
N GLN A 85 -9.62 5.31 5.26
CA GLN A 85 -10.22 5.81 4.02
C GLN A 85 -10.75 7.23 4.22
N ASN A 86 -11.32 7.48 5.38
CA ASN A 86 -11.91 8.78 5.69
C ASN A 86 -10.82 9.82 5.87
N THR A 87 -9.63 9.36 6.23
CA THR A 87 -8.48 10.24 6.36
C THR A 87 -8.02 10.73 4.99
N ILE A 88 -8.00 9.84 4.02
CA ILE A 88 -7.62 10.18 2.66
C ILE A 88 -8.65 11.13 2.04
N VAL A 89 -9.91 10.73 2.05
CA VAL A 89 -10.99 11.51 1.46
C VAL A 89 -11.16 12.84 2.20
N ALA A 90 -11.35 12.75 3.51
CA ALA A 90 -11.60 13.93 4.34
C ALA A 90 -12.72 14.78 3.76
N GLY A 91 -13.92 14.23 3.75
CA GLY A 91 -15.05 14.90 3.15
C GLY A 91 -16.11 13.91 2.70
N SER A 92 -17.06 14.36 1.90
CA SER A 92 -18.12 13.49 1.42
C SER A 92 -17.77 12.91 0.05
N LEU A 93 -17.33 11.66 0.04
CA LEU A 93 -17.05 10.96 -1.20
C LEU A 93 -18.34 10.37 -1.76
N ILE A 94 -19.19 9.90 -0.87
CA ILE A 94 -20.46 9.32 -1.26
C ILE A 94 -21.59 10.29 -0.94
N THR A 95 -22.48 10.51 -1.91
CA THR A 95 -23.61 11.42 -1.77
C THR A 95 -23.16 12.79 -1.25
N LYS A 96 -22.46 13.54 -2.09
CA LYS A 96 -21.92 14.84 -1.68
C LYS A 96 -23.06 15.85 -1.48
N SER A 97 -24.24 15.48 -1.94
CA SER A 97 -25.45 16.29 -1.80
C SER A 97 -25.36 17.59 -2.61
N ASN A 98 -24.66 18.57 -2.07
CA ASN A 98 -24.50 19.86 -2.74
C ASN A 98 -23.27 20.59 -2.20
N LEU A 99 -22.17 20.54 -2.95
CA LEU A 99 -20.96 21.23 -2.56
C LEU A 99 -20.07 21.45 -3.79
N GLY A 1 11.52 -16.70 5.32
CA GLY A 1 10.27 -16.84 6.11
C GLY A 1 9.05 -16.45 5.29
N ALA A 2 7.99 -17.22 5.44
CA ALA A 2 6.72 -16.93 4.78
C ALA A 2 5.56 -17.14 5.76
N MET A 3 5.83 -16.85 7.03
CA MET A 3 4.83 -17.05 8.08
C MET A 3 4.46 -15.71 8.68
N GLY A 4 4.52 -14.67 7.87
CA GLY A 4 4.20 -13.33 8.35
C GLY A 4 5.03 -12.27 7.64
N ALA A 5 6.34 -12.37 7.75
CA ALA A 5 7.24 -11.39 7.14
C ALA A 5 8.13 -12.06 6.09
N LYS A 6 7.95 -11.65 4.84
CA LYS A 6 8.72 -12.22 3.75
C LYS A 6 9.89 -11.32 3.40
N SER A 7 10.82 -11.19 4.34
CA SER A 7 12.01 -10.38 4.17
C SER A 7 13.05 -11.08 3.29
N MET A 8 12.54 -11.82 2.31
CA MET A 8 13.37 -12.58 1.40
C MET A 8 13.70 -11.74 0.17
N TRP A 9 13.14 -10.54 0.14
CA TRP A 9 13.43 -9.59 -0.91
C TRP A 9 14.51 -8.64 -0.44
N THR A 10 15.46 -8.39 -1.30
CA THR A 10 16.59 -7.54 -0.97
C THR A 10 16.67 -6.37 -1.96
N GLU A 11 16.92 -5.18 -1.44
CA GLU A 11 16.95 -3.97 -2.26
C GLU A 11 18.37 -3.66 -2.71
N HIS A 12 18.59 -3.51 -4.01
CA HIS A 12 19.91 -3.15 -4.51
C HIS A 12 19.82 -1.93 -5.41
N LYS A 13 20.81 -1.04 -5.30
CA LYS A 13 20.84 0.14 -6.16
C LYS A 13 22.09 0.10 -7.04
N SER A 14 21.88 0.20 -8.35
CA SER A 14 23.00 0.18 -9.28
C SER A 14 23.65 1.58 -9.34
N PRO A 15 24.86 1.72 -9.89
CA PRO A 15 25.60 3.00 -9.88
C PRO A 15 24.79 4.20 -10.37
N ASP A 16 23.89 4.00 -11.32
CA ASP A 16 23.14 5.13 -11.90
C ASP A 16 21.89 5.45 -11.09
N GLY A 17 21.72 4.80 -9.94
CA GLY A 17 20.69 5.20 -9.00
C GLY A 17 19.38 4.43 -9.14
N ARG A 18 19.28 3.55 -10.12
CA ARG A 18 18.07 2.77 -10.28
C ARG A 18 18.10 1.54 -9.37
N THR A 19 16.95 1.20 -8.82
CA THR A 19 16.84 0.13 -7.85
C THR A 19 16.13 -1.10 -8.44
N TYR A 20 16.60 -2.28 -8.07
CA TYR A 20 15.91 -3.51 -8.41
C TYR A 20 15.83 -4.42 -7.20
N TYR A 21 14.86 -5.32 -7.21
CA TYR A 21 14.59 -6.16 -6.04
C TYR A 21 14.94 -7.62 -6.31
N TYR A 22 15.62 -8.26 -5.36
CA TYR A 22 16.08 -9.64 -5.53
C TYR A 22 15.50 -10.55 -4.44
N ASN A 23 14.89 -11.66 -4.85
CA ASN A 23 14.31 -12.63 -3.91
C ASN A 23 15.37 -13.70 -3.60
N THR A 24 15.80 -13.76 -2.36
CA THR A 24 16.89 -14.64 -1.96
C THR A 24 16.49 -16.11 -2.01
N GLU A 25 15.19 -16.37 -1.96
CA GLU A 25 14.69 -17.73 -1.93
C GLU A 25 14.63 -18.32 -3.34
N THR A 26 14.01 -17.60 -4.25
CA THR A 26 13.79 -18.08 -5.60
C THR A 26 14.87 -17.59 -6.56
N LYS A 27 15.68 -16.64 -6.08
CA LYS A 27 16.74 -16.04 -6.87
C LYS A 27 16.19 -15.27 -8.07
N GLN A 28 14.93 -14.87 -7.96
CA GLN A 28 14.27 -14.06 -8.98
C GLN A 28 14.59 -12.59 -8.79
N SER A 29 14.73 -11.88 -9.89
CA SER A 29 15.01 -10.45 -9.87
C SER A 29 13.93 -9.69 -10.63
N THR A 30 13.45 -8.58 -10.06
CA THR A 30 12.37 -7.84 -10.68
C THR A 30 12.57 -6.32 -10.52
N TRP A 31 11.99 -5.56 -11.46
CA TRP A 31 11.98 -4.09 -11.38
C TRP A 31 10.70 -3.61 -10.70
N GLU A 32 9.81 -4.54 -10.36
CA GLU A 32 8.53 -4.21 -9.75
C GLU A 32 8.60 -4.36 -8.23
N LYS A 33 7.80 -3.57 -7.54
CA LYS A 33 7.78 -3.58 -6.09
C LYS A 33 6.92 -4.75 -5.58
N PRO A 34 7.48 -5.67 -4.77
CA PRO A 34 6.70 -6.73 -4.13
C PRO A 34 5.70 -6.18 -3.11
N ASP A 35 4.55 -6.85 -3.03
CA ASP A 35 3.50 -6.51 -2.08
C ASP A 35 4.00 -6.51 -0.64
N ASP A 36 4.92 -7.41 -0.32
CA ASP A 36 5.42 -7.52 1.04
C ASP A 36 6.22 -6.28 1.43
N LEU A 37 6.73 -5.56 0.44
CA LEU A 37 7.53 -4.38 0.70
C LEU A 37 6.73 -3.10 0.49
N LYS A 38 5.45 -3.24 0.17
CA LYS A 38 4.52 -2.13 0.23
C LYS A 38 4.35 -1.74 1.69
N THR A 39 3.94 -0.51 1.95
CA THR A 39 3.89 -0.04 3.33
C THR A 39 2.84 -0.83 4.13
N PRO A 40 3.04 -1.08 5.44
CA PRO A 40 2.09 -1.89 6.21
C PRO A 40 0.65 -1.45 6.01
N ALA A 41 0.45 -0.13 5.94
CA ALA A 41 -0.88 0.42 5.71
C ALA A 41 -1.47 -0.06 4.40
N GLU A 42 -0.65 -0.10 3.36
CA GLU A 42 -1.10 -0.51 2.03
C GLU A 42 -1.59 -1.94 2.05
N GLN A 43 -0.82 -2.80 2.70
CA GLN A 43 -1.17 -4.20 2.82
C GLN A 43 -2.39 -4.34 3.72
N LEU A 44 -2.43 -3.49 4.72
CA LEU A 44 -3.49 -3.48 5.71
C LEU A 44 -4.78 -2.98 5.09
N LEU A 45 -4.71 -2.12 4.08
CA LEU A 45 -5.92 -1.58 3.46
C LEU A 45 -6.76 -2.70 2.87
N SER A 46 -6.10 -3.65 2.26
CA SER A 46 -6.80 -4.77 1.66
C SER A 46 -7.17 -5.81 2.72
N LYS A 47 -6.43 -5.82 3.81
CA LYS A 47 -6.58 -6.87 4.82
C LYS A 47 -7.19 -6.37 6.14
N CYS A 48 -7.65 -5.12 6.20
CA CYS A 48 -8.13 -4.57 7.46
C CYS A 48 -9.31 -5.42 7.98
N PRO A 49 -9.19 -6.01 9.19
CA PRO A 49 -10.18 -6.97 9.68
C PRO A 49 -11.29 -6.38 10.55
N TRP A 50 -11.32 -5.06 10.71
CA TRP A 50 -12.36 -4.44 11.51
C TRP A 50 -13.30 -3.63 10.64
N LYS A 51 -14.60 -3.86 10.83
CA LYS A 51 -15.63 -3.14 10.09
C LYS A 51 -16.72 -2.66 11.04
N GLU A 52 -17.26 -1.48 10.75
CA GLU A 52 -18.30 -0.88 11.58
C GLU A 52 -19.69 -1.09 10.98
N TYR A 53 -20.62 -1.52 11.82
CA TYR A 53 -22.01 -1.68 11.40
C TYR A 53 -22.93 -1.06 12.45
N LYS A 54 -24.15 -0.72 12.04
CA LYS A 54 -25.08 0.01 12.90
C LYS A 54 -26.11 -0.92 13.52
N SER A 55 -26.38 -0.72 14.80
CA SER A 55 -27.44 -1.42 15.49
C SER A 55 -28.76 -0.68 15.23
N ASP A 56 -29.93 -1.27 15.52
CA ASP A 56 -31.22 -0.61 15.20
C ASP A 56 -31.37 0.73 15.95
N SER A 57 -30.57 0.91 16.99
CA SER A 57 -30.59 2.13 17.77
C SER A 57 -29.72 3.22 17.12
N GLY A 58 -29.01 2.84 16.07
CA GLY A 58 -28.08 3.76 15.45
C GLY A 58 -26.72 3.72 16.10
N LYS A 59 -26.57 2.87 17.11
CA LYS A 59 -25.31 2.74 17.83
C LYS A 59 -24.38 1.78 17.06
N PRO A 60 -23.15 2.21 16.66
CA PRO A 60 -22.22 1.34 15.95
C PRO A 60 -21.61 0.24 16.83
N TYR A 61 -21.22 -0.86 16.20
CA TYR A 61 -20.42 -1.87 16.86
C TYR A 61 -19.38 -2.38 15.87
N TYR A 62 -18.26 -2.89 16.38
CA TYR A 62 -17.12 -3.18 15.52
C TYR A 62 -16.87 -4.70 15.49
N TYR A 63 -16.81 -5.26 14.28
CA TYR A 63 -16.68 -6.71 14.10
C TYR A 63 -15.36 -7.05 13.40
N ASN A 64 -14.64 -8.04 13.92
CA ASN A 64 -13.40 -8.51 13.30
C ASN A 64 -13.72 -9.67 12.36
N SER A 65 -13.51 -9.47 11.08
CA SER A 65 -13.89 -10.42 10.05
C SER A 65 -13.06 -11.70 10.10
N GLN A 66 -11.88 -11.62 10.70
CA GLN A 66 -10.99 -12.77 10.76
C GLN A 66 -11.31 -13.66 11.96
N THR A 67 -11.38 -13.03 13.13
CA THR A 67 -11.48 -13.76 14.38
C THR A 67 -12.90 -13.81 14.92
N LYS A 68 -13.82 -13.09 14.26
CA LYS A 68 -15.23 -13.05 14.67
C LYS A 68 -15.42 -12.43 16.06
N GLU A 69 -14.47 -11.60 16.47
CA GLU A 69 -14.59 -10.88 17.75
C GLU A 69 -15.43 -9.62 17.57
N SER A 70 -16.27 -9.33 18.57
CA SER A 70 -17.13 -8.15 18.53
C SER A 70 -16.93 -7.31 19.80
N ARG A 71 -16.86 -5.98 19.62
CA ARG A 71 -16.67 -5.07 20.75
C ARG A 71 -17.38 -3.74 20.49
N TRP A 72 -17.76 -3.06 21.59
CA TRP A 72 -18.39 -1.75 21.50
C TRP A 72 -17.33 -0.65 21.53
N ALA A 73 -16.10 -1.04 21.83
CA ALA A 73 -15.00 -0.09 21.95
C ALA A 73 -14.18 -0.06 20.67
N LYS A 74 -13.64 1.11 20.33
CA LYS A 74 -12.88 1.27 19.10
C LYS A 74 -11.50 0.61 19.24
N PRO A 75 -11.18 -0.38 18.40
CA PRO A 75 -9.83 -0.97 18.38
C PRO A 75 -8.81 -0.02 17.77
N LYS A 76 -7.65 0.07 18.42
CA LYS A 76 -6.56 0.95 17.99
C LYS A 76 -6.13 0.65 16.55
N GLU A 77 -6.24 -0.60 16.15
CA GLU A 77 -5.90 -1.01 14.79
C GLU A 77 -6.73 -0.25 13.76
N LEU A 78 -7.99 0.00 14.08
CA LEU A 78 -8.88 0.74 13.17
C LEU A 78 -8.58 2.22 13.25
N GLU A 79 -8.15 2.65 14.43
CA GLU A 79 -7.76 4.04 14.65
C GLU A 79 -6.61 4.42 13.72
N ASP A 80 -5.66 3.49 13.59
CA ASP A 80 -4.53 3.66 12.69
C ASP A 80 -5.00 3.73 11.24
N LEU A 81 -6.10 3.05 10.94
CA LEU A 81 -6.70 3.09 9.63
C LEU A 81 -7.35 4.43 9.37
N GLU A 82 -8.11 4.90 10.35
CA GLU A 82 -8.89 6.13 10.20
C GLU A 82 -7.97 7.35 10.13
N GLY A 83 -6.86 7.28 10.85
CA GLY A 83 -5.86 8.34 10.76
C GLY A 83 -5.31 8.46 9.36
N TYR A 84 -5.18 7.31 8.71
CA TYR A 84 -4.68 7.24 7.34
C TYR A 84 -5.81 7.53 6.34
N GLN A 85 -7.03 7.19 6.71
CA GLN A 85 -8.21 7.51 5.90
C GLN A 85 -8.32 9.02 5.71
N ASN A 86 -7.95 9.76 6.74
CA ASN A 86 -8.01 11.22 6.70
C ASN A 86 -6.94 11.76 5.75
N THR A 87 -5.83 11.03 5.63
CA THR A 87 -4.74 11.43 4.77
C THR A 87 -5.14 11.38 3.30
N ILE A 88 -6.02 10.45 2.97
CA ILE A 88 -6.49 10.28 1.60
C ILE A 88 -7.20 11.53 1.08
N VAL A 89 -8.01 12.16 1.94
CA VAL A 89 -8.79 13.32 1.52
C VAL A 89 -7.88 14.54 1.34
N ALA A 90 -6.66 14.45 1.84
CA ALA A 90 -5.71 15.54 1.73
C ALA A 90 -5.00 15.53 0.39
N GLY A 91 -5.44 14.63 -0.48
CA GLY A 91 -4.90 14.54 -1.81
C GLY A 91 -5.49 15.59 -2.72
N SER A 92 -6.72 16.01 -2.40
CA SER A 92 -7.39 17.07 -3.15
C SER A 92 -7.13 18.41 -2.48
N LEU A 93 -6.39 18.37 -1.37
CA LEU A 93 -5.99 19.59 -0.68
C LEU A 93 -4.82 20.21 -1.42
N ILE A 94 -3.93 19.35 -1.90
CA ILE A 94 -2.78 19.79 -2.67
C ILE A 94 -3.10 19.79 -4.15
N THR A 95 -3.60 20.91 -4.63
CA THR A 95 -3.99 21.03 -6.03
C THR A 95 -2.77 21.28 -6.90
N LYS A 96 -1.72 21.73 -6.27
CA LYS A 96 -0.45 22.01 -6.96
C LYS A 96 0.47 20.80 -6.82
N SER A 97 -0.10 19.62 -7.02
CA SER A 97 0.66 18.38 -6.97
C SER A 97 0.57 17.66 -8.31
N ASN A 98 -0.14 18.29 -9.24
CA ASN A 98 -0.30 17.76 -10.60
C ASN A 98 -0.29 18.89 -11.61
N LEU A 99 0.38 19.98 -11.24
CA LEU A 99 0.45 21.15 -12.10
C LEU A 99 1.89 21.33 -12.60
N GLY A 1 15.05 -11.61 14.79
CA GLY A 1 14.65 -12.12 13.46
C GLY A 1 15.14 -13.55 13.24
N ALA A 2 15.40 -13.89 11.99
CA ALA A 2 15.84 -15.24 11.63
C ALA A 2 17.37 -15.31 11.56
N MET A 3 18.03 -14.31 12.15
CA MET A 3 19.51 -14.26 12.18
C MET A 3 20.08 -14.20 10.77
N GLY A 4 19.36 -13.54 9.87
CA GLY A 4 19.81 -13.40 8.51
C GLY A 4 18.68 -13.02 7.58
N ALA A 5 17.63 -13.84 7.55
CA ALA A 5 16.50 -13.58 6.70
C ALA A 5 15.57 -12.54 7.31
N LYS A 6 15.92 -11.29 7.14
CA LYS A 6 15.09 -10.18 7.62
C LYS A 6 13.99 -9.90 6.62
N SER A 7 14.19 -10.42 5.41
CA SER A 7 13.29 -10.20 4.29
C SER A 7 13.81 -10.98 3.10
N MET A 8 12.94 -11.73 2.44
CA MET A 8 13.38 -12.59 1.36
C MET A 8 13.54 -11.79 0.08
N TRP A 9 13.11 -10.55 0.13
CA TRP A 9 13.37 -9.59 -0.92
C TRP A 9 14.41 -8.59 -0.45
N THR A 10 15.42 -8.38 -1.27
CA THR A 10 16.50 -7.48 -0.91
C THR A 10 16.57 -6.32 -1.91
N GLU A 11 16.87 -5.13 -1.41
CA GLU A 11 16.89 -3.94 -2.25
C GLU A 11 18.31 -3.62 -2.69
N HIS A 12 18.53 -3.49 -3.98
CA HIS A 12 19.86 -3.17 -4.48
C HIS A 12 19.80 -1.96 -5.40
N LYS A 13 20.79 -1.07 -5.33
CA LYS A 13 20.81 0.11 -6.17
C LYS A 13 22.09 0.12 -7.02
N SER A 14 21.93 0.17 -8.33
CA SER A 14 23.08 0.15 -9.23
C SER A 14 23.66 1.56 -9.35
N PRO A 15 24.87 1.71 -9.95
CA PRO A 15 25.60 3.00 -9.96
C PRO A 15 24.77 4.20 -10.43
N ASP A 16 23.86 3.99 -11.37
CA ASP A 16 23.08 5.12 -11.92
C ASP A 16 21.88 5.44 -11.01
N GLY A 17 21.74 4.70 -9.92
CA GLY A 17 20.74 5.04 -8.92
C GLY A 17 19.44 4.27 -9.07
N ARG A 18 19.31 3.45 -10.11
CA ARG A 18 18.08 2.69 -10.30
C ARG A 18 18.09 1.46 -9.40
N THR A 19 16.92 1.15 -8.85
CA THR A 19 16.78 0.07 -7.88
C THR A 19 16.13 -1.16 -8.48
N TYR A 20 16.61 -2.33 -8.09
CA TYR A 20 15.96 -3.58 -8.44
C TYR A 20 15.85 -4.46 -7.20
N TYR A 21 14.87 -5.34 -7.20
CA TYR A 21 14.57 -6.15 -6.02
C TYR A 21 14.92 -7.62 -6.28
N TYR A 22 15.59 -8.25 -5.31
CA TYR A 22 16.08 -9.62 -5.48
C TYR A 22 15.51 -10.55 -4.41
N ASN A 23 14.89 -11.65 -4.83
CA ASN A 23 14.34 -12.62 -3.90
C ASN A 23 15.40 -13.67 -3.60
N THR A 24 15.84 -13.73 -2.37
CA THR A 24 16.96 -14.57 -1.97
C THR A 24 16.59 -16.06 -2.02
N GLU A 25 15.30 -16.34 -2.01
CA GLU A 25 14.82 -17.71 -1.99
C GLU A 25 14.74 -18.28 -3.40
N THR A 26 14.08 -17.57 -4.30
CA THR A 26 13.84 -18.05 -5.64
C THR A 26 14.87 -17.51 -6.62
N LYS A 27 15.68 -16.56 -6.15
CA LYS A 27 16.72 -15.92 -6.96
C LYS A 27 16.12 -15.12 -8.12
N GLN A 28 14.85 -14.80 -8.02
CA GLN A 28 14.17 -13.98 -9.01
C GLN A 28 14.47 -12.51 -8.77
N SER A 29 14.78 -11.81 -9.84
CA SER A 29 15.04 -10.39 -9.79
C SER A 29 13.95 -9.64 -10.55
N THR A 30 13.42 -8.57 -9.95
CA THR A 30 12.33 -7.84 -10.57
C THR A 30 12.55 -6.33 -10.44
N TRP A 31 12.00 -5.58 -11.41
CA TRP A 31 12.09 -4.12 -11.40
C TRP A 31 10.84 -3.50 -10.76
N GLU A 32 9.93 -4.35 -10.28
CA GLU A 32 8.69 -3.89 -9.67
C GLU A 32 8.70 -4.20 -8.17
N LYS A 33 8.04 -3.35 -7.39
CA LYS A 33 7.99 -3.50 -5.94
C LYS A 33 7.10 -4.69 -5.56
N PRO A 34 7.64 -5.70 -4.84
CA PRO A 34 6.82 -6.82 -4.36
C PRO A 34 5.75 -6.38 -3.37
N ASP A 35 4.61 -7.06 -3.43
CA ASP A 35 3.50 -6.82 -2.52
C ASP A 35 3.91 -7.03 -1.07
N ASP A 36 4.83 -7.95 -0.84
CA ASP A 36 5.31 -8.25 0.51
C ASP A 36 6.04 -7.04 1.12
N LEU A 37 6.54 -6.14 0.28
CA LEU A 37 7.23 -4.97 0.79
C LEU A 37 6.35 -3.72 0.72
N LYS A 38 5.11 -3.91 0.31
CA LYS A 38 4.12 -2.85 0.35
C LYS A 38 3.48 -2.84 1.73
N THR A 39 2.88 -1.73 2.11
CA THR A 39 2.25 -1.63 3.42
C THR A 39 0.99 -2.52 3.47
N PRO A 40 0.61 -3.08 4.65
CA PRO A 40 -0.57 -3.98 4.72
C PRO A 40 -1.80 -3.40 4.03
N ALA A 41 -2.03 -2.11 4.24
CA ALA A 41 -3.15 -1.42 3.61
C ALA A 41 -3.05 -1.46 2.10
N GLU A 42 -1.85 -1.22 1.58
CA GLU A 42 -1.63 -1.24 0.13
C GLU A 42 -1.89 -2.63 -0.42
N GLN A 43 -1.43 -3.63 0.31
CA GLN A 43 -1.67 -5.02 -0.06
C GLN A 43 -3.17 -5.29 -0.07
N LEU A 44 -3.84 -4.73 0.93
CA LEU A 44 -5.26 -4.89 1.09
C LEU A 44 -5.99 -4.23 -0.07
N LEU A 45 -5.50 -3.06 -0.49
CA LEU A 45 -6.13 -2.32 -1.57
C LEU A 45 -5.91 -3.02 -2.89
N SER A 46 -4.71 -3.55 -3.07
CA SER A 46 -4.34 -4.20 -4.31
C SER A 46 -4.98 -5.57 -4.41
N LYS A 47 -5.36 -6.13 -3.27
CA LYS A 47 -5.96 -7.46 -3.25
C LYS A 47 -7.47 -7.39 -3.27
N CYS A 48 -8.03 -6.20 -3.33
CA CYS A 48 -9.47 -6.06 -3.43
C CYS A 48 -9.87 -6.02 -4.91
N PRO A 49 -10.69 -6.97 -5.40
CA PRO A 49 -11.18 -6.94 -6.78
C PRO A 49 -12.51 -6.21 -6.93
N TRP A 50 -13.02 -5.66 -5.83
CA TRP A 50 -14.30 -4.95 -5.87
C TRP A 50 -14.08 -3.44 -5.67
N LYS A 51 -14.70 -2.65 -6.55
CA LYS A 51 -14.59 -1.19 -6.50
C LYS A 51 -15.96 -0.53 -6.56
N GLU A 52 -16.07 0.66 -5.98
CA GLU A 52 -17.34 1.36 -5.85
C GLU A 52 -17.42 2.56 -6.80
N TYR A 53 -18.49 2.63 -7.59
CA TYR A 53 -18.75 3.78 -8.44
C TYR A 53 -20.21 4.21 -8.30
N LYS A 54 -20.50 5.47 -8.63
CA LYS A 54 -21.83 6.05 -8.39
C LYS A 54 -22.63 6.16 -9.68
N SER A 55 -23.90 5.80 -9.60
CA SER A 55 -24.84 5.98 -10.70
C SER A 55 -25.38 7.41 -10.65
N ASP A 56 -26.10 7.88 -11.67
CA ASP A 56 -26.53 9.30 -11.70
C ASP A 56 -27.35 9.71 -10.47
N SER A 57 -28.07 8.75 -9.88
CA SER A 57 -28.89 9.05 -8.71
C SER A 57 -28.08 8.94 -7.41
N GLY A 58 -26.77 8.76 -7.54
CA GLY A 58 -25.91 8.67 -6.36
C GLY A 58 -25.91 7.29 -5.74
N LYS A 59 -26.64 6.36 -6.35
CA LYS A 59 -26.72 5.00 -5.84
C LYS A 59 -25.47 4.23 -6.28
N PRO A 60 -24.67 3.69 -5.33
CA PRO A 60 -23.46 2.95 -5.67
C PRO A 60 -23.75 1.58 -6.28
N TYR A 61 -22.80 1.09 -7.09
CA TYR A 61 -22.84 -0.27 -7.57
C TYR A 61 -21.42 -0.81 -7.56
N TYR A 62 -21.28 -2.12 -7.46
CA TYR A 62 -19.98 -2.70 -7.19
C TYR A 62 -19.49 -3.53 -8.37
N TYR A 63 -18.27 -3.25 -8.83
CA TYR A 63 -17.71 -3.92 -10.00
C TYR A 63 -16.45 -4.73 -9.63
N ASN A 64 -16.39 -5.98 -10.10
CA ASN A 64 -15.22 -6.84 -9.87
C ASN A 64 -14.26 -6.73 -11.05
N SER A 65 -13.07 -6.22 -10.77
CA SER A 65 -12.09 -5.93 -11.83
C SER A 65 -11.56 -7.20 -12.49
N GLN A 66 -11.65 -8.32 -11.80
CA GLN A 66 -11.11 -9.57 -12.33
C GLN A 66 -12.11 -10.26 -13.23
N THR A 67 -13.31 -10.45 -12.72
CA THR A 67 -14.32 -11.26 -13.39
C THR A 67 -15.32 -10.43 -14.17
N LYS A 68 -15.22 -9.10 -14.02
CA LYS A 68 -16.10 -8.15 -14.73
C LYS A 68 -17.57 -8.28 -14.28
N GLU A 69 -17.79 -8.89 -13.13
CA GLU A 69 -19.15 -9.01 -12.59
C GLU A 69 -19.54 -7.75 -11.83
N SER A 70 -20.78 -7.31 -12.01
CA SER A 70 -21.31 -6.19 -11.25
C SER A 70 -22.58 -6.64 -10.51
N ARG A 71 -22.82 -6.08 -9.33
CA ARG A 71 -23.96 -6.46 -8.51
C ARG A 71 -24.43 -5.27 -7.69
N TRP A 72 -25.72 -5.26 -7.36
CA TRP A 72 -26.32 -4.18 -6.57
C TRP A 72 -26.32 -4.54 -5.09
N ALA A 73 -25.71 -5.66 -4.76
CA ALA A 73 -25.58 -6.10 -3.38
C ALA A 73 -24.13 -6.07 -2.95
N LYS A 74 -23.88 -5.74 -1.69
CA LYS A 74 -22.53 -5.60 -1.20
C LYS A 74 -21.90 -6.97 -0.92
N PRO A 75 -20.79 -7.29 -1.60
CA PRO A 75 -20.03 -8.52 -1.32
C PRO A 75 -19.31 -8.43 0.02
N LYS A 76 -19.33 -9.54 0.77
CA LYS A 76 -18.69 -9.66 2.08
C LYS A 76 -17.22 -9.25 2.02
N GLU A 77 -16.57 -9.59 0.94
CA GLU A 77 -15.14 -9.31 0.78
C GLU A 77 -14.87 -7.80 0.86
N LEU A 78 -15.83 -7.01 0.40
CA LEU A 78 -15.69 -5.56 0.41
C LEU A 78 -16.11 -4.98 1.75
N GLU A 79 -16.95 -5.72 2.47
CA GLU A 79 -17.35 -5.31 3.80
C GLU A 79 -16.13 -5.19 4.70
N ASP A 80 -15.19 -6.08 4.49
CA ASP A 80 -13.90 -6.01 5.19
C ASP A 80 -13.16 -4.73 4.80
N LEU A 81 -13.32 -4.31 3.55
CA LEU A 81 -12.71 -3.07 3.06
C LEU A 81 -13.42 -1.85 3.67
N GLU A 82 -14.74 -1.96 3.78
CA GLU A 82 -15.56 -0.90 4.34
C GLU A 82 -15.17 -0.65 5.79
N GLY A 83 -14.75 -1.71 6.46
CA GLY A 83 -14.23 -1.61 7.80
C GLY A 83 -12.99 -0.76 7.86
N TYR A 84 -12.12 -0.93 6.88
CA TYR A 84 -10.88 -0.16 6.82
C TYR A 84 -11.15 1.28 6.37
N GLN A 85 -12.09 1.45 5.45
CA GLN A 85 -12.46 2.78 4.99
C GLN A 85 -12.99 3.62 6.15
N ASN A 86 -13.61 2.95 7.11
CA ASN A 86 -14.16 3.64 8.27
C ASN A 86 -13.04 3.99 9.25
N THR A 87 -11.97 3.21 9.23
CA THR A 87 -10.83 3.42 10.11
C THR A 87 -10.17 4.77 9.84
N ILE A 88 -10.17 5.16 8.57
CA ILE A 88 -9.52 6.39 8.15
C ILE A 88 -10.17 7.63 8.78
N VAL A 89 -11.50 7.66 8.81
CA VAL A 89 -12.21 8.83 9.32
C VAL A 89 -12.12 8.92 10.85
N ALA A 90 -11.62 7.86 11.46
CA ALA A 90 -11.50 7.81 12.90
C ALA A 90 -10.08 8.13 13.34
N GLY A 91 -9.27 8.57 12.39
CA GLY A 91 -7.90 8.96 12.68
C GLY A 91 -7.85 10.18 13.57
N SER A 92 -8.77 11.09 13.34
CA SER A 92 -8.93 12.27 14.16
C SER A 92 -10.38 12.39 14.59
N LEU A 93 -10.62 12.84 15.81
CA LEU A 93 -11.97 12.97 16.32
C LEU A 93 -12.64 14.20 15.74
N ILE A 94 -13.49 13.98 14.75
CA ILE A 94 -14.15 15.06 14.05
C ILE A 94 -15.41 15.47 14.80
N THR A 95 -15.21 16.06 15.97
CA THR A 95 -16.28 16.61 16.80
C THR A 95 -15.71 17.13 18.11
N LYS A 96 -15.73 18.44 18.27
CA LYS A 96 -15.17 19.06 19.48
C LYS A 96 -16.27 19.68 20.33
N SER A 97 -17.30 20.20 19.69
CA SER A 97 -18.38 20.85 20.43
C SER A 97 -19.63 20.97 19.57
N ASN A 98 -19.59 21.85 18.58
CA ASN A 98 -20.77 22.13 17.74
C ASN A 98 -20.80 21.19 16.55
N LEU A 99 -21.05 19.92 16.83
CA LEU A 99 -21.17 18.89 15.81
C LEU A 99 -21.57 17.57 16.46
N GLY A 1 14.24 -7.43 5.98
CA GLY A 1 13.95 -5.97 6.06
C GLY A 1 12.79 -5.67 6.99
N ALA A 2 12.60 -4.39 7.31
CA ALA A 2 11.53 -3.98 8.22
C ALA A 2 10.30 -3.49 7.44
N MET A 3 10.05 -4.10 6.29
CA MET A 3 8.92 -3.71 5.45
C MET A 3 8.00 -4.89 5.23
N GLY A 4 8.07 -5.88 6.11
CA GLY A 4 7.25 -7.07 5.97
C GLY A 4 7.80 -8.23 6.75
N ALA A 5 6.99 -9.26 6.96
CA ALA A 5 7.41 -10.43 7.71
C ALA A 5 7.99 -11.48 6.79
N LYS A 6 9.13 -12.04 7.21
CA LYS A 6 9.86 -13.04 6.41
C LYS A 6 10.21 -12.47 5.04
N SER A 7 10.66 -11.23 5.02
CA SER A 7 10.97 -10.54 3.78
C SER A 7 12.21 -11.12 3.12
N MET A 8 11.99 -11.90 2.07
CA MET A 8 13.06 -12.56 1.34
C MET A 8 13.53 -11.70 0.19
N TRP A 9 12.95 -10.52 0.08
CA TRP A 9 13.31 -9.59 -0.96
C TRP A 9 14.36 -8.62 -0.46
N THR A 10 15.38 -8.40 -1.27
CA THR A 10 16.49 -7.54 -0.92
C THR A 10 16.57 -6.38 -1.91
N GLU A 11 17.11 -5.24 -1.46
CA GLU A 11 17.17 -4.05 -2.30
C GLU A 11 18.58 -3.80 -2.80
N HIS A 12 18.74 -3.64 -4.11
CA HIS A 12 20.06 -3.35 -4.66
C HIS A 12 19.97 -2.16 -5.60
N LYS A 13 20.98 -1.29 -5.57
CA LYS A 13 20.94 -0.08 -6.39
C LYS A 13 22.12 -0.09 -7.37
N SER A 14 21.84 0.16 -8.63
CA SER A 14 22.89 0.24 -9.64
C SER A 14 23.55 1.62 -9.58
N PRO A 15 24.75 1.80 -10.16
CA PRO A 15 25.52 3.05 -9.99
C PRO A 15 24.73 4.33 -10.27
N ASP A 16 23.77 4.26 -11.20
CA ASP A 16 22.99 5.45 -11.58
C ASP A 16 21.85 5.71 -10.60
N GLY A 17 21.71 4.83 -9.61
CA GLY A 17 20.69 5.03 -8.59
C GLY A 17 19.42 4.22 -8.82
N ARG A 18 19.28 3.57 -9.99
CA ARG A 18 18.10 2.73 -10.22
C ARG A 18 18.16 1.50 -9.34
N THR A 19 17.00 1.14 -8.79
CA THR A 19 16.90 0.05 -7.85
C THR A 19 16.19 -1.16 -8.46
N TYR A 20 16.68 -2.36 -8.15
CA TYR A 20 16.00 -3.57 -8.53
C TYR A 20 15.95 -4.52 -7.33
N TYR A 21 14.92 -5.34 -7.27
CA TYR A 21 14.66 -6.15 -6.09
C TYR A 21 14.99 -7.62 -6.35
N TYR A 22 15.63 -8.27 -5.37
CA TYR A 22 16.09 -9.65 -5.52
C TYR A 22 15.51 -10.54 -4.41
N ASN A 23 14.86 -11.63 -4.79
CA ASN A 23 14.30 -12.58 -3.83
C ASN A 23 15.35 -13.64 -3.54
N THR A 24 15.81 -13.69 -2.30
CA THR A 24 16.92 -14.54 -1.91
C THR A 24 16.53 -16.02 -1.92
N GLU A 25 15.24 -16.28 -1.87
CA GLU A 25 14.74 -17.65 -1.84
C GLU A 25 14.70 -18.25 -3.23
N THR A 26 14.07 -17.53 -4.15
CA THR A 26 13.85 -18.04 -5.49
C THR A 26 14.88 -17.51 -6.48
N LYS A 27 15.71 -16.58 -6.01
CA LYS A 27 16.79 -15.99 -6.81
C LYS A 27 16.23 -15.23 -8.01
N GLN A 28 14.98 -14.78 -7.89
CA GLN A 28 14.31 -14.01 -8.94
C GLN A 28 14.59 -12.51 -8.78
N SER A 29 14.80 -11.84 -9.90
CA SER A 29 15.02 -10.40 -9.93
C SER A 29 13.82 -9.71 -10.59
N THR A 30 13.40 -8.57 -10.05
CA THR A 30 12.29 -7.83 -10.63
C THR A 30 12.51 -6.32 -10.54
N TRP A 31 11.94 -5.59 -11.50
CA TRP A 31 11.98 -4.12 -11.51
C TRP A 31 10.75 -3.54 -10.83
N GLU A 32 9.86 -4.40 -10.35
CA GLU A 32 8.62 -3.96 -9.71
C GLU A 32 8.68 -4.19 -8.21
N LYS A 33 8.11 -3.27 -7.45
CA LYS A 33 8.07 -3.38 -6.00
C LYS A 33 7.14 -4.53 -5.60
N PRO A 34 7.64 -5.54 -4.86
CA PRO A 34 6.79 -6.61 -4.36
C PRO A 34 5.78 -6.11 -3.35
N ASP A 35 4.56 -6.62 -3.45
CA ASP A 35 3.48 -6.29 -2.52
C ASP A 35 3.82 -6.69 -1.10
N ASP A 36 4.72 -7.65 -0.94
CA ASP A 36 5.16 -8.09 0.37
C ASP A 36 5.92 -6.99 1.09
N LEU A 37 6.48 -6.06 0.32
CA LEU A 37 7.24 -4.95 0.88
C LEU A 37 6.35 -3.75 1.15
N LYS A 38 5.11 -3.81 0.67
CA LYS A 38 4.17 -2.75 0.90
C LYS A 38 3.65 -2.87 2.33
N THR A 39 3.65 -1.76 3.04
CA THR A 39 3.21 -1.76 4.43
C THR A 39 1.70 -2.01 4.49
N PRO A 40 1.13 -2.56 5.60
CA PRO A 40 -0.31 -2.81 5.66
C PRO A 40 -1.13 -1.59 5.26
N ALA A 41 -0.68 -0.42 5.68
CA ALA A 41 -1.34 0.84 5.33
C ALA A 41 -1.38 1.05 3.82
N GLU A 42 -0.28 0.75 3.15
CA GLU A 42 -0.18 0.92 1.71
C GLU A 42 -1.16 0.00 0.99
N GLN A 43 -1.20 -1.24 1.46
CA GLN A 43 -2.12 -2.23 0.91
C GLN A 43 -3.54 -1.81 1.22
N LEU A 44 -3.70 -1.21 2.40
CA LEU A 44 -4.98 -0.76 2.87
C LEU A 44 -5.46 0.44 2.04
N LEU A 45 -4.52 1.26 1.58
CA LEU A 45 -4.87 2.44 0.78
C LEU A 45 -5.49 2.04 -0.54
N SER A 46 -4.94 0.99 -1.13
CA SER A 46 -5.43 0.50 -2.40
C SER A 46 -6.71 -0.33 -2.21
N LYS A 47 -6.88 -0.84 -1.00
CA LYS A 47 -7.98 -1.76 -0.73
C LYS A 47 -9.07 -1.16 0.15
N CYS A 48 -9.01 0.14 0.46
CA CYS A 48 -9.99 0.71 1.37
C CYS A 48 -11.35 0.87 0.66
N PRO A 49 -12.42 0.20 1.14
CA PRO A 49 -13.76 0.34 0.57
C PRO A 49 -14.67 1.31 1.34
N TRP A 50 -14.14 1.97 2.35
CA TRP A 50 -14.96 2.89 3.13
C TRP A 50 -14.51 4.33 2.90
N LYS A 51 -15.48 5.20 2.63
CA LYS A 51 -15.23 6.64 2.42
C LYS A 51 -16.22 7.46 3.24
N GLU A 52 -15.80 8.66 3.64
CA GLU A 52 -16.65 9.54 4.43
C GLU A 52 -17.17 10.70 3.59
N TYR A 53 -18.45 11.00 3.76
CA TYR A 53 -19.05 12.18 3.15
C TYR A 53 -19.88 12.91 4.21
N LYS A 54 -20.03 14.22 4.06
CA LYS A 54 -20.69 15.03 5.08
C LYS A 54 -22.13 15.33 4.68
N SER A 55 -23.04 15.22 5.64
CA SER A 55 -24.41 15.65 5.46
C SER A 55 -24.46 17.16 5.75
N ASP A 56 -25.51 17.85 5.31
CA ASP A 56 -25.58 19.32 5.43
C ASP A 56 -25.62 19.77 6.90
N SER A 57 -25.88 18.83 7.79
CA SER A 57 -25.85 19.10 9.23
C SER A 57 -24.41 19.01 9.77
N GLY A 58 -23.47 18.66 8.91
CA GLY A 58 -22.09 18.53 9.32
C GLY A 58 -21.79 17.15 9.89
N LYS A 59 -22.78 16.29 9.90
CA LYS A 59 -22.62 14.94 10.44
C LYS A 59 -22.15 14.00 9.33
N PRO A 60 -20.99 13.32 9.49
CA PRO A 60 -20.49 12.37 8.50
C PRO A 60 -21.29 11.06 8.45
N TYR A 61 -21.25 10.41 7.29
CA TYR A 61 -21.75 9.05 7.16
C TYR A 61 -20.79 8.26 6.29
N TYR A 62 -20.76 6.94 6.44
CA TYR A 62 -19.71 6.14 5.84
C TYR A 62 -20.30 5.16 4.81
N TYR A 63 -19.74 5.18 3.60
CA TYR A 63 -20.25 4.37 2.49
C TYR A 63 -19.20 3.33 2.05
N ASN A 64 -19.63 2.06 1.93
CA ASN A 64 -18.74 0.99 1.45
C ASN A 64 -18.95 0.83 -0.04
N SER A 65 -17.89 1.11 -0.81
CA SER A 65 -17.97 1.12 -2.26
C SER A 65 -18.16 -0.27 -2.86
N GLN A 66 -17.84 -1.29 -2.08
CA GLN A 66 -17.97 -2.67 -2.56
C GLN A 66 -19.38 -3.19 -2.34
N THR A 67 -19.86 -3.07 -1.12
CA THR A 67 -21.11 -3.69 -0.71
C THR A 67 -22.28 -2.72 -0.76
N LYS A 68 -21.98 -1.44 -1.01
CA LYS A 68 -23.00 -0.39 -1.09
C LYS A 68 -23.72 -0.18 0.24
N GLU A 69 -23.07 -0.56 1.34
CA GLU A 69 -23.66 -0.38 2.67
C GLU A 69 -23.34 1.00 3.22
N SER A 70 -24.33 1.59 3.91
CA SER A 70 -24.13 2.87 4.57
C SER A 70 -24.38 2.71 6.08
N ARG A 71 -23.54 3.34 6.90
CA ARG A 71 -23.68 3.25 8.35
C ARG A 71 -23.27 4.56 9.02
N TRP A 72 -23.87 4.83 10.18
CA TRP A 72 -23.57 6.05 10.94
C TRP A 72 -22.47 5.78 11.97
N ALA A 73 -22.00 4.54 12.03
CA ALA A 73 -20.98 4.14 12.97
C ALA A 73 -19.66 3.92 12.25
N LYS A 74 -18.56 4.23 12.92
CA LYS A 74 -17.24 4.13 12.30
C LYS A 74 -16.80 2.67 12.21
N PRO A 75 -16.55 2.15 10.99
CA PRO A 75 -15.97 0.83 10.82
C PRO A 75 -14.49 0.78 11.22
N LYS A 76 -14.14 -0.25 12.00
CA LYS A 76 -12.77 -0.45 12.50
C LYS A 76 -11.74 -0.45 11.38
N GLU A 77 -12.15 -0.94 10.21
CA GLU A 77 -11.27 -0.95 9.03
C GLU A 77 -10.81 0.46 8.68
N LEU A 78 -11.69 1.44 8.86
CA LEU A 78 -11.38 2.82 8.54
C LEU A 78 -10.63 3.48 9.68
N GLU A 79 -10.78 2.94 10.86
CA GLU A 79 -10.04 3.41 12.02
C GLU A 79 -8.54 3.27 11.77
N ASP A 80 -8.16 2.19 11.11
CA ASP A 80 -6.78 2.00 10.67
C ASP A 80 -6.37 3.07 9.65
N LEU A 81 -7.34 3.54 8.88
CA LEU A 81 -7.10 4.63 7.94
C LEU A 81 -6.92 5.92 8.69
N GLU A 82 -7.81 6.16 9.66
CA GLU A 82 -7.84 7.38 10.43
C GLU A 82 -6.56 7.55 11.23
N GLY A 83 -6.05 6.44 11.76
CA GLY A 83 -4.80 6.48 12.47
C GLY A 83 -3.64 6.86 11.57
N TYR A 84 -3.67 6.33 10.36
CA TYR A 84 -2.61 6.59 9.38
C TYR A 84 -2.73 7.99 8.78
N GLN A 85 -3.96 8.48 8.64
CA GLN A 85 -4.19 9.82 8.10
C GLN A 85 -3.50 10.88 8.95
N ASN A 86 -3.42 10.64 10.25
CA ASN A 86 -2.76 11.57 11.15
C ASN A 86 -1.25 11.53 10.94
N THR A 87 -0.77 10.41 10.43
CA THR A 87 0.64 10.20 10.20
C THR A 87 1.06 10.66 8.81
N ILE A 88 0.09 11.00 7.97
CA ILE A 88 0.36 11.36 6.57
C ILE A 88 1.05 12.72 6.49
N VAL A 89 0.98 13.48 7.57
CA VAL A 89 1.59 14.80 7.61
C VAL A 89 3.00 14.72 8.20
N ALA A 90 3.42 13.52 8.57
CA ALA A 90 4.73 13.32 9.16
C ALA A 90 5.66 12.61 8.18
N GLY A 91 6.75 13.27 7.83
CA GLY A 91 7.71 12.67 6.90
C GLY A 91 7.41 13.04 5.47
N SER A 92 6.15 13.28 5.18
CA SER A 92 5.73 13.59 3.82
C SER A 92 4.48 14.46 3.85
N LEU A 93 4.60 15.67 4.40
CA LEU A 93 3.50 16.63 4.39
C LEU A 93 3.07 16.88 2.95
N ILE A 94 4.05 16.86 2.06
CA ILE A 94 3.78 16.82 0.64
C ILE A 94 4.14 15.44 0.12
N THR A 95 3.19 14.76 -0.49
CA THR A 95 3.42 13.43 -1.01
C THR A 95 4.18 13.50 -2.34
N LYS A 96 5.43 13.94 -2.25
CA LYS A 96 6.27 14.11 -3.43
C LYS A 96 7.55 13.29 -3.27
N SER A 97 8.25 13.07 -4.37
CA SER A 97 9.47 12.29 -4.36
C SER A 97 10.25 12.55 -5.64
N ASN A 98 11.29 11.77 -5.89
CA ASN A 98 12.12 11.93 -7.06
C ASN A 98 12.75 10.60 -7.46
N LEU A 99 12.25 10.04 -8.56
CA LEU A 99 12.72 8.75 -9.07
C LEU A 99 12.52 7.65 -8.04
N GLY A 1 2.95 -21.28 3.23
CA GLY A 1 1.89 -20.52 3.94
C GLY A 1 2.16 -19.04 3.93
N ALA A 2 1.24 -18.26 4.46
CA ALA A 2 1.38 -16.80 4.51
C ALA A 2 1.03 -16.26 5.89
N MET A 3 1.42 -16.97 6.94
CA MET A 3 1.07 -16.57 8.30
C MET A 3 2.21 -15.76 8.93
N GLY A 4 3.31 -15.62 8.21
CA GLY A 4 4.45 -14.89 8.73
C GLY A 4 5.60 -14.88 7.75
N ALA A 5 5.74 -13.78 7.04
CA ALA A 5 6.76 -13.65 6.01
C ALA A 5 7.84 -12.66 6.42
N LYS A 6 9.05 -12.86 5.91
CA LYS A 6 10.14 -11.93 6.12
C LYS A 6 10.56 -11.30 4.80
N SER A 7 9.63 -11.34 3.84
CA SER A 7 9.82 -10.79 2.50
C SER A 7 10.76 -11.67 1.66
N MET A 8 11.99 -11.87 2.14
CA MET A 8 13.00 -12.62 1.40
C MET A 8 13.40 -11.85 0.14
N TRP A 9 13.19 -10.55 0.19
CA TRP A 9 13.56 -9.65 -0.89
C TRP A 9 14.69 -8.75 -0.44
N THR A 10 15.63 -8.49 -1.33
CA THR A 10 16.77 -7.66 -1.01
C THR A 10 16.87 -6.49 -1.99
N GLU A 11 17.22 -5.32 -1.49
CA GLU A 11 17.24 -4.10 -2.29
C GLU A 11 18.66 -3.80 -2.76
N HIS A 12 18.83 -3.49 -4.04
CA HIS A 12 20.14 -3.08 -4.54
C HIS A 12 20.01 -1.88 -5.48
N LYS A 13 20.94 -0.94 -5.39
CA LYS A 13 20.93 0.23 -6.27
C LYS A 13 22.19 0.28 -7.11
N SER A 14 22.02 0.30 -8.44
CA SER A 14 23.15 0.41 -9.33
C SER A 14 23.54 1.89 -9.45
N PRO A 15 24.81 2.16 -9.85
CA PRO A 15 25.42 3.50 -9.80
C PRO A 15 24.59 4.63 -10.43
N ASP A 16 23.65 4.27 -11.30
CA ASP A 16 22.82 5.28 -11.96
C ASP A 16 21.61 5.64 -11.11
N GLY A 17 21.48 5.00 -9.96
CA GLY A 17 20.43 5.35 -9.02
C GLY A 17 19.20 4.45 -9.13
N ARG A 18 19.14 3.61 -10.16
CA ARG A 18 17.99 2.73 -10.30
C ARG A 18 18.13 1.52 -9.39
N THR A 19 17.00 1.09 -8.84
CA THR A 19 16.97 0.00 -7.88
C THR A 19 16.31 -1.24 -8.47
N TYR A 20 16.83 -2.41 -8.12
CA TYR A 20 16.20 -3.66 -8.48
C TYR A 20 16.13 -4.57 -7.26
N TYR A 21 15.13 -5.43 -7.23
CA TYR A 21 14.86 -6.23 -6.04
C TYR A 21 15.15 -7.71 -6.31
N TYR A 22 15.84 -8.37 -5.37
CA TYR A 22 16.23 -9.77 -5.53
C TYR A 22 15.61 -10.64 -4.44
N ASN A 23 14.94 -11.72 -4.85
CA ASN A 23 14.31 -12.65 -3.90
C ASN A 23 15.28 -13.76 -3.57
N THR A 24 15.70 -13.83 -2.31
CA THR A 24 16.73 -14.78 -1.90
C THR A 24 16.24 -16.22 -1.92
N GLU A 25 14.93 -16.40 -1.91
CA GLU A 25 14.32 -17.71 -1.88
C GLU A 25 14.26 -18.32 -3.28
N THR A 26 13.70 -17.56 -4.21
CA THR A 26 13.48 -18.06 -5.56
C THR A 26 14.58 -17.62 -6.53
N LYS A 27 15.45 -16.73 -6.05
CA LYS A 27 16.55 -16.18 -6.84
C LYS A 27 16.04 -15.37 -8.03
N GLN A 28 14.81 -14.91 -7.92
CA GLN A 28 14.18 -14.08 -8.95
C GLN A 28 14.55 -12.62 -8.75
N SER A 29 14.73 -11.90 -9.85
CA SER A 29 15.06 -10.49 -9.82
C SER A 29 13.99 -9.69 -10.56
N THR A 30 13.52 -8.60 -9.96
CA THR A 30 12.44 -7.83 -10.55
C THR A 30 12.71 -6.32 -10.46
N TRP A 31 12.18 -5.56 -11.42
CA TRP A 31 12.27 -4.10 -11.40
C TRP A 31 11.07 -3.49 -10.68
N GLU A 32 10.10 -4.33 -10.31
CA GLU A 32 8.87 -3.87 -9.68
C GLU A 32 8.95 -4.06 -8.17
N LYS A 33 8.26 -3.20 -7.42
CA LYS A 33 8.25 -3.28 -5.98
C LYS A 33 7.33 -4.42 -5.53
N PRO A 34 7.85 -5.44 -4.81
CA PRO A 34 7.04 -6.54 -4.30
C PRO A 34 5.96 -6.08 -3.33
N ASP A 35 4.85 -6.83 -3.33
CA ASP A 35 3.73 -6.59 -2.43
C ASP A 35 4.16 -6.62 -0.97
N ASP A 36 5.13 -7.47 -0.64
CA ASP A 36 5.58 -7.60 0.74
C ASP A 36 6.49 -6.44 1.13
N LEU A 37 6.83 -5.60 0.16
CA LEU A 37 7.59 -4.38 0.43
C LEU A 37 6.75 -3.12 0.19
N LYS A 38 5.47 -3.32 -0.10
CA LYS A 38 4.49 -2.24 -0.16
C LYS A 38 4.35 -1.61 1.21
N THR A 39 3.77 -0.43 1.29
CA THR A 39 3.77 0.31 2.54
C THR A 39 3.04 -0.51 3.62
N PRO A 40 3.43 -0.39 4.90
CA PRO A 40 2.88 -1.24 5.95
C PRO A 40 1.36 -1.29 5.92
N ALA A 41 0.73 -0.15 5.66
CA ALA A 41 -0.73 -0.05 5.65
C ALA A 41 -1.34 -1.02 4.65
N GLU A 42 -0.80 -1.06 3.45
CA GLU A 42 -1.36 -1.90 2.40
C GLU A 42 -1.22 -3.37 2.76
N GLN A 43 -0.06 -3.75 3.27
CA GLN A 43 0.15 -5.12 3.70
C GLN A 43 -0.72 -5.41 4.89
N LEU A 44 -0.79 -4.45 5.79
CA LEU A 44 -1.50 -4.58 7.05
C LEU A 44 -2.97 -4.85 6.81
N LEU A 45 -3.50 -4.33 5.70
CA LEU A 45 -4.90 -4.54 5.39
C LEU A 45 -5.16 -6.00 5.09
N SER A 46 -4.23 -6.61 4.36
CA SER A 46 -4.32 -8.01 4.03
C SER A 46 -3.80 -8.90 5.16
N LYS A 47 -2.94 -8.33 6.01
CA LYS A 47 -2.22 -9.11 7.02
C LYS A 47 -2.72 -8.86 8.43
N CYS A 48 -3.72 -7.99 8.61
CA CYS A 48 -4.09 -7.57 9.96
C CYS A 48 -4.48 -8.80 10.81
N PRO A 49 -3.73 -9.09 11.89
CA PRO A 49 -4.00 -10.26 12.72
C PRO A 49 -4.78 -9.95 14.00
N TRP A 50 -5.18 -8.71 14.20
CA TRP A 50 -5.90 -8.35 15.41
C TRP A 50 -7.36 -8.01 15.08
N LYS A 51 -8.27 -8.61 15.85
CA LYS A 51 -9.71 -8.40 15.68
C LYS A 51 -10.34 -8.08 17.03
N GLU A 52 -11.38 -7.25 17.02
CA GLU A 52 -12.05 -6.89 18.26
C GLU A 52 -13.42 -7.57 18.36
N TYR A 53 -13.71 -8.12 19.52
CA TYR A 53 -15.02 -8.69 19.80
C TYR A 53 -15.48 -8.22 21.18
N LYS A 54 -16.78 -8.18 21.40
CA LYS A 54 -17.34 -7.61 22.63
C LYS A 54 -17.71 -8.69 23.64
N SER A 55 -17.37 -8.44 24.90
CA SER A 55 -17.77 -9.32 25.99
C SER A 55 -19.18 -8.91 26.46
N ASP A 56 -19.85 -9.69 27.30
CA ASP A 56 -21.26 -9.43 27.65
C ASP A 56 -21.45 -8.02 28.25
N SER A 57 -20.43 -7.52 28.93
CA SER A 57 -20.52 -6.24 29.61
C SER A 57 -20.16 -5.07 28.69
N GLY A 58 -20.00 -5.34 27.40
CA GLY A 58 -19.70 -4.29 26.45
C GLY A 58 -18.23 -3.93 26.42
N LYS A 59 -17.43 -4.70 27.13
CA LYS A 59 -15.99 -4.46 27.17
C LYS A 59 -15.30 -5.28 26.07
N PRO A 60 -14.58 -4.63 25.13
CA PRO A 60 -13.89 -5.33 24.05
C PRO A 60 -12.64 -6.08 24.51
N TYR A 61 -12.28 -7.12 23.77
CA TYR A 61 -11.00 -7.79 23.95
C TYR A 61 -10.43 -8.11 22.57
N TYR A 62 -9.11 -8.22 22.46
CA TYR A 62 -8.48 -8.25 21.17
C TYR A 62 -7.76 -9.59 20.96
N TYR A 63 -8.05 -10.27 19.85
CA TYR A 63 -7.51 -11.60 19.57
C TYR A 63 -6.62 -11.56 18.31
N ASN A 64 -5.43 -12.18 18.40
CA ASN A 64 -4.51 -12.27 17.26
C ASN A 64 -4.76 -13.58 16.52
N SER A 65 -5.22 -13.46 15.29
CA SER A 65 -5.61 -14.61 14.49
C SER A 65 -4.44 -15.51 14.14
N GLN A 66 -3.24 -14.97 14.14
CA GLN A 66 -2.06 -15.73 13.76
C GLN A 66 -1.48 -16.49 14.95
N THR A 67 -1.26 -15.78 16.03
CA THR A 67 -0.55 -16.33 17.18
C THR A 67 -1.49 -16.82 18.28
N LYS A 68 -2.80 -16.57 18.10
CA LYS A 68 -3.83 -16.98 19.06
C LYS A 68 -3.67 -16.27 20.42
N GLU A 69 -2.99 -15.14 20.41
CA GLU A 69 -2.77 -14.34 21.64
C GLU A 69 -3.94 -13.37 21.85
N SER A 70 -4.31 -13.17 23.11
CA SER A 70 -5.36 -12.21 23.44
C SER A 70 -4.86 -11.23 24.51
N ARG A 71 -5.37 -10.00 24.47
CA ARG A 71 -5.01 -8.96 25.43
C ARG A 71 -6.17 -7.98 25.61
N TRP A 72 -6.22 -7.32 26.77
CA TRP A 72 -7.26 -6.33 27.04
C TRP A 72 -6.80 -4.93 26.61
N ALA A 73 -5.54 -4.82 26.21
CA ALA A 73 -4.96 -3.55 25.81
C ALA A 73 -4.89 -3.47 24.29
N LYS A 74 -5.04 -2.26 23.76
CA LYS A 74 -5.06 -2.08 22.31
C LYS A 74 -3.64 -2.15 21.74
N PRO A 75 -3.36 -3.14 20.85
CA PRO A 75 -2.06 -3.21 20.18
C PRO A 75 -1.87 -2.08 19.15
N LYS A 76 -0.66 -1.54 19.12
CA LYS A 76 -0.30 -0.41 18.25
C LYS A 76 -0.56 -0.72 16.78
N GLU A 77 -0.41 -1.98 16.40
CA GLU A 77 -0.70 -2.42 15.04
C GLU A 77 -2.15 -2.12 14.67
N LEU A 78 -3.06 -2.32 15.61
CA LEU A 78 -4.48 -2.11 15.36
C LEU A 78 -4.82 -0.64 15.44
N GLU A 79 -4.00 0.10 16.16
CA GLU A 79 -4.17 1.54 16.28
C GLU A 79 -4.09 2.19 14.91
N ASP A 80 -3.25 1.64 14.07
CA ASP A 80 -3.14 2.09 12.68
C ASP A 80 -4.37 1.65 11.87
N LEU A 81 -4.98 0.54 12.27
CA LEU A 81 -6.20 0.06 11.64
C LEU A 81 -7.37 0.96 12.01
N GLU A 82 -7.39 1.37 13.26
CA GLU A 82 -8.46 2.21 13.78
C GLU A 82 -8.49 3.56 13.07
N GLY A 83 -7.32 4.03 12.67
CA GLY A 83 -7.22 5.23 11.88
C GLY A 83 -7.73 5.01 10.46
N TYR A 84 -7.52 3.79 9.97
CA TYR A 84 -7.90 3.41 8.62
C TYR A 84 -9.40 3.09 8.54
N GLN A 85 -9.98 2.62 9.64
CA GLN A 85 -11.41 2.34 9.68
C GLN A 85 -12.22 3.62 9.50
N ASN A 86 -11.66 4.72 9.99
CA ASN A 86 -12.27 6.03 9.81
C ASN A 86 -12.20 6.45 8.35
N THR A 87 -11.22 5.88 7.64
CA THR A 87 -11.02 6.17 6.23
C THR A 87 -12.10 5.47 5.39
N ILE A 88 -12.59 4.34 5.87
CA ILE A 88 -13.71 3.66 5.21
C ILE A 88 -14.97 4.50 5.32
N VAL A 89 -15.29 4.93 6.52
CA VAL A 89 -16.45 5.78 6.75
C VAL A 89 -16.06 7.24 6.50
N ALA A 90 -15.82 7.56 5.25
CA ALA A 90 -15.34 8.87 4.86
C ALA A 90 -16.42 9.69 4.20
N GLY A 91 -16.92 10.71 4.89
CA GLY A 91 -17.89 11.60 4.30
C GLY A 91 -17.22 12.81 3.69
N SER A 92 -16.13 13.24 4.32
CA SER A 92 -15.36 14.37 3.85
C SER A 92 -13.94 14.32 4.42
N LEU A 93 -13.13 13.45 3.86
CA LEU A 93 -11.73 13.35 4.27
C LEU A 93 -10.82 13.85 3.15
N ILE A 94 -10.18 14.98 3.39
CA ILE A 94 -9.28 15.58 2.43
C ILE A 94 -8.06 16.14 3.17
N THR A 95 -7.80 15.57 4.34
CA THR A 95 -6.77 16.08 5.23
C THR A 95 -7.06 17.53 5.60
N LYS A 96 -8.32 17.76 5.98
CA LYS A 96 -8.83 19.08 6.32
C LYS A 96 -8.99 19.98 5.09
N SER A 97 -7.96 20.07 4.28
CA SER A 97 -7.98 20.93 3.11
C SER A 97 -7.03 20.42 2.04
N ASN A 98 -5.74 20.49 2.31
CA ASN A 98 -4.71 20.05 1.38
C ASN A 98 -3.33 20.20 2.01
N LEU A 99 -3.16 21.27 2.78
CA LEU A 99 -1.88 21.59 3.43
C LEU A 99 -0.87 22.03 2.40
#